data_7AUR
# 
_entry.id   7AUR 
# 
_audit_conform.dict_name       mmcif_pdbx.dic 
_audit_conform.dict_version    5.384 
_audit_conform.dict_location   http://mmcif.pdb.org/dictionaries/ascii/mmcif_pdbx.dic 
# 
loop_
_database_2.database_id 
_database_2.database_code 
_database_2.pdbx_database_accession 
_database_2.pdbx_DOI 
PDB   7AUR         pdb_00007aur 10.2210/pdb7aur/pdb 
WWPDB D_1292111029 ?            ?                   
# 
loop_
_pdbx_audit_revision_history.ordinal 
_pdbx_audit_revision_history.data_content_type 
_pdbx_audit_revision_history.major_revision 
_pdbx_audit_revision_history.minor_revision 
_pdbx_audit_revision_history.revision_date 
1 'Structure model' 1 0 2021-05-19 
2 'Structure model' 1 1 2024-01-31 
# 
_pdbx_audit_revision_details.ordinal             1 
_pdbx_audit_revision_details.revision_ordinal    1 
_pdbx_audit_revision_details.data_content_type   'Structure model' 
_pdbx_audit_revision_details.provider            repository 
_pdbx_audit_revision_details.type                'Initial release' 
_pdbx_audit_revision_details.description         ? 
_pdbx_audit_revision_details.details             ? 
# 
loop_
_pdbx_audit_revision_group.ordinal 
_pdbx_audit_revision_group.revision_ordinal 
_pdbx_audit_revision_group.data_content_type 
_pdbx_audit_revision_group.group 
1 2 'Structure model' 'Data collection'        
2 2 'Structure model' 'Database references'    
3 2 'Structure model' 'Refinement description' 
# 
loop_
_pdbx_audit_revision_category.ordinal 
_pdbx_audit_revision_category.revision_ordinal 
_pdbx_audit_revision_category.data_content_type 
_pdbx_audit_revision_category.category 
1 2 'Structure model' chem_comp_atom                
2 2 'Structure model' chem_comp_bond                
3 2 'Structure model' database_2                    
4 2 'Structure model' pdbx_initial_refinement_model 
# 
loop_
_pdbx_audit_revision_item.ordinal 
_pdbx_audit_revision_item.revision_ordinal 
_pdbx_audit_revision_item.data_content_type 
_pdbx_audit_revision_item.item 
1 2 'Structure model' '_database_2.pdbx_DOI'                
2 2 'Structure model' '_database_2.pdbx_database_accession' 
# 
_pdbx_database_status.status_code                     REL 
_pdbx_database_status.status_code_sf                  REL 
_pdbx_database_status.status_code_mr                  ? 
_pdbx_database_status.entry_id                        7AUR 
_pdbx_database_status.recvd_initial_deposition_date   2020-11-03 
_pdbx_database_status.SG_entry                        N 
_pdbx_database_status.deposit_site                    PDBE 
_pdbx_database_status.process_site                    PDBE 
_pdbx_database_status.status_code_cs                  ? 
_pdbx_database_status.status_code_nmr_data            ? 
_pdbx_database_status.methods_development_category    ? 
_pdbx_database_status.pdb_format_compatible           Y 
# 
loop_
_pdbx_database_related.db_name 
_pdbx_database_related.details 
_pdbx_database_related.db_id 
_pdbx_database_related.content_type 
PDB . 7AUI unspecified 
PDB . 7AUJ unspecified 
PDB . 7AUK unspecified 
PDB . 7AUL unspecified 
PDB . 7AUM unspecified 
PDB . 7AUN unspecified 
PDB . 7AUO unspecified 
PDB . 7AUP unspecified 
PDB . 7AUQ unspecified 
# 
loop_
_audit_author.name 
_audit_author.pdbx_ordinal 
_audit_author.identifier_ORCID 
'Marquez-Monino, M.A.' 1 0000-0003-4177-9359 
'Gonzalez, B.'         2 0000-0002-0710-0202 
# 
_citation.abstract                  ? 
_citation.abstract_id_CAS           ? 
_citation.book_id_ISBN              ? 
_citation.book_publisher            ? 
_citation.book_publisher_city       ? 
_citation.book_title                ? 
_citation.coordinate_linkage        ? 
_citation.country                   US 
_citation.database_id_Medline       ? 
_citation.details                   ? 
_citation.id                        primary 
_citation.journal_abbrev            'Sci Adv' 
_citation.journal_id_ASTM           ? 
_citation.journal_id_CSD            ? 
_citation.journal_id_ISSN           2375-2548 
_citation.journal_full              ? 
_citation.journal_issue             ? 
_citation.journal_volume            7 
_citation.language                  ? 
_citation.page_first                ? 
_citation.page_last                 ? 
_citation.title                     
;Multiple substrate recognition by yeast diadenosine and diphosphoinositol polyphosphate phosphohydrolase through phosphate clamping.
;
_citation.year                      2021 
_citation.database_id_CSD           ? 
_citation.pdbx_database_id_DOI      10.1126/sciadv.abf6744 
_citation.pdbx_database_id_PubMed   33893105 
_citation.unpublished_flag          ? 
# 
loop_
_citation_author.citation_id 
_citation_author.name 
_citation_author.ordinal 
_citation_author.identifier_ORCID 
primary 'Marquez-Monino, M.A.'  1 0000-0003-4177-9359 
primary 'Ortega-Garcia, R.'     2 ?                   
primary 'Shipton, M.L.'         3 0000-0002-9982-0927 
primary 'Franco-Echevarria, E.' 4 0000-0001-7306-6594 
primary 'Riley, A.M.'           5 0000-0001-9003-3540 
primary 'Sanz-Aparicio, J.'     6 ?                   
primary 'Potter, B.V.L.'        7 0000-0003-3255-9135 
primary 'Gonzalez, B.'          8 0000-0002-0710-0202 
# 
loop_
_entity.id 
_entity.type 
_entity.src_method 
_entity.pdbx_description 
_entity.formula_weight 
_entity.pdbx_number_of_molecules 
_entity.pdbx_ec 
_entity.pdbx_mutation 
_entity.pdbx_fragment 
_entity.details 
1 polymer     man 'Diphosphoinositol polyphosphate phosphohydrolase DDP1' 21812.713 1   3.6.1.52,3.6.1.60 ? ? 
'GGS is a rest of purification linker, protein starts in MGK.' 
2 non-polymer syn 'PHOSPHOAMINOPHOSPHONIC ACID-ADENYLATE ESTER'           506.196   3   ?                 ? ? ? 
3 non-polymer syn 'MAGNESIUM ION'                                         24.305    2   ?                 ? ? ? 
4 non-polymer syn 'CHLORIDE ION'                                          35.453    1   ?                 ? ? ? 
5 water       nat water                                                   18.015    112 ?                 ? ? ? 
# 
_entity_name_com.entity_id   1 
_entity_name_com.name        
;Diadenosine 5',5'''-P1,P6-hexaphosphate hydrolase,Ap6A hydrolase,Diadenosine and diphosphoinositol polyphosphate phosphohydrolase 1,Diadenosine hexaphosphate hydrolase (AMP-forming)
;
# 
_entity_poly.entity_id                      1 
_entity_poly.type                           'polypeptide(L)' 
_entity_poly.nstd_linkage                   no 
_entity_poly.nstd_monomer                   no 
_entity_poly.pdbx_seq_one_letter_code       
;GGSMGKTADNHGPVRSETAREGRENQVYSPVTGARLVAGCICLTPDKKQVLMITSSAHKKRWIVPKGGVEKDEPNYETTA
QRETWEEAGCIGKIVANLGTVEDMRPPKDWNKDIKQFENSRKDSEVAKHPPRTEFHFYELEIENLLDKFPECHKRHRKLY
SYTEAKQNLIDAKRPELLEALNRSAIIKDDK
;
_entity_poly.pdbx_seq_one_letter_code_can   
;GGSMGKTADNHGPVRSETAREGRENQVYSPVTGARLVAGCICLTPDKKQVLMITSSAHKKRWIVPKGGVEKDEPNYETTA
QRETWEEAGCIGKIVANLGTVEDMRPPKDWNKDIKQFENSRKDSEVAKHPPRTEFHFYELEIENLLDKFPECHKRHRKLY
SYTEAKQNLIDAKRPELLEALNRSAIIKDDK
;
_entity_poly.pdbx_strand_id                 A 
_entity_poly.pdbx_target_identifier         ? 
# 
loop_
_pdbx_entity_nonpoly.entity_id 
_pdbx_entity_nonpoly.name 
_pdbx_entity_nonpoly.comp_id 
2 'PHOSPHOAMINOPHOSPHONIC ACID-ADENYLATE ESTER' ANP 
3 'MAGNESIUM ION'                               MG  
4 'CHLORIDE ION'                                CL  
5 water                                         HOH 
# 
loop_
_entity_poly_seq.entity_id 
_entity_poly_seq.num 
_entity_poly_seq.mon_id 
_entity_poly_seq.hetero 
1 1   GLY n 
1 2   GLY n 
1 3   SER n 
1 4   MET n 
1 5   GLY n 
1 6   LYS n 
1 7   THR n 
1 8   ALA n 
1 9   ASP n 
1 10  ASN n 
1 11  HIS n 
1 12  GLY n 
1 13  PRO n 
1 14  VAL n 
1 15  ARG n 
1 16  SER n 
1 17  GLU n 
1 18  THR n 
1 19  ALA n 
1 20  ARG n 
1 21  GLU n 
1 22  GLY n 
1 23  ARG n 
1 24  GLU n 
1 25  ASN n 
1 26  GLN n 
1 27  VAL n 
1 28  TYR n 
1 29  SER n 
1 30  PRO n 
1 31  VAL n 
1 32  THR n 
1 33  GLY n 
1 34  ALA n 
1 35  ARG n 
1 36  LEU n 
1 37  VAL n 
1 38  ALA n 
1 39  GLY n 
1 40  CYS n 
1 41  ILE n 
1 42  CYS n 
1 43  LEU n 
1 44  THR n 
1 45  PRO n 
1 46  ASP n 
1 47  LYS n 
1 48  LYS n 
1 49  GLN n 
1 50  VAL n 
1 51  LEU n 
1 52  MET n 
1 53  ILE n 
1 54  THR n 
1 55  SER n 
1 56  SER n 
1 57  ALA n 
1 58  HIS n 
1 59  LYS n 
1 60  LYS n 
1 61  ARG n 
1 62  TRP n 
1 63  ILE n 
1 64  VAL n 
1 65  PRO n 
1 66  LYS n 
1 67  GLY n 
1 68  GLY n 
1 69  VAL n 
1 70  GLU n 
1 71  LYS n 
1 72  ASP n 
1 73  GLU n 
1 74  PRO n 
1 75  ASN n 
1 76  TYR n 
1 77  GLU n 
1 78  THR n 
1 79  THR n 
1 80  ALA n 
1 81  GLN n 
1 82  ARG n 
1 83  GLU n 
1 84  THR n 
1 85  TRP n 
1 86  GLU n 
1 87  GLU n 
1 88  ALA n 
1 89  GLY n 
1 90  CYS n 
1 91  ILE n 
1 92  GLY n 
1 93  LYS n 
1 94  ILE n 
1 95  VAL n 
1 96  ALA n 
1 97  ASN n 
1 98  LEU n 
1 99  GLY n 
1 100 THR n 
1 101 VAL n 
1 102 GLU n 
1 103 ASP n 
1 104 MET n 
1 105 ARG n 
1 106 PRO n 
1 107 PRO n 
1 108 LYS n 
1 109 ASP n 
1 110 TRP n 
1 111 ASN n 
1 112 LYS n 
1 113 ASP n 
1 114 ILE n 
1 115 LYS n 
1 116 GLN n 
1 117 PHE n 
1 118 GLU n 
1 119 ASN n 
1 120 SER n 
1 121 ARG n 
1 122 LYS n 
1 123 ASP n 
1 124 SER n 
1 125 GLU n 
1 126 VAL n 
1 127 ALA n 
1 128 LYS n 
1 129 HIS n 
1 130 PRO n 
1 131 PRO n 
1 132 ARG n 
1 133 THR n 
1 134 GLU n 
1 135 PHE n 
1 136 HIS n 
1 137 PHE n 
1 138 TYR n 
1 139 GLU n 
1 140 LEU n 
1 141 GLU n 
1 142 ILE n 
1 143 GLU n 
1 144 ASN n 
1 145 LEU n 
1 146 LEU n 
1 147 ASP n 
1 148 LYS n 
1 149 PHE n 
1 150 PRO n 
1 151 GLU n 
1 152 CYS n 
1 153 HIS n 
1 154 LYS n 
1 155 ARG n 
1 156 HIS n 
1 157 ARG n 
1 158 LYS n 
1 159 LEU n 
1 160 TYR n 
1 161 SER n 
1 162 TYR n 
1 163 THR n 
1 164 GLU n 
1 165 ALA n 
1 166 LYS n 
1 167 GLN n 
1 168 ASN n 
1 169 LEU n 
1 170 ILE n 
1 171 ASP n 
1 172 ALA n 
1 173 LYS n 
1 174 ARG n 
1 175 PRO n 
1 176 GLU n 
1 177 LEU n 
1 178 LEU n 
1 179 GLU n 
1 180 ALA n 
1 181 LEU n 
1 182 ASN n 
1 183 ARG n 
1 184 SER n 
1 185 ALA n 
1 186 ILE n 
1 187 ILE n 
1 188 LYS n 
1 189 ASP n 
1 190 ASP n 
1 191 LYS n 
# 
_entity_src_gen.entity_id                          1 
_entity_src_gen.pdbx_src_id                        1 
_entity_src_gen.pdbx_alt_source_flag               sample 
_entity_src_gen.pdbx_seq_type                      'Biological sequence' 
_entity_src_gen.pdbx_beg_seq_num                   1 
_entity_src_gen.pdbx_end_seq_num                   191 
_entity_src_gen.gene_src_common_name               
;Baker's yeast
;
_entity_src_gen.gene_src_genus                     ? 
_entity_src_gen.pdbx_gene_src_gene                 'DDP1, YOR163W, O3575' 
_entity_src_gen.gene_src_species                   ? 
_entity_src_gen.gene_src_strain                    'ATCC 204508 / S288c' 
_entity_src_gen.gene_src_tissue                    ? 
_entity_src_gen.gene_src_tissue_fraction           ? 
_entity_src_gen.gene_src_details                   ? 
_entity_src_gen.pdbx_gene_src_fragment             ? 
_entity_src_gen.pdbx_gene_src_scientific_name      'Saccharomyces cerevisiae (strain ATCC 204508 / S288c)' 
_entity_src_gen.pdbx_gene_src_ncbi_taxonomy_id     559292 
_entity_src_gen.pdbx_gene_src_variant              ? 
_entity_src_gen.pdbx_gene_src_cell_line            ? 
_entity_src_gen.pdbx_gene_src_atcc                 ? 
_entity_src_gen.pdbx_gene_src_organ                ? 
_entity_src_gen.pdbx_gene_src_organelle            ? 
_entity_src_gen.pdbx_gene_src_cell                 ? 
_entity_src_gen.pdbx_gene_src_cellular_location    ? 
_entity_src_gen.host_org_common_name               ? 
_entity_src_gen.pdbx_host_org_scientific_name      'Escherichia coli' 
_entity_src_gen.pdbx_host_org_ncbi_taxonomy_id     562 
_entity_src_gen.host_org_genus                     ? 
_entity_src_gen.pdbx_host_org_gene                 ? 
_entity_src_gen.pdbx_host_org_organ                ? 
_entity_src_gen.host_org_species                   ? 
_entity_src_gen.pdbx_host_org_tissue               ? 
_entity_src_gen.pdbx_host_org_tissue_fraction      ? 
_entity_src_gen.pdbx_host_org_strain               'Rossetta2(DE3)' 
_entity_src_gen.pdbx_host_org_variant              ? 
_entity_src_gen.pdbx_host_org_cell_line            ? 
_entity_src_gen.pdbx_host_org_atcc                 ? 
_entity_src_gen.pdbx_host_org_culture_collection   ? 
_entity_src_gen.pdbx_host_org_cell                 ? 
_entity_src_gen.pdbx_host_org_organelle            ? 
_entity_src_gen.pdbx_host_org_cellular_location    ? 
_entity_src_gen.pdbx_host_org_vector_type          'pET28a(+)' 
_entity_src_gen.pdbx_host_org_vector               ? 
_entity_src_gen.host_org_details                   ? 
_entity_src_gen.expression_system_id               ? 
_entity_src_gen.plasmid_name                       pKLSLt 
_entity_src_gen.plasmid_details                    ? 
_entity_src_gen.pdbx_description                   ? 
# 
loop_
_chem_comp.id 
_chem_comp.type 
_chem_comp.mon_nstd_flag 
_chem_comp.name 
_chem_comp.pdbx_synonyms 
_chem_comp.formula 
_chem_comp.formula_weight 
ALA 'L-peptide linking' y ALANINE                                       ? 'C3 H7 N O2'        89.093  
ANP non-polymer         . 'PHOSPHOAMINOPHOSPHONIC ACID-ADENYLATE ESTER' ? 'C10 H17 N6 O12 P3' 506.196 
ARG 'L-peptide linking' y ARGININE                                      ? 'C6 H15 N4 O2 1'    175.209 
ASN 'L-peptide linking' y ASPARAGINE                                    ? 'C4 H8 N2 O3'       132.118 
ASP 'L-peptide linking' y 'ASPARTIC ACID'                               ? 'C4 H7 N O4'        133.103 
CL  non-polymer         . 'CHLORIDE ION'                                ? 'Cl -1'             35.453  
CYS 'L-peptide linking' y CYSTEINE                                      ? 'C3 H7 N O2 S'      121.158 
GLN 'L-peptide linking' y GLUTAMINE                                     ? 'C5 H10 N2 O3'      146.144 
GLU 'L-peptide linking' y 'GLUTAMIC ACID'                               ? 'C5 H9 N O4'        147.129 
GLY 'peptide linking'   y GLYCINE                                       ? 'C2 H5 N O2'        75.067  
HIS 'L-peptide linking' y HISTIDINE                                     ? 'C6 H10 N3 O2 1'    156.162 
HOH non-polymer         . WATER                                         ? 'H2 O'              18.015  
ILE 'L-peptide linking' y ISOLEUCINE                                    ? 'C6 H13 N O2'       131.173 
LEU 'L-peptide linking' y LEUCINE                                       ? 'C6 H13 N O2'       131.173 
LYS 'L-peptide linking' y LYSINE                                        ? 'C6 H15 N2 O2 1'    147.195 
MET 'L-peptide linking' y METHIONINE                                    ? 'C5 H11 N O2 S'     149.211 
MG  non-polymer         . 'MAGNESIUM ION'                               ? 'Mg 2'              24.305  
PHE 'L-peptide linking' y PHENYLALANINE                                 ? 'C9 H11 N O2'       165.189 
PRO 'L-peptide linking' y PROLINE                                       ? 'C5 H9 N O2'        115.130 
SER 'L-peptide linking' y SERINE                                        ? 'C3 H7 N O3'        105.093 
THR 'L-peptide linking' y THREONINE                                     ? 'C4 H9 N O3'        119.119 
TRP 'L-peptide linking' y TRYPTOPHAN                                    ? 'C11 H12 N2 O2'     204.225 
TYR 'L-peptide linking' y TYROSINE                                      ? 'C9 H11 N O3'       181.189 
VAL 'L-peptide linking' y VALINE                                        ? 'C5 H11 N O2'       117.146 
# 
loop_
_pdbx_poly_seq_scheme.asym_id 
_pdbx_poly_seq_scheme.entity_id 
_pdbx_poly_seq_scheme.seq_id 
_pdbx_poly_seq_scheme.mon_id 
_pdbx_poly_seq_scheme.ndb_seq_num 
_pdbx_poly_seq_scheme.pdb_seq_num 
_pdbx_poly_seq_scheme.auth_seq_num 
_pdbx_poly_seq_scheme.pdb_mon_id 
_pdbx_poly_seq_scheme.auth_mon_id 
_pdbx_poly_seq_scheme.pdb_strand_id 
_pdbx_poly_seq_scheme.pdb_ins_code 
_pdbx_poly_seq_scheme.hetero 
A 1 1   GLY 1   -2  ?   ?   ?   A . n 
A 1 2   GLY 2   -1  ?   ?   ?   A . n 
A 1 3   SER 3   0   ?   ?   ?   A . n 
A 1 4   MET 4   1   ?   ?   ?   A . n 
A 1 5   GLY 5   2   ?   ?   ?   A . n 
A 1 6   LYS 6   3   ?   ?   ?   A . n 
A 1 7   THR 7   4   ?   ?   ?   A . n 
A 1 8   ALA 8   5   ?   ?   ?   A . n 
A 1 9   ASP 9   6   ?   ?   ?   A . n 
A 1 10  ASN 10  7   ?   ?   ?   A . n 
A 1 11  HIS 11  8   ?   ?   ?   A . n 
A 1 12  GLY 12  9   ?   ?   ?   A . n 
A 1 13  PRO 13  10  ?   ?   ?   A . n 
A 1 14  VAL 14  11  ?   ?   ?   A . n 
A 1 15  ARG 15  12  ?   ?   ?   A . n 
A 1 16  SER 16  13  ?   ?   ?   A . n 
A 1 17  GLU 17  14  ?   ?   ?   A . n 
A 1 18  THR 18  15  ?   ?   ?   A . n 
A 1 19  ALA 19  16  ?   ?   ?   A . n 
A 1 20  ARG 20  17  ?   ?   ?   A . n 
A 1 21  GLU 21  18  ?   ?   ?   A . n 
A 1 22  GLY 22  19  ?   ?   ?   A . n 
A 1 23  ARG 23  20  ?   ?   ?   A . n 
A 1 24  GLU 24  21  21  GLU GLU A . n 
A 1 25  ASN 25  22  22  ASN ASN A . n 
A 1 26  GLN 26  23  23  GLN GLN A . n 
A 1 27  VAL 27  24  24  VAL VAL A . n 
A 1 28  TYR 28  25  25  TYR TYR A . n 
A 1 29  SER 29  26  26  SER SER A . n 
A 1 30  PRO 30  27  27  PRO PRO A . n 
A 1 31  VAL 31  28  28  VAL VAL A . n 
A 1 32  THR 32  29  29  THR THR A . n 
A 1 33  GLY 33  30  30  GLY GLY A . n 
A 1 34  ALA 34  31  31  ALA ALA A . n 
A 1 35  ARG 35  32  32  ARG ARG A . n 
A 1 36  LEU 36  33  33  LEU LEU A . n 
A 1 37  VAL 37  34  34  VAL VAL A . n 
A 1 38  ALA 38  35  35  ALA ALA A . n 
A 1 39  GLY 39  36  36  GLY GLY A . n 
A 1 40  CYS 40  37  37  CYS CYS A . n 
A 1 41  ILE 41  38  38  ILE ILE A . n 
A 1 42  CYS 42  39  39  CYS CYS A . n 
A 1 43  LEU 43  40  40  LEU LEU A . n 
A 1 44  THR 44  41  41  THR THR A . n 
A 1 45  PRO 45  42  42  PRO PRO A . n 
A 1 46  ASP 46  43  43  ASP ASP A . n 
A 1 47  LYS 47  44  44  LYS LYS A . n 
A 1 48  LYS 48  45  45  LYS LYS A . n 
A 1 49  GLN 49  46  46  GLN GLN A . n 
A 1 50  VAL 50  47  47  VAL VAL A . n 
A 1 51  LEU 51  48  48  LEU LEU A . n 
A 1 52  MET 52  49  49  MET MET A . n 
A 1 53  ILE 53  50  50  ILE ILE A . n 
A 1 54  THR 54  51  51  THR THR A . n 
A 1 55  SER 55  52  52  SER SER A . n 
A 1 56  SER 56  53  53  SER SER A . n 
A 1 57  ALA 57  54  54  ALA ALA A . n 
A 1 58  HIS 58  55  55  HIS HIS A . n 
A 1 59  LYS 59  56  56  LYS LYS A . n 
A 1 60  LYS 60  57  57  LYS LYS A . n 
A 1 61  ARG 61  58  58  ARG ARG A . n 
A 1 62  TRP 62  59  59  TRP TRP A . n 
A 1 63  ILE 63  60  60  ILE ILE A . n 
A 1 64  VAL 64  61  61  VAL VAL A . n 
A 1 65  PRO 65  62  62  PRO PRO A . n 
A 1 66  LYS 66  63  63  LYS LYS A . n 
A 1 67  GLY 67  64  64  GLY GLY A . n 
A 1 68  GLY 68  65  65  GLY GLY A . n 
A 1 69  VAL 69  66  66  VAL VAL A . n 
A 1 70  GLU 70  67  67  GLU GLU A . n 
A 1 71  LYS 71  68  68  LYS LYS A . n 
A 1 72  ASP 72  69  69  ASP ASP A . n 
A 1 73  GLU 73  70  70  GLU GLU A . n 
A 1 74  PRO 74  71  71  PRO PRO A . n 
A 1 75  ASN 75  72  72  ASN ASN A . n 
A 1 76  TYR 76  73  73  TYR TYR A . n 
A 1 77  GLU 77  74  74  GLU GLU A . n 
A 1 78  THR 78  75  75  THR THR A . n 
A 1 79  THR 79  76  76  THR THR A . n 
A 1 80  ALA 80  77  77  ALA ALA A . n 
A 1 81  GLN 81  78  78  GLN GLN A . n 
A 1 82  ARG 82  79  79  ARG ARG A . n 
A 1 83  GLU 83  80  80  GLU GLU A . n 
A 1 84  THR 84  81  81  THR THR A . n 
A 1 85  TRP 85  82  82  TRP TRP A . n 
A 1 86  GLU 86  83  83  GLU GLU A . n 
A 1 87  GLU 87  84  84  GLU GLU A . n 
A 1 88  ALA 88  85  85  ALA ALA A . n 
A 1 89  GLY 89  86  86  GLY GLY A . n 
A 1 90  CYS 90  87  87  CYS CYS A . n 
A 1 91  ILE 91  88  88  ILE ILE A . n 
A 1 92  GLY 92  89  89  GLY GLY A . n 
A 1 93  LYS 93  90  90  LYS LYS A . n 
A 1 94  ILE 94  91  91  ILE ILE A . n 
A 1 95  VAL 95  92  92  VAL VAL A . n 
A 1 96  ALA 96  93  93  ALA ALA A . n 
A 1 97  ASN 97  94  94  ASN ASN A . n 
A 1 98  LEU 98  95  95  LEU LEU A . n 
A 1 99  GLY 99  96  96  GLY GLY A . n 
A 1 100 THR 100 97  97  THR THR A . n 
A 1 101 VAL 101 98  98  VAL VAL A . n 
A 1 102 GLU 102 99  99  GLU GLU A . n 
A 1 103 ASP 103 100 100 ASP ASP A . n 
A 1 104 MET 104 101 101 MET MET A . n 
A 1 105 ARG 105 102 102 ARG ARG A . n 
A 1 106 PRO 106 103 103 PRO PRO A . n 
A 1 107 PRO 107 104 104 PRO PRO A . n 
A 1 108 LYS 108 105 ?   ?   ?   A . n 
A 1 109 ASP 109 106 ?   ?   ?   A . n 
A 1 110 TRP 110 107 ?   ?   ?   A . n 
A 1 111 ASN 111 108 ?   ?   ?   A . n 
A 1 112 LYS 112 109 ?   ?   ?   A . n 
A 1 113 ASP 113 110 ?   ?   ?   A . n 
A 1 114 ILE 114 111 ?   ?   ?   A . n 
A 1 115 LYS 115 112 ?   ?   ?   A . n 
A 1 116 GLN 116 113 ?   ?   ?   A . n 
A 1 117 PHE 117 114 ?   ?   ?   A . n 
A 1 118 GLU 118 115 ?   ?   ?   A . n 
A 1 119 ASN 119 116 ?   ?   ?   A . n 
A 1 120 SER 120 117 ?   ?   ?   A . n 
A 1 121 ARG 121 118 ?   ?   ?   A . n 
A 1 122 LYS 122 119 ?   ?   ?   A . n 
A 1 123 ASP 123 120 ?   ?   ?   A . n 
A 1 124 SER 124 121 ?   ?   ?   A . n 
A 1 125 GLU 125 122 ?   ?   ?   A . n 
A 1 126 VAL 126 123 ?   ?   ?   A . n 
A 1 127 ALA 127 124 ?   ?   ?   A . n 
A 1 128 LYS 128 125 ?   ?   ?   A . n 
A 1 129 HIS 129 126 ?   ?   ?   A . n 
A 1 130 PRO 130 127 127 PRO PRO A . n 
A 1 131 PRO 131 128 128 PRO PRO A . n 
A 1 132 ARG 132 129 129 ARG ARG A . n 
A 1 133 THR 133 130 130 THR THR A . n 
A 1 134 GLU 134 131 131 GLU GLU A . n 
A 1 135 PHE 135 132 132 PHE PHE A . n 
A 1 136 HIS 136 133 133 HIS HIS A . n 
A 1 137 PHE 137 134 134 PHE PHE A . n 
A 1 138 TYR 138 135 135 TYR TYR A . n 
A 1 139 GLU 139 136 136 GLU GLU A . n 
A 1 140 LEU 140 137 137 LEU LEU A . n 
A 1 141 GLU 141 138 138 GLU GLU A . n 
A 1 142 ILE 142 139 139 ILE ILE A . n 
A 1 143 GLU 143 140 140 GLU GLU A . n 
A 1 144 ASN 144 141 141 ASN ASN A . n 
A 1 145 LEU 145 142 142 LEU LEU A . n 
A 1 146 LEU 146 143 143 LEU LEU A . n 
A 1 147 ASP 147 144 144 ASP ASP A . n 
A 1 148 LYS 148 145 145 LYS LYS A . n 
A 1 149 PHE 149 146 146 PHE PHE A . n 
A 1 150 PRO 150 147 147 PRO PRO A . n 
A 1 151 GLU 151 148 148 GLU GLU A . n 
A 1 152 CYS 152 149 149 CYS CYS A . n 
A 1 153 HIS 153 150 150 HIS HIS A . n 
A 1 154 LYS 154 151 151 LYS LYS A . n 
A 1 155 ARG 155 152 152 ARG ARG A . n 
A 1 156 HIS 156 153 153 HIS HIS A . n 
A 1 157 ARG 157 154 154 ARG ARG A . n 
A 1 158 LYS 158 155 155 LYS LYS A . n 
A 1 159 LEU 159 156 156 LEU LEU A . n 
A 1 160 TYR 160 157 157 TYR TYR A . n 
A 1 161 SER 161 158 158 SER SER A . n 
A 1 162 TYR 162 159 159 TYR TYR A . n 
A 1 163 THR 163 160 160 THR THR A . n 
A 1 164 GLU 164 161 161 GLU GLU A . n 
A 1 165 ALA 165 162 162 ALA ALA A . n 
A 1 166 LYS 166 163 163 LYS LYS A . n 
A 1 167 GLN 167 164 164 GLN GLN A . n 
A 1 168 ASN 168 165 165 ASN ASN A . n 
A 1 169 LEU 169 166 166 LEU LEU A . n 
A 1 170 ILE 170 167 167 ILE ILE A . n 
A 1 171 ASP 171 168 168 ASP ASP A . n 
A 1 172 ALA 172 169 169 ALA ALA A . n 
A 1 173 LYS 173 170 170 LYS LYS A . n 
A 1 174 ARG 174 171 171 ARG ARG A . n 
A 1 175 PRO 175 172 172 PRO PRO A . n 
A 1 176 GLU 176 173 173 GLU GLU A . n 
A 1 177 LEU 177 174 174 LEU LEU A . n 
A 1 178 LEU 178 175 175 LEU LEU A . n 
A 1 179 GLU 179 176 176 GLU GLU A . n 
A 1 180 ALA 180 177 177 ALA ALA A . n 
A 1 181 LEU 181 178 178 LEU LEU A . n 
A 1 182 ASN 182 179 179 ASN ASN A . n 
A 1 183 ARG 183 180 180 ARG ARG A . n 
A 1 184 SER 184 181 181 SER SER A . n 
A 1 185 ALA 185 182 182 ALA ALA A . n 
A 1 186 ILE 186 183 183 ILE ILE A . n 
A 1 187 ILE 187 184 184 ILE ILE A . n 
A 1 188 LYS 188 185 185 LYS LYS A . n 
A 1 189 ASP 189 186 186 ASP ASP A . n 
A 1 190 ASP 190 187 ?   ?   ?   A . n 
A 1 191 LYS 191 188 ?   ?   ?   A . n 
# 
loop_
_pdbx_nonpoly_scheme.asym_id 
_pdbx_nonpoly_scheme.entity_id 
_pdbx_nonpoly_scheme.mon_id 
_pdbx_nonpoly_scheme.ndb_seq_num 
_pdbx_nonpoly_scheme.pdb_seq_num 
_pdbx_nonpoly_scheme.auth_seq_num 
_pdbx_nonpoly_scheme.pdb_mon_id 
_pdbx_nonpoly_scheme.auth_mon_id 
_pdbx_nonpoly_scheme.pdb_strand_id 
_pdbx_nonpoly_scheme.pdb_ins_code 
B 2 ANP 1   201 201 ANP ANP A . 
C 2 ANP 1   202 301 ANP ANP A . 
D 2 ANP 1   203 401 ANP ANP A . 
E 3 MG  1   204 1   MG  MG  A . 
F 3 MG  1   205 2   MG  MG  A . 
G 4 CL  1   206 1   CL  CL  A . 
H 5 HOH 1   301 124 HOH HOH A . 
H 5 HOH 2   302 29  HOH HOH A . 
H 5 HOH 3   303 162 HOH HOH A . 
H 5 HOH 4   304 115 HOH HOH A . 
H 5 HOH 5   305 82  HOH HOH A . 
H 5 HOH 6   306 85  HOH HOH A . 
H 5 HOH 7   307 55  HOH HOH A . 
H 5 HOH 8   308 119 HOH HOH A . 
H 5 HOH 9   309 153 HOH HOH A . 
H 5 HOH 10  310 158 HOH HOH A . 
H 5 HOH 11  311 50  HOH HOH A . 
H 5 HOH 12  312 146 HOH HOH A . 
H 5 HOH 13  313 163 HOH HOH A . 
H 5 HOH 14  314 77  HOH HOH A . 
H 5 HOH 15  315 144 HOH HOH A . 
H 5 HOH 16  316 48  HOH HOH A . 
H 5 HOH 17  317 92  HOH HOH A . 
H 5 HOH 18  318 11  HOH HOH A . 
H 5 HOH 19  319 123 HOH HOH A . 
H 5 HOH 20  320 62  HOH HOH A . 
H 5 HOH 21  321 161 HOH HOH A . 
H 5 HOH 22  322 147 HOH HOH A . 
H 5 HOH 23  323 154 HOH HOH A . 
H 5 HOH 24  324 120 HOH HOH A . 
H 5 HOH 25  325 36  HOH HOH A . 
H 5 HOH 26  326 19  HOH HOH A . 
H 5 HOH 27  327 31  HOH HOH A . 
H 5 HOH 28  328 42  HOH HOH A . 
H 5 HOH 29  329 113 HOH HOH A . 
H 5 HOH 30  330 81  HOH HOH A . 
H 5 HOH 31  331 20  HOH HOH A . 
H 5 HOH 32  332 65  HOH HOH A . 
H 5 HOH 33  333 24  HOH HOH A . 
H 5 HOH 34  334 23  HOH HOH A . 
H 5 HOH 35  335 7   HOH HOH A . 
H 5 HOH 36  336 69  HOH HOH A . 
H 5 HOH 37  337 27  HOH HOH A . 
H 5 HOH 38  338 32  HOH HOH A . 
H 5 HOH 39  339 5   HOH HOH A . 
H 5 HOH 40  340 94  HOH HOH A . 
H 5 HOH 41  341 83  HOH HOH A . 
H 5 HOH 42  342 10  HOH HOH A . 
H 5 HOH 43  343 159 HOH HOH A . 
H 5 HOH 44  344 125 HOH HOH A . 
H 5 HOH 45  345 22  HOH HOH A . 
H 5 HOH 46  346 6   HOH HOH A . 
H 5 HOH 47  347 100 HOH HOH A . 
H 5 HOH 48  348 152 HOH HOH A . 
H 5 HOH 49  349 3   HOH HOH A . 
H 5 HOH 50  350 54  HOH HOH A . 
H 5 HOH 51  351 15  HOH HOH A . 
H 5 HOH 52  352 151 HOH HOH A . 
H 5 HOH 53  353 4   HOH HOH A . 
H 5 HOH 54  354 66  HOH HOH A . 
H 5 HOH 55  355 21  HOH HOH A . 
H 5 HOH 56  356 95  HOH HOH A . 
H 5 HOH 57  357 63  HOH HOH A . 
H 5 HOH 58  358 68  HOH HOH A . 
H 5 HOH 59  359 80  HOH HOH A . 
H 5 HOH 60  360 17  HOH HOH A . 
H 5 HOH 61  361 25  HOH HOH A . 
H 5 HOH 62  362 67  HOH HOH A . 
H 5 HOH 63  363 35  HOH HOH A . 
H 5 HOH 64  364 16  HOH HOH A . 
H 5 HOH 65  365 70  HOH HOH A . 
H 5 HOH 66  366 104 HOH HOH A . 
H 5 HOH 67  367 18  HOH HOH A . 
H 5 HOH 68  368 136 HOH HOH A . 
H 5 HOH 69  369 12  HOH HOH A . 
H 5 HOH 70  370 129 HOH HOH A . 
H 5 HOH 71  371 135 HOH HOH A . 
H 5 HOH 72  372 155 HOH HOH A . 
H 5 HOH 73  373 53  HOH HOH A . 
H 5 HOH 74  374 44  HOH HOH A . 
H 5 HOH 75  375 13  HOH HOH A . 
H 5 HOH 76  376 28  HOH HOH A . 
H 5 HOH 77  377 78  HOH HOH A . 
H 5 HOH 78  378 26  HOH HOH A . 
H 5 HOH 79  379 59  HOH HOH A . 
H 5 HOH 80  380 102 HOH HOH A . 
H 5 HOH 81  381 91  HOH HOH A . 
H 5 HOH 82  382 143 HOH HOH A . 
H 5 HOH 83  383 116 HOH HOH A . 
H 5 HOH 84  384 14  HOH HOH A . 
H 5 HOH 85  385 47  HOH HOH A . 
H 5 HOH 86  386 34  HOH HOH A . 
H 5 HOH 87  387 71  HOH HOH A . 
H 5 HOH 88  388 56  HOH HOH A . 
H 5 HOH 89  389 9   HOH HOH A . 
H 5 HOH 90  390 140 HOH HOH A . 
H 5 HOH 91  391 133 HOH HOH A . 
H 5 HOH 92  392 137 HOH HOH A . 
H 5 HOH 93  393 160 HOH HOH A . 
H 5 HOH 94  394 121 HOH HOH A . 
H 5 HOH 95  395 134 HOH HOH A . 
H 5 HOH 96  396 97  HOH HOH A . 
H 5 HOH 97  397 38  HOH HOH A . 
H 5 HOH 98  398 96  HOH HOH A . 
H 5 HOH 99  399 138 HOH HOH A . 
H 5 HOH 100 400 130 HOH HOH A . 
H 5 HOH 101 401 131 HOH HOH A . 
H 5 HOH 102 402 142 HOH HOH A . 
H 5 HOH 103 403 156 HOH HOH A . 
H 5 HOH 104 404 74  HOH HOH A . 
H 5 HOH 105 405 164 HOH HOH A . 
H 5 HOH 106 406 132 HOH HOH A . 
H 5 HOH 107 407 157 HOH HOH A . 
H 5 HOH 108 408 127 HOH HOH A . 
H 5 HOH 109 409 107 HOH HOH A . 
H 5 HOH 110 410 141 HOH HOH A . 
H 5 HOH 111 411 103 HOH HOH A . 
H 5 HOH 112 412 109 HOH HOH A . 
# 
loop_
_software.citation_id 
_software.classification 
_software.compiler_name 
_software.compiler_version 
_software.contact_author 
_software.contact_author_email 
_software.date 
_software.description 
_software.dependencies 
_software.hardware 
_software.language 
_software.location 
_software.mods 
_software.name 
_software.os 
_software.os_version 
_software.type 
_software.version 
_software.pdbx_ordinal 
? refinement        ? ? ? ? ? ? ? ? ? ? ? REFMAC      ? ? ? 5.8.0258 1 
? 'data extraction' ? ? ? ? ? ? ? ? ? ? ? PDB_EXTRACT ? ? ? 3.25     2 
? 'data reduction'  ? ? ? ? ? ? ? ? ? ? ? XDS         ? ? ? .        3 
? 'data scaling'    ? ? ? ? ? ? ? ? ? ? ? XDS         ? ? ? .        4 
? phasing           ? ? ? ? ? ? ? ? ? ? ? MOLREP      ? ? ? .        5 
? 'model building'  ? ? ? ? ? ? ? ? ? ? ? Coot        ? ? ? .        6 
# 
_cell.angle_alpha                  90.000 
_cell.angle_alpha_esd              ? 
_cell.angle_beta                   90.000 
_cell.angle_beta_esd               ? 
_cell.angle_gamma                  120.000 
_cell.angle_gamma_esd              ? 
_cell.entry_id                     7AUR 
_cell.details                      ? 
_cell.formula_units_Z              ? 
_cell.length_a                     61.958 
_cell.length_a_esd                 ? 
_cell.length_b                     61.958 
_cell.length_b_esd                 ? 
_cell.length_c                     95.924 
_cell.length_c_esd                 ? 
_cell.volume                       ? 
_cell.volume_esd                   ? 
_cell.Z_PDB                        6 
_cell.reciprocal_angle_alpha       ? 
_cell.reciprocal_angle_beta        ? 
_cell.reciprocal_angle_gamma       ? 
_cell.reciprocal_angle_alpha_esd   ? 
_cell.reciprocal_angle_beta_esd    ? 
_cell.reciprocal_angle_gamma_esd   ? 
_cell.reciprocal_length_a          ? 
_cell.reciprocal_length_b          ? 
_cell.reciprocal_length_c          ? 
_cell.reciprocal_length_a_esd      ? 
_cell.reciprocal_length_b_esd      ? 
_cell.reciprocal_length_c_esd      ? 
_cell.pdbx_unique_axis             ? 
# 
_symmetry.entry_id                         7AUR 
_symmetry.cell_setting                     ? 
_symmetry.Int_Tables_number                154 
_symmetry.space_group_name_Hall            ? 
_symmetry.space_group_name_H-M             'P 32 2 1' 
_symmetry.pdbx_full_space_group_name_H-M   ? 
# 
_exptl.absorpt_coefficient_mu     ? 
_exptl.absorpt_correction_T_max   ? 
_exptl.absorpt_correction_T_min   ? 
_exptl.absorpt_correction_type    ? 
_exptl.absorpt_process_details    ? 
_exptl.entry_id                   7AUR 
_exptl.crystals_number            1 
_exptl.details                    ? 
_exptl.method                     'X-RAY DIFFRACTION' 
_exptl.method_details             ? 
# 
_exptl_crystal.colour                      ? 
_exptl_crystal.density_diffrn              ? 
_exptl_crystal.density_Matthews            2.44 
_exptl_crystal.density_method              ? 
_exptl_crystal.density_percent_sol         49.64 
_exptl_crystal.description                 Diamond-like 
_exptl_crystal.F_000                       ? 
_exptl_crystal.id                          1 
_exptl_crystal.preparation                 ? 
_exptl_crystal.size_max                    ? 
_exptl_crystal.size_mid                    ? 
_exptl_crystal.size_min                    ? 
_exptl_crystal.size_rad                    ? 
_exptl_crystal.colour_lustre               ? 
_exptl_crystal.colour_modifier             ? 
_exptl_crystal.colour_primary              ? 
_exptl_crystal.density_meas                ? 
_exptl_crystal.density_meas_esd            ? 
_exptl_crystal.density_meas_gt             ? 
_exptl_crystal.density_meas_lt             ? 
_exptl_crystal.density_meas_temp           ? 
_exptl_crystal.density_meas_temp_esd       ? 
_exptl_crystal.density_meas_temp_gt        ? 
_exptl_crystal.density_meas_temp_lt        ? 
_exptl_crystal.pdbx_crystal_image_url      ? 
_exptl_crystal.pdbx_crystal_image_format   ? 
_exptl_crystal.pdbx_mosaicity              ? 
_exptl_crystal.pdbx_mosaicity_esd          ? 
# 
_exptl_crystal_grow.apparatus       ? 
_exptl_crystal_grow.atmosphere      ? 
_exptl_crystal_grow.crystal_id      1 
_exptl_crystal_grow.details         ? 
_exptl_crystal_grow.method          'VAPOR DIFFUSION, SITTING DROP' 
_exptl_crystal_grow.method_ref      ? 
_exptl_crystal_grow.pH              5.0 
_exptl_crystal_grow.pressure        ? 
_exptl_crystal_grow.pressure_esd    ? 
_exptl_crystal_grow.seeding         ? 
_exptl_crystal_grow.seeding_ref     ? 
_exptl_crystal_grow.temp            291 
_exptl_crystal_grow.temp_details    ? 
_exptl_crystal_grow.temp_esd        ? 
_exptl_crystal_grow.time            ? 
_exptl_crystal_grow.pdbx_details    
;25% PEG 6000, 0.1 M Sodium acetate pH 5.0, 0.1 M NaCl. Protein:precipitant ratio 2:1.

Protein buffer: 20 mM Tris pH 8.0, 150 mM NaCl, 1 mM DTT, 10 mM AMP-PNP.
;
_exptl_crystal_grow.pdbx_pH_range   ? 
# 
_diffrn.ambient_environment              ? 
_diffrn.ambient_temp                     100 
_diffrn.ambient_temp_details             ? 
_diffrn.ambient_temp_esd                 ? 
_diffrn.crystal_id                       1 
_diffrn.crystal_support                  ? 
_diffrn.crystal_treatment                ? 
_diffrn.details                          ? 
_diffrn.id                               1 
_diffrn.ambient_pressure                 ? 
_diffrn.ambient_pressure_esd             ? 
_diffrn.ambient_pressure_gt              ? 
_diffrn.ambient_pressure_lt              ? 
_diffrn.ambient_temp_gt                  ? 
_diffrn.ambient_temp_lt                  ? 
_diffrn.pdbx_serial_crystal_experiment   N 
# 
_diffrn_detector.details                      'KB focusing mirrors' 
_diffrn_detector.detector                     PIXEL 
_diffrn_detector.diffrn_id                    1 
_diffrn_detector.type                         'DECTRIS PILATUS 6M' 
_diffrn_detector.area_resol_mean              ? 
_diffrn_detector.dtime                        ? 
_diffrn_detector.pdbx_frames_total            ? 
_diffrn_detector.pdbx_collection_time_total   ? 
_diffrn_detector.pdbx_collection_date         2018-12-19 
_diffrn_detector.pdbx_frequency               ? 
# 
_diffrn_radiation.collimation                      ? 
_diffrn_radiation.diffrn_id                        1 
_diffrn_radiation.filter_edge                      ? 
_diffrn_radiation.inhomogeneity                    ? 
_diffrn_radiation.monochromator                    'Si(111) channel-cut, cryocooled' 
_diffrn_radiation.polarisn_norm                    ? 
_diffrn_radiation.polarisn_ratio                   ? 
_diffrn_radiation.probe                            ? 
_diffrn_radiation.type                             ? 
_diffrn_radiation.xray_symbol                      ? 
_diffrn_radiation.wavelength_id                    1 
_diffrn_radiation.pdbx_monochromatic_or_laue_m_l   M 
_diffrn_radiation.pdbx_wavelength_list             ? 
_diffrn_radiation.pdbx_wavelength                  ? 
_diffrn_radiation.pdbx_diffrn_protocol             'SINGLE WAVELENGTH' 
_diffrn_radiation.pdbx_analyzer                    ? 
_diffrn_radiation.pdbx_scattering_type             x-ray 
# 
_diffrn_radiation_wavelength.id           1 
_diffrn_radiation_wavelength.wavelength   0.979300 
_diffrn_radiation_wavelength.wt           1.0 
# 
_diffrn_source.current                     ? 
_diffrn_source.details                     ? 
_diffrn_source.diffrn_id                   1 
_diffrn_source.power                       ? 
_diffrn_source.size                        ? 
_diffrn_source.source                      SYNCHROTRON 
_diffrn_source.target                      ? 
_diffrn_source.type                        'ALBA BEAMLINE XALOC' 
_diffrn_source.voltage                     ? 
_diffrn_source.take-off_angle              ? 
_diffrn_source.pdbx_wavelength_list        0.979300 
_diffrn_source.pdbx_wavelength             ? 
_diffrn_source.pdbx_synchrotron_beamline   XALOC 
_diffrn_source.pdbx_synchrotron_site       ALBA 
# 
_reflns.B_iso_Wilson_estimate            27.770 
_reflns.entry_id                         7AUR 
_reflns.data_reduction_details           ? 
_reflns.data_reduction_method            ? 
_reflns.d_resolution_high                1.65 
_reflns.d_resolution_low                 47.96 
_reflns.details                          ? 
_reflns.limit_h_max                      ? 
_reflns.limit_h_min                      ? 
_reflns.limit_k_max                      ? 
_reflns.limit_k_min                      ? 
_reflns.limit_l_max                      ? 
_reflns.limit_l_min                      ? 
_reflns.number_all                       ? 
_reflns.number_obs                       26240 
_reflns.observed_criterion               ? 
_reflns.observed_criterion_F_max         ? 
_reflns.observed_criterion_F_min         ? 
_reflns.observed_criterion_I_max         ? 
_reflns.observed_criterion_I_min         ? 
_reflns.observed_criterion_sigma_F       ? 
_reflns.observed_criterion_sigma_I       ? 
_reflns.percent_possible_obs             99.8 
_reflns.R_free_details                   ? 
_reflns.Rmerge_F_all                     ? 
_reflns.Rmerge_F_obs                     ? 
_reflns.Friedel_coverage                 ? 
_reflns.number_gt                        ? 
_reflns.threshold_expression             ? 
_reflns.pdbx_redundancy                  19.0 
_reflns.pdbx_Rmerge_I_obs                0.083 
_reflns.pdbx_Rmerge_I_all                ? 
_reflns.pdbx_Rsym_value                  ? 
_reflns.pdbx_netI_over_av_sigmaI         ? 
_reflns.pdbx_netI_over_sigmaI            18.9 
_reflns.pdbx_res_netI_over_av_sigmaI_2   ? 
_reflns.pdbx_res_netI_over_sigmaI_2      ? 
_reflns.pdbx_chi_squared                 ? 
_reflns.pdbx_scaling_rejects             ? 
_reflns.pdbx_d_res_high_opt              ? 
_reflns.pdbx_d_res_low_opt               ? 
_reflns.pdbx_d_res_opt_method            ? 
_reflns.phase_calculation_details        ? 
_reflns.pdbx_Rrim_I_all                  ? 
_reflns.pdbx_Rpim_I_all                  0.020 
_reflns.pdbx_d_opt                       ? 
_reflns.pdbx_number_measured_all         ? 
_reflns.pdbx_diffrn_id                   1 
_reflns.pdbx_ordinal                     1 
_reflns.pdbx_CC_half                     0.999 
_reflns.pdbx_CC_star                     ? 
_reflns.pdbx_R_split                     ? 
# 
_reflns_shell.d_res_high                  1.65 
_reflns_shell.d_res_low                   1.68 
_reflns_shell.meanI_over_sigI_all         ? 
_reflns_shell.meanI_over_sigI_obs         4.8 
_reflns_shell.number_measured_all         ? 
_reflns_shell.number_measured_obs         ? 
_reflns_shell.number_possible             ? 
_reflns_shell.number_unique_all           ? 
_reflns_shell.number_unique_obs           1299 
_reflns_shell.percent_possible_all        99.8 
_reflns_shell.percent_possible_obs        ? 
_reflns_shell.Rmerge_F_all                ? 
_reflns_shell.Rmerge_F_obs                ? 
_reflns_shell.Rmerge_I_all                ? 
_reflns_shell.Rmerge_I_obs                0.666 
_reflns_shell.meanI_over_sigI_gt          ? 
_reflns_shell.meanI_over_uI_all           ? 
_reflns_shell.meanI_over_uI_gt            ? 
_reflns_shell.number_measured_gt          ? 
_reflns_shell.number_unique_gt            ? 
_reflns_shell.percent_possible_gt         ? 
_reflns_shell.Rmerge_F_gt                 ? 
_reflns_shell.Rmerge_I_gt                 ? 
_reflns_shell.pdbx_redundancy             17.2 
_reflns_shell.pdbx_Rsym_value             ? 
_reflns_shell.pdbx_chi_squared            ? 
_reflns_shell.pdbx_netI_over_sigmaI_all   ? 
_reflns_shell.pdbx_netI_over_sigmaI_obs   ? 
_reflns_shell.pdbx_Rrim_I_all             ? 
_reflns_shell.pdbx_Rpim_I_all             0.164 
_reflns_shell.pdbx_rejects                ? 
_reflns_shell.pdbx_ordinal                1 
_reflns_shell.pdbx_diffrn_id              1 
_reflns_shell.pdbx_CC_half                0.937 
_reflns_shell.pdbx_CC_star                ? 
_reflns_shell.pdbx_R_split                ? 
# 
_refine.aniso_B[1][1]                            0.1400 
_refine.aniso_B[1][2]                            0.0700 
_refine.aniso_B[1][3]                            -0.0000 
_refine.aniso_B[2][2]                            0.1400 
_refine.aniso_B[2][3]                            -0.0000 
_refine.aniso_B[3][3]                            -0.4700 
_refine.B_iso_max                                120.480 
_refine.B_iso_mean                               35.9770 
_refine.B_iso_min                                21.470 
_refine.correlation_coeff_Fo_to_Fc               0.9630 
_refine.correlation_coeff_Fo_to_Fc_free          0.9480 
_refine.details                                  
'HYDROGENS HAVE BEEN ADDED IN THE RIDING POSITIONS U VALUES      : REFINED INDIVIDUALLY' 
_refine.diff_density_max                         ? 
_refine.diff_density_max_esd                     ? 
_refine.diff_density_min                         ? 
_refine.diff_density_min_esd                     ? 
_refine.diff_density_rms                         ? 
_refine.diff_density_rms_esd                     ? 
_refine.entry_id                                 7AUR 
_refine.pdbx_refine_id                           'X-RAY DIFFRACTION' 
_refine.ls_abs_structure_details                 ? 
_refine.ls_abs_structure_Flack                   ? 
_refine.ls_abs_structure_Flack_esd               ? 
_refine.ls_abs_structure_Rogers                  ? 
_refine.ls_abs_structure_Rogers_esd              ? 
_refine.ls_d_res_high                            1.6500 
_refine.ls_d_res_low                             46.8700 
_refine.ls_extinction_coef                       ? 
_refine.ls_extinction_coef_esd                   ? 
_refine.ls_extinction_expression                 ? 
_refine.ls_extinction_method                     ? 
_refine.ls_goodness_of_fit_all                   ? 
_refine.ls_goodness_of_fit_all_esd               ? 
_refine.ls_goodness_of_fit_obs                   ? 
_refine.ls_goodness_of_fit_obs_esd               ? 
_refine.ls_hydrogen_treatment                    ? 
_refine.ls_matrix_type                           ? 
_refine.ls_number_constraints                    ? 
_refine.ls_number_parameters                     ? 
_refine.ls_number_reflns_all                     ? 
_refine.ls_number_reflns_obs                     24867 
_refine.ls_number_reflns_R_free                  1336 
_refine.ls_number_reflns_R_work                  ? 
_refine.ls_number_restraints                     ? 
_refine.ls_percent_reflns_obs                    99.8000 
_refine.ls_percent_reflns_R_free                 5.1000 
_refine.ls_R_factor_all                          ? 
_refine.ls_R_factor_obs                          0.2106 
_refine.ls_R_factor_R_free                       0.2420 
_refine.ls_R_factor_R_free_error                 ? 
_refine.ls_R_factor_R_free_error_details         ? 
_refine.ls_R_factor_R_work                       0.2090 
_refine.ls_R_Fsqd_factor_obs                     ? 
_refine.ls_R_I_factor_obs                        ? 
_refine.ls_redundancy_reflns_all                 ? 
_refine.ls_redundancy_reflns_obs                 ? 
_refine.ls_restrained_S_all                      ? 
_refine.ls_restrained_S_obs                      ? 
_refine.ls_shift_over_esd_max                    ? 
_refine.ls_shift_over_esd_mean                   ? 
_refine.ls_structure_factor_coef                 ? 
_refine.ls_weighting_details                     ? 
_refine.ls_weighting_scheme                      ? 
_refine.ls_wR_factor_all                         ? 
_refine.ls_wR_factor_obs                         ? 
_refine.ls_wR_factor_R_free                      ? 
_refine.ls_wR_factor_R_work                      ? 
_refine.occupancy_max                            ? 
_refine.occupancy_min                            ? 
_refine.solvent_model_details                    MASK 
_refine.solvent_model_param_bsol                 ? 
_refine.solvent_model_param_ksol                 ? 
_refine.pdbx_R_complete                          ? 
_refine.ls_R_factor_gt                           ? 
_refine.ls_goodness_of_fit_gt                    ? 
_refine.ls_goodness_of_fit_ref                   ? 
_refine.ls_shift_over_su_max                     ? 
_refine.ls_shift_over_su_max_lt                  ? 
_refine.ls_shift_over_su_mean                    ? 
_refine.ls_shift_over_su_mean_lt                 ? 
_refine.pdbx_ls_sigma_I                          ? 
_refine.pdbx_ls_sigma_F                          0.000 
_refine.pdbx_ls_sigma_Fsqd                       ? 
_refine.pdbx_data_cutoff_high_absF               ? 
_refine.pdbx_data_cutoff_high_rms_absF           ? 
_refine.pdbx_data_cutoff_low_absF                ? 
_refine.pdbx_isotropic_thermal_model             ? 
_refine.pdbx_ls_cross_valid_method               THROUGHOUT 
_refine.pdbx_method_to_determine_struct          'MOLECULAR REPLACEMENT' 
_refine.pdbx_starting_model                      7AUI 
_refine.pdbx_stereochemistry_target_values       'MAXIMUM LIKELIHOOD' 
_refine.pdbx_R_Free_selection_details            RANDOM 
_refine.pdbx_stereochem_target_val_spec_case     ? 
_refine.pdbx_overall_ESU_R                       0.0940 
_refine.pdbx_overall_ESU_R_Free                  0.0960 
_refine.pdbx_solvent_vdw_probe_radii             1.2000 
_refine.pdbx_solvent_ion_probe_radii             0.8000 
_refine.pdbx_solvent_shrinkage_radii             0.8000 
_refine.pdbx_real_space_R                        ? 
_refine.pdbx_density_correlation                 ? 
_refine.pdbx_pd_number_of_powder_patterns        ? 
_refine.pdbx_pd_number_of_points                 ? 
_refine.pdbx_pd_meas_number_of_points            ? 
_refine.pdbx_pd_proc_ls_prof_R_factor            ? 
_refine.pdbx_pd_proc_ls_prof_wR_factor           ? 
_refine.pdbx_pd_Marquardt_correlation_coeff      ? 
_refine.pdbx_pd_Fsqrd_R_factor                   ? 
_refine.pdbx_pd_ls_matrix_band_width             ? 
_refine.pdbx_overall_phase_error                 ? 
_refine.pdbx_overall_SU_R_free_Cruickshank_DPI   ? 
_refine.pdbx_overall_SU_R_free_Blow_DPI          ? 
_refine.pdbx_overall_SU_R_Blow_DPI               ? 
_refine.pdbx_TLS_residual_ADP_flag               ? 
_refine.pdbx_diffrn_id                           1 
_refine.overall_SU_B                             2.1730 
_refine.overall_SU_ML                            0.0740 
_refine.overall_SU_R_Cruickshank_DPI             ? 
_refine.overall_SU_R_free                        ? 
_refine.overall_FOM_free_R_set                   ? 
_refine.overall_FOM_work_R_set                   ? 
_refine.pdbx_average_fsc_overall                 ? 
_refine.pdbx_average_fsc_work                    ? 
_refine.pdbx_average_fsc_free                    ? 
# 
_refine_hist.pdbx_refine_id                   'X-RAY DIFFRACTION' 
_refine_hist.cycle_id                         final 
_refine_hist.details                          ? 
_refine_hist.d_res_high                       1.6500 
_refine_hist.d_res_low                        46.8700 
_refine_hist.number_atoms_solvent             112 
_refine_hist.number_atoms_total               1366 
_refine_hist.number_reflns_all                ? 
_refine_hist.number_reflns_obs                ? 
_refine_hist.number_reflns_R_free             ? 
_refine_hist.number_reflns_R_work             ? 
_refine_hist.R_factor_all                     ? 
_refine_hist.R_factor_obs                     ? 
_refine_hist.R_factor_R_free                  ? 
_refine_hist.R_factor_R_work                  ? 
_refine_hist.pdbx_number_residues_total       144 
_refine_hist.pdbx_B_iso_mean_ligand           66.67 
_refine_hist.pdbx_B_iso_mean_solvent          45.40 
_refine_hist.pdbx_number_atoms_protein        1158 
_refine_hist.pdbx_number_atoms_nucleic_acid   0 
_refine_hist.pdbx_number_atoms_ligand         96 
_refine_hist.pdbx_number_atoms_lipid          ? 
_refine_hist.pdbx_number_atoms_carb           ? 
_refine_hist.pdbx_pseudo_atom_details         ? 
# 
loop_
_refine_ls_restr.pdbx_refine_id 
_refine_ls_restr.criterion 
_refine_ls_restr.dev_ideal 
_refine_ls_restr.dev_ideal_target 
_refine_ls_restr.number 
_refine_ls_restr.rejects 
_refine_ls_restr.type 
_refine_ls_restr.weight 
_refine_ls_restr.pdbx_restraint_function 
'X-RAY DIFFRACTION' ? 0.007  0.013  1300 ? r_bond_refined_d       ? ? 
'X-RAY DIFFRACTION' ? 0.007  0.017  1164 ? r_bond_other_d         ? ? 
'X-RAY DIFFRACTION' ? 1.512  1.691  1781 ? r_angle_refined_deg    ? ? 
'X-RAY DIFFRACTION' ? 1.301  1.617  2724 ? r_angle_other_deg      ? ? 
'X-RAY DIFFRACTION' ? 6.796  5.000  146  ? r_dihedral_angle_1_deg ? ? 
'X-RAY DIFFRACTION' ? 32.579 22.308 65   ? r_dihedral_angle_2_deg ? ? 
'X-RAY DIFFRACTION' ? 13.725 15.000 223  ? r_dihedral_angle_3_deg ? ? 
'X-RAY DIFFRACTION' ? 10.445 15.000 9    ? r_dihedral_angle_4_deg ? ? 
'X-RAY DIFFRACTION' ? 0.071  0.200  176  ? r_chiral_restr         ? ? 
'X-RAY DIFFRACTION' ? 0.007  0.020  1529 ? r_gen_planes_refined   ? ? 
'X-RAY DIFFRACTION' ? 0.001  0.020  246  ? r_gen_planes_other     ? ? 
# 
_refine_ls_shell.pdbx_refine_id                   'X-RAY DIFFRACTION' 
_refine_ls_shell.d_res_high                       1.6500 
_refine_ls_shell.d_res_low                        1.6930 
_refine_ls_shell.number_reflns_all                1906 
_refine_ls_shell.number_reflns_obs                ? 
_refine_ls_shell.number_reflns_R_free             90 
_refine_ls_shell.number_reflns_R_work             1816 
_refine_ls_shell.percent_reflns_obs               99.8400 
_refine_ls_shell.percent_reflns_R_free            ? 
_refine_ls_shell.R_factor_all                     ? 
_refine_ls_shell.R_factor_obs                     ? 
_refine_ls_shell.R_factor_R_free                  0.3200 
_refine_ls_shell.R_factor_R_free_error            0.0000 
_refine_ls_shell.R_factor_R_work                  0.3090 
_refine_ls_shell.redundancy_reflns_all            ? 
_refine_ls_shell.redundancy_reflns_obs            ? 
_refine_ls_shell.wR_factor_all                    ? 
_refine_ls_shell.wR_factor_obs                    ? 
_refine_ls_shell.wR_factor_R_free                 ? 
_refine_ls_shell.wR_factor_R_work                 ? 
_refine_ls_shell.pdbx_R_complete                  ? 
_refine_ls_shell.pdbx_total_number_of_bins_used   20 
_refine_ls_shell.pdbx_phase_error                 ? 
_refine_ls_shell.pdbx_fsc_work                    ? 
_refine_ls_shell.pdbx_fsc_free                    ? 
# 
_struct.entry_id                     7AUR 
_struct.title                        'Yeast Diphosphoinositol Polyphosphate Phosphohydrolase DDP1 in complex with AMP-PNP' 
_struct.pdbx_model_details           ? 
_struct.pdbx_formula_weight          ? 
_struct.pdbx_formula_weight_method   ? 
_struct.pdbx_model_type_details      ? 
_struct.pdbx_CASP_flag               N 
# 
_struct_keywords.entry_id        7AUR 
_struct_keywords.text            
'Inositol, PP-InsP, Pyrophosphatase, Polyphosphate, Diadenosine polyphosphate, DDP1, Nudix, HYDROLASE' 
_struct_keywords.pdbx_keywords   HYDROLASE 
# 
loop_
_struct_asym.id 
_struct_asym.pdbx_blank_PDB_chainid_flag 
_struct_asym.pdbx_modified 
_struct_asym.entity_id 
_struct_asym.details 
A N N 1 ? 
B N N 2 ? 
C N N 2 ? 
D N N 2 ? 
E N N 3 ? 
F N N 3 ? 
G N N 4 ? 
H N N 5 ? 
# 
_struct_ref.id                         1 
_struct_ref.db_name                    UNP 
_struct_ref.db_code                    DDP1_YEAST 
_struct_ref.pdbx_db_accession          Q99321 
_struct_ref.pdbx_db_isoform            ? 
_struct_ref.entity_id                  1 
_struct_ref.pdbx_seq_one_letter_code   
;MGKTADNHGPVRSETAREGRENQVYSPVTGARLVAGCICLTPDKKQVLMITSSAHKKRWIVPKGGVEKDEPNYETTAQRE
TWEEAGCIGKIVANLGTVEDMRPPKDWNKDIKQFENSRKDSEVAKHPPRTEFHFYELEIENLLDKFPECHKRHRKLYSYT
EAKQNLIDAKRPELLEALNRSAIIKDDK
;
_struct_ref.pdbx_align_begin           1 
# 
_struct_ref_seq.align_id                      1 
_struct_ref_seq.ref_id                        1 
_struct_ref_seq.pdbx_PDB_id_code              7AUR 
_struct_ref_seq.pdbx_strand_id                A 
_struct_ref_seq.seq_align_beg                 4 
_struct_ref_seq.pdbx_seq_align_beg_ins_code   ? 
_struct_ref_seq.seq_align_end                 191 
_struct_ref_seq.pdbx_seq_align_end_ins_code   ? 
_struct_ref_seq.pdbx_db_accession             Q99321 
_struct_ref_seq.db_align_beg                  1 
_struct_ref_seq.pdbx_db_align_beg_ins_code    ? 
_struct_ref_seq.db_align_end                  188 
_struct_ref_seq.pdbx_db_align_end_ins_code    ? 
_struct_ref_seq.pdbx_auth_seq_align_beg       1 
_struct_ref_seq.pdbx_auth_seq_align_end       188 
# 
loop_
_struct_ref_seq_dif.align_id 
_struct_ref_seq_dif.pdbx_pdb_id_code 
_struct_ref_seq_dif.mon_id 
_struct_ref_seq_dif.pdbx_pdb_strand_id 
_struct_ref_seq_dif.seq_num 
_struct_ref_seq_dif.pdbx_pdb_ins_code 
_struct_ref_seq_dif.pdbx_seq_db_name 
_struct_ref_seq_dif.pdbx_seq_db_accession_code 
_struct_ref_seq_dif.db_mon_id 
_struct_ref_seq_dif.pdbx_seq_db_seq_num 
_struct_ref_seq_dif.details 
_struct_ref_seq_dif.pdbx_auth_seq_num 
_struct_ref_seq_dif.pdbx_ordinal 
1 7AUR GLY A 1 ? UNP Q99321 ? ? 'expression tag' -2 1 
1 7AUR GLY A 2 ? UNP Q99321 ? ? 'expression tag' -1 2 
1 7AUR SER A 3 ? UNP Q99321 ? ? 'expression tag' 0  3 
# 
_pdbx_struct_assembly.id                   1 
_pdbx_struct_assembly.details              author_and_software_defined_assembly 
_pdbx_struct_assembly.method_details       PISA 
_pdbx_struct_assembly.oligomeric_details   monomeric 
_pdbx_struct_assembly.oligomeric_count     1 
# 
loop_
_pdbx_struct_assembly_prop.biol_id 
_pdbx_struct_assembly_prop.type 
_pdbx_struct_assembly_prop.value 
_pdbx_struct_assembly_prop.details 
1 'ABSA (A^2)' 1940 ? 
1 MORE         -26  ? 
1 'SSA (A^2)'  8080 ? 
# 
_pdbx_struct_assembly_gen.assembly_id       1 
_pdbx_struct_assembly_gen.oper_expression   1 
_pdbx_struct_assembly_gen.asym_id_list      A,B,C,D,E,F,G,H 
# 
_pdbx_struct_assembly_auth_evidence.id                     1 
_pdbx_struct_assembly_auth_evidence.assembly_id            1 
_pdbx_struct_assembly_auth_evidence.experimental_support   'gel filtration' 
_pdbx_struct_assembly_auth_evidence.details                ? 
# 
_pdbx_struct_oper_list.id                   1 
_pdbx_struct_oper_list.type                 'identity operation' 
_pdbx_struct_oper_list.name                 1_555 
_pdbx_struct_oper_list.symmetry_operation   x,y,z 
_pdbx_struct_oper_list.matrix[1][1]         1.0000000000 
_pdbx_struct_oper_list.matrix[1][2]         0.0000000000 
_pdbx_struct_oper_list.matrix[1][3]         0.0000000000 
_pdbx_struct_oper_list.vector[1]            0.0000000000 
_pdbx_struct_oper_list.matrix[2][1]         0.0000000000 
_pdbx_struct_oper_list.matrix[2][2]         1.0000000000 
_pdbx_struct_oper_list.matrix[2][3]         0.0000000000 
_pdbx_struct_oper_list.vector[2]            0.0000000000 
_pdbx_struct_oper_list.matrix[3][1]         0.0000000000 
_pdbx_struct_oper_list.matrix[3][2]         0.0000000000 
_pdbx_struct_oper_list.matrix[3][3]         1.0000000000 
_pdbx_struct_oper_list.vector[3]            0.0000000000 
# 
loop_
_struct_conf.conf_type_id 
_struct_conf.id 
_struct_conf.pdbx_PDB_helix_id 
_struct_conf.beg_label_comp_id 
_struct_conf.beg_label_asym_id 
_struct_conf.beg_label_seq_id 
_struct_conf.pdbx_beg_PDB_ins_code 
_struct_conf.end_label_comp_id 
_struct_conf.end_label_asym_id 
_struct_conf.end_label_seq_id 
_struct_conf.pdbx_end_PDB_ins_code 
_struct_conf.beg_auth_comp_id 
_struct_conf.beg_auth_asym_id 
_struct_conf.beg_auth_seq_id 
_struct_conf.end_auth_comp_id 
_struct_conf.end_auth_asym_id 
_struct_conf.end_auth_seq_id 
_struct_conf.pdbx_PDB_helix_class 
_struct_conf.details 
_struct_conf.pdbx_PDB_helix_length 
HELX_P HELX_P1 AA1 ASN A 75  ? GLY A 89  ? ASN A 72  GLY A 86  1 ? 15 
HELX_P HELX_P2 AA2 TYR A 162 ? ALA A 172 ? TYR A 159 ALA A 169 1 ? 11 
HELX_P HELX_P3 AA3 ARG A 174 ? SER A 184 ? ARG A 171 SER A 181 1 ? 11 
# 
_struct_conf_type.id          HELX_P 
_struct_conf_type.criteria    ? 
_struct_conf_type.reference   ? 
# 
loop_
_struct_conn.id 
_struct_conn.conn_type_id 
_struct_conn.pdbx_leaving_atom_flag 
_struct_conn.pdbx_PDB_id 
_struct_conn.ptnr1_label_asym_id 
_struct_conn.ptnr1_label_comp_id 
_struct_conn.ptnr1_label_seq_id 
_struct_conn.ptnr1_label_atom_id 
_struct_conn.pdbx_ptnr1_label_alt_id 
_struct_conn.pdbx_ptnr1_PDB_ins_code 
_struct_conn.pdbx_ptnr1_standard_comp_id 
_struct_conn.ptnr1_symmetry 
_struct_conn.ptnr2_label_asym_id 
_struct_conn.ptnr2_label_comp_id 
_struct_conn.ptnr2_label_seq_id 
_struct_conn.ptnr2_label_atom_id 
_struct_conn.pdbx_ptnr2_label_alt_id 
_struct_conn.pdbx_ptnr2_PDB_ins_code 
_struct_conn.ptnr1_auth_asym_id 
_struct_conn.ptnr1_auth_comp_id 
_struct_conn.ptnr1_auth_seq_id 
_struct_conn.ptnr2_auth_asym_id 
_struct_conn.ptnr2_auth_comp_id 
_struct_conn.ptnr2_auth_seq_id 
_struct_conn.ptnr2_symmetry 
_struct_conn.pdbx_ptnr3_label_atom_id 
_struct_conn.pdbx_ptnr3_label_seq_id 
_struct_conn.pdbx_ptnr3_label_comp_id 
_struct_conn.pdbx_ptnr3_label_asym_id 
_struct_conn.pdbx_ptnr3_label_alt_id 
_struct_conn.pdbx_ptnr3_PDB_ins_code 
_struct_conn.details 
_struct_conn.pdbx_dist_value 
_struct_conn.pdbx_value_order 
_struct_conn.pdbx_role 
metalc1 metalc ? ? A GLU 83 OE1 ? ? ? 1_555 F MG  . MG ? ? A GLU 80  A MG  205 1_555 ? ? ? ? ? ? ? 2.551 ? ? 
metalc2 metalc ? ? B ANP .  O2G ? ? ? 1_555 E MG  . MG ? ? A ANP 201 A MG  204 1_555 ? ? ? ? ? ? ? 2.811 ? ? 
metalc3 metalc ? ? E MG  .  MG  ? ? ? 1_555 H HOH . O  ? ? A MG  204 A HOH 348 1_555 ? ? ? ? ? ? ? 2.206 ? ? 
metalc4 metalc ? ? E MG  .  MG  ? ? ? 1_555 H HOH . O  ? ? A MG  204 A HOH 352 1_555 ? ? ? ? ? ? ? 2.566 ? ? 
metalc5 metalc ? ? F MG  .  MG  ? ? ? 1_555 H HOH . O  ? ? A MG  205 A HOH 308 1_555 ? ? ? ? ? ? ? 2.730 ? ? 
metalc6 metalc ? ? F MG  .  MG  ? ? ? 1_555 H HOH . O  ? ? A MG  205 A HOH 314 1_555 ? ? ? ? ? ? ? 2.422 ? ? 
metalc7 metalc ? ? F MG  .  MG  ? ? ? 1_555 H HOH . O  ? ? A MG  205 A HOH 352 1_555 ? ? ? ? ? ? ? 2.648 ? ? 
metalc8 metalc ? ? F MG  .  MG  ? ? ? 1_555 H HOH . O  ? ? A MG  205 A HOH 381 1_555 ? ? ? ? ? ? ? 2.729 ? ? 
# 
_struct_conn_type.id          metalc 
_struct_conn_type.criteria    ? 
_struct_conn_type.reference   ? 
# 
loop_
_pdbx_struct_conn_angle.id 
_pdbx_struct_conn_angle.ptnr1_label_atom_id 
_pdbx_struct_conn_angle.ptnr1_label_alt_id 
_pdbx_struct_conn_angle.ptnr1_label_asym_id 
_pdbx_struct_conn_angle.ptnr1_label_comp_id 
_pdbx_struct_conn_angle.ptnr1_label_seq_id 
_pdbx_struct_conn_angle.ptnr1_auth_atom_id 
_pdbx_struct_conn_angle.ptnr1_auth_asym_id 
_pdbx_struct_conn_angle.ptnr1_auth_comp_id 
_pdbx_struct_conn_angle.ptnr1_auth_seq_id 
_pdbx_struct_conn_angle.ptnr1_PDB_ins_code 
_pdbx_struct_conn_angle.ptnr1_symmetry 
_pdbx_struct_conn_angle.ptnr2_label_atom_id 
_pdbx_struct_conn_angle.ptnr2_label_alt_id 
_pdbx_struct_conn_angle.ptnr2_label_asym_id 
_pdbx_struct_conn_angle.ptnr2_label_comp_id 
_pdbx_struct_conn_angle.ptnr2_label_seq_id 
_pdbx_struct_conn_angle.ptnr2_auth_atom_id 
_pdbx_struct_conn_angle.ptnr2_auth_asym_id 
_pdbx_struct_conn_angle.ptnr2_auth_comp_id 
_pdbx_struct_conn_angle.ptnr2_auth_seq_id 
_pdbx_struct_conn_angle.ptnr2_PDB_ins_code 
_pdbx_struct_conn_angle.ptnr2_symmetry 
_pdbx_struct_conn_angle.ptnr3_label_atom_id 
_pdbx_struct_conn_angle.ptnr3_label_alt_id 
_pdbx_struct_conn_angle.ptnr3_label_asym_id 
_pdbx_struct_conn_angle.ptnr3_label_comp_id 
_pdbx_struct_conn_angle.ptnr3_label_seq_id 
_pdbx_struct_conn_angle.ptnr3_auth_atom_id 
_pdbx_struct_conn_angle.ptnr3_auth_asym_id 
_pdbx_struct_conn_angle.ptnr3_auth_comp_id 
_pdbx_struct_conn_angle.ptnr3_auth_seq_id 
_pdbx_struct_conn_angle.ptnr3_PDB_ins_code 
_pdbx_struct_conn_angle.ptnr3_symmetry 
_pdbx_struct_conn_angle.value 
_pdbx_struct_conn_angle.value_esd 
1  OE1 ? A GLU 83 ? A GLU 80  ? 1_555 MG ? F MG . ? A MG 205 ? 1_555 O ? H HOH . ? A HOH 308 ? 1_555 86.7  ? 
2  OE1 ? A GLU 83 ? A GLU 80  ? 1_555 MG ? F MG . ? A MG 205 ? 1_555 O ? H HOH . ? A HOH 314 ? 1_555 68.3  ? 
3  O   ? H HOH .  ? A HOH 308 ? 1_555 MG ? F MG . ? A MG 205 ? 1_555 O ? H HOH . ? A HOH 314 ? 1_555 98.6  ? 
4  OE1 ? A GLU 83 ? A GLU 80  ? 1_555 MG ? F MG . ? A MG 205 ? 1_555 O ? H HOH . ? A HOH 352 ? 1_555 102.6 ? 
5  O   ? H HOH .  ? A HOH 308 ? 1_555 MG ? F MG . ? A MG 205 ? 1_555 O ? H HOH . ? A HOH 352 ? 1_555 170.2 ? 
6  O   ? H HOH .  ? A HOH 314 ? 1_555 MG ? F MG . ? A MG 205 ? 1_555 O ? H HOH . ? A HOH 352 ? 1_555 82.4  ? 
7  OE1 ? A GLU 83 ? A GLU 80  ? 1_555 MG ? F MG . ? A MG 205 ? 1_555 O ? H HOH . ? A HOH 381 ? 1_555 96.8  ? 
8  O   ? H HOH .  ? A HOH 308 ? 1_555 MG ? F MG . ? A MG 205 ? 1_555 O ? H HOH . ? A HOH 381 ? 1_555 68.9  ? 
9  O   ? H HOH .  ? A HOH 314 ? 1_555 MG ? F MG . ? A MG 205 ? 1_555 O ? H HOH . ? A HOH 381 ? 1_555 161.6 ? 
10 O   ? H HOH .  ? A HOH 352 ? 1_555 MG ? F MG . ? A MG 205 ? 1_555 O ? H HOH . ? A HOH 381 ? 1_555 112.3 ? 
11 O2G ? B ANP .  ? A ANP 201 ? 1_555 MG ? E MG . ? A MG 204 ? 1_555 O ? H HOH . ? A HOH 348 ? 1_555 97.3  ? 
12 O2G ? B ANP .  ? A ANP 201 ? 1_555 MG ? E MG . ? A MG 204 ? 1_555 O ? H HOH . ? A HOH 352 ? 1_555 120.3 ? 
13 O   ? H HOH .  ? A HOH 348 ? 1_555 MG ? E MG . ? A MG 204 ? 1_555 O ? H HOH . ? A HOH 352 ? 1_555 103.0 ? 
# 
loop_
_struct_sheet.id 
_struct_sheet.type 
_struct_sheet.number_strands 
_struct_sheet.details 
AA1 ? 4 ? 
AA2 ? 3 ? 
# 
loop_
_struct_sheet_order.sheet_id 
_struct_sheet_order.range_id_1 
_struct_sheet_order.range_id_2 
_struct_sheet_order.offset 
_struct_sheet_order.sense 
AA1 1 2 ? anti-parallel 
AA1 2 3 ? parallel      
AA1 3 4 ? anti-parallel 
AA2 1 2 ? anti-parallel 
AA2 2 3 ? anti-parallel 
# 
loop_
_struct_sheet_range.sheet_id 
_struct_sheet_range.id 
_struct_sheet_range.beg_label_comp_id 
_struct_sheet_range.beg_label_asym_id 
_struct_sheet_range.beg_label_seq_id 
_struct_sheet_range.pdbx_beg_PDB_ins_code 
_struct_sheet_range.end_label_comp_id 
_struct_sheet_range.end_label_asym_id 
_struct_sheet_range.end_label_seq_id 
_struct_sheet_range.pdbx_end_PDB_ins_code 
_struct_sheet_range.beg_auth_comp_id 
_struct_sheet_range.beg_auth_asym_id 
_struct_sheet_range.beg_auth_seq_id 
_struct_sheet_range.end_auth_comp_id 
_struct_sheet_range.end_auth_asym_id 
_struct_sheet_range.end_auth_seq_id 
AA1 1 LYS A 66  ? GLY A 68  ? LYS A 63  GLY A 65  
AA1 2 ARG A 35  ? LEU A 43  ? ARG A 32  LEU A 40  
AA1 3 THR A 133 ? LEU A 145 ? THR A 130 LEU A 142 
AA1 4 CYS A 90  ? ASP A 103 ? CYS A 87  ASP A 100 
AA2 1 TRP A 62  ? ILE A 63  ? TRP A 59  ILE A 60  
AA2 2 GLN A 49  ? THR A 54  ? GLN A 46  THR A 51  
AA2 3 ARG A 157 ? SER A 161 ? ARG A 154 SER A 158 
# 
loop_
_pdbx_struct_sheet_hbond.sheet_id 
_pdbx_struct_sheet_hbond.range_id_1 
_pdbx_struct_sheet_hbond.range_id_2 
_pdbx_struct_sheet_hbond.range_1_label_atom_id 
_pdbx_struct_sheet_hbond.range_1_label_comp_id 
_pdbx_struct_sheet_hbond.range_1_label_asym_id 
_pdbx_struct_sheet_hbond.range_1_label_seq_id 
_pdbx_struct_sheet_hbond.range_1_PDB_ins_code 
_pdbx_struct_sheet_hbond.range_1_auth_atom_id 
_pdbx_struct_sheet_hbond.range_1_auth_comp_id 
_pdbx_struct_sheet_hbond.range_1_auth_asym_id 
_pdbx_struct_sheet_hbond.range_1_auth_seq_id 
_pdbx_struct_sheet_hbond.range_2_label_atom_id 
_pdbx_struct_sheet_hbond.range_2_label_comp_id 
_pdbx_struct_sheet_hbond.range_2_label_asym_id 
_pdbx_struct_sheet_hbond.range_2_label_seq_id 
_pdbx_struct_sheet_hbond.range_2_PDB_ins_code 
_pdbx_struct_sheet_hbond.range_2_auth_atom_id 
_pdbx_struct_sheet_hbond.range_2_auth_comp_id 
_pdbx_struct_sheet_hbond.range_2_auth_asym_id 
_pdbx_struct_sheet_hbond.range_2_auth_seq_id 
AA1 1 2 O GLY A 67  ? O GLY A 64  N ALA A 38  ? N ALA A 35  
AA1 2 3 N LEU A 43  ? N LEU A 40  O LEU A 140 ? O LEU A 137 
AA1 3 4 O GLU A 143 ? O GLU A 140 N ILE A 91  ? N ILE A 88  
AA2 1 2 O ILE A 63  ? O ILE A 60  N ILE A 53  ? N ILE A 50  
AA2 2 3 N MET A 52  ? N MET A 49  O LYS A 158 ? O LYS A 155 
# 
_pdbx_validate_torsion.id              1 
_pdbx_validate_torsion.PDB_model_num   1 
_pdbx_validate_torsion.auth_comp_id    VAL 
_pdbx_validate_torsion.auth_asym_id    A 
_pdbx_validate_torsion.auth_seq_id     28 
_pdbx_validate_torsion.PDB_ins_code    ? 
_pdbx_validate_torsion.label_alt_id    ? 
_pdbx_validate_torsion.phi             -92.68 
_pdbx_validate_torsion.psi             -60.83 
# 
loop_
_pdbx_struct_special_symmetry.id 
_pdbx_struct_special_symmetry.PDB_model_num 
_pdbx_struct_special_symmetry.auth_asym_id 
_pdbx_struct_special_symmetry.auth_comp_id 
_pdbx_struct_special_symmetry.auth_seq_id 
_pdbx_struct_special_symmetry.PDB_ins_code 
_pdbx_struct_special_symmetry.label_asym_id 
_pdbx_struct_special_symmetry.label_comp_id 
_pdbx_struct_special_symmetry.label_seq_id 
1 1 A ANP 203 ? D ANP . 
2 1 A ANP 203 ? D ANP . 
3 1 A HOH 338 ? H HOH . 
4 1 A HOH 353 ? H HOH . 
# 
_pdbx_entry_details.entry_id                 7AUR 
_pdbx_entry_details.has_ligand_of_interest   Y 
_pdbx_entry_details.compound_details         ? 
_pdbx_entry_details.source_details           ? 
_pdbx_entry_details.nonpolymer_details       ? 
_pdbx_entry_details.sequence_details         ? 
# 
loop_
_pdbx_unobs_or_zero_occ_residues.id 
_pdbx_unobs_or_zero_occ_residues.PDB_model_num 
_pdbx_unobs_or_zero_occ_residues.polymer_flag 
_pdbx_unobs_or_zero_occ_residues.occupancy_flag 
_pdbx_unobs_or_zero_occ_residues.auth_asym_id 
_pdbx_unobs_or_zero_occ_residues.auth_comp_id 
_pdbx_unobs_or_zero_occ_residues.auth_seq_id 
_pdbx_unobs_or_zero_occ_residues.PDB_ins_code 
_pdbx_unobs_or_zero_occ_residues.label_asym_id 
_pdbx_unobs_or_zero_occ_residues.label_comp_id 
_pdbx_unobs_or_zero_occ_residues.label_seq_id 
1  1 Y 1 A GLY -2  ? A GLY 1   
2  1 Y 1 A GLY -1  ? A GLY 2   
3  1 Y 1 A SER 0   ? A SER 3   
4  1 Y 1 A MET 1   ? A MET 4   
5  1 Y 1 A GLY 2   ? A GLY 5   
6  1 Y 1 A LYS 3   ? A LYS 6   
7  1 Y 1 A THR 4   ? A THR 7   
8  1 Y 1 A ALA 5   ? A ALA 8   
9  1 Y 1 A ASP 6   ? A ASP 9   
10 1 Y 1 A ASN 7   ? A ASN 10  
11 1 Y 1 A HIS 8   ? A HIS 11  
12 1 Y 1 A GLY 9   ? A GLY 12  
13 1 Y 1 A PRO 10  ? A PRO 13  
14 1 Y 1 A VAL 11  ? A VAL 14  
15 1 Y 1 A ARG 12  ? A ARG 15  
16 1 Y 1 A SER 13  ? A SER 16  
17 1 Y 1 A GLU 14  ? A GLU 17  
18 1 Y 1 A THR 15  ? A THR 18  
19 1 Y 1 A ALA 16  ? A ALA 19  
20 1 Y 1 A ARG 17  ? A ARG 20  
21 1 Y 1 A GLU 18  ? A GLU 21  
22 1 Y 1 A GLY 19  ? A GLY 22  
23 1 Y 1 A ARG 20  ? A ARG 23  
24 1 Y 1 A LYS 105 ? A LYS 108 
25 1 Y 1 A ASP 106 ? A ASP 109 
26 1 Y 1 A TRP 107 ? A TRP 110 
27 1 Y 1 A ASN 108 ? A ASN 111 
28 1 Y 1 A LYS 109 ? A LYS 112 
29 1 Y 1 A ASP 110 ? A ASP 113 
30 1 Y 1 A ILE 111 ? A ILE 114 
31 1 Y 1 A LYS 112 ? A LYS 115 
32 1 Y 1 A GLN 113 ? A GLN 116 
33 1 Y 1 A PHE 114 ? A PHE 117 
34 1 Y 1 A GLU 115 ? A GLU 118 
35 1 Y 1 A ASN 116 ? A ASN 119 
36 1 Y 1 A SER 117 ? A SER 120 
37 1 Y 1 A ARG 118 ? A ARG 121 
38 1 Y 1 A LYS 119 ? A LYS 122 
39 1 Y 1 A ASP 120 ? A ASP 123 
40 1 Y 1 A SER 121 ? A SER 124 
41 1 Y 1 A GLU 122 ? A GLU 125 
42 1 Y 1 A VAL 123 ? A VAL 126 
43 1 Y 1 A ALA 124 ? A ALA 127 
44 1 Y 1 A LYS 125 ? A LYS 128 
45 1 Y 1 A HIS 126 ? A HIS 129 
46 1 Y 1 A ASP 187 ? A ASP 190 
47 1 Y 1 A LYS 188 ? A LYS 191 
# 
loop_
_chem_comp_atom.comp_id 
_chem_comp_atom.atom_id 
_chem_comp_atom.type_symbol 
_chem_comp_atom.pdbx_aromatic_flag 
_chem_comp_atom.pdbx_stereo_config 
_chem_comp_atom.pdbx_ordinal 
ALA N      N  N N 1   
ALA CA     C  N S 2   
ALA C      C  N N 3   
ALA O      O  N N 4   
ALA CB     C  N N 5   
ALA OXT    O  N N 6   
ALA H      H  N N 7   
ALA H2     H  N N 8   
ALA HA     H  N N 9   
ALA HB1    H  N N 10  
ALA HB2    H  N N 11  
ALA HB3    H  N N 12  
ALA HXT    H  N N 13  
ANP PG     P  N N 14  
ANP O1G    O  N N 15  
ANP O2G    O  N N 16  
ANP O3G    O  N N 17  
ANP PB     P  N N 18  
ANP O1B    O  N N 19  
ANP O2B    O  N N 20  
ANP N3B    N  N N 21  
ANP PA     P  N N 22  
ANP O1A    O  N N 23  
ANP O2A    O  N N 24  
ANP O3A    O  N N 25  
ANP "O5'"  O  N N 26  
ANP "C5'"  C  N N 27  
ANP "C4'"  C  N R 28  
ANP "O4'"  O  N N 29  
ANP "C3'"  C  N S 30  
ANP "O3'"  O  N N 31  
ANP "C2'"  C  N R 32  
ANP "O2'"  O  N N 33  
ANP "C1'"  C  N R 34  
ANP N9     N  Y N 35  
ANP C8     C  Y N 36  
ANP N7     N  Y N 37  
ANP C5     C  Y N 38  
ANP C6     C  Y N 39  
ANP N6     N  N N 40  
ANP N1     N  Y N 41  
ANP C2     C  Y N 42  
ANP N3     N  Y N 43  
ANP C4     C  Y N 44  
ANP HOG2   H  N N 45  
ANP HOG3   H  N N 46  
ANP HOB2   H  N N 47  
ANP HNB1   H  N N 48  
ANP HOA2   H  N N 49  
ANP "H5'1" H  N N 50  
ANP "H5'2" H  N N 51  
ANP "H4'"  H  N N 52  
ANP "H3'"  H  N N 53  
ANP "HO3'" H  N N 54  
ANP "H2'"  H  N N 55  
ANP "HO2'" H  N N 56  
ANP "H1'"  H  N N 57  
ANP H8     H  N N 58  
ANP HN61   H  N N 59  
ANP HN62   H  N N 60  
ANP H2     H  N N 61  
ARG N      N  N N 62  
ARG CA     C  N S 63  
ARG C      C  N N 64  
ARG O      O  N N 65  
ARG CB     C  N N 66  
ARG CG     C  N N 67  
ARG CD     C  N N 68  
ARG NE     N  N N 69  
ARG CZ     C  N N 70  
ARG NH1    N  N N 71  
ARG NH2    N  N N 72  
ARG OXT    O  N N 73  
ARG H      H  N N 74  
ARG H2     H  N N 75  
ARG HA     H  N N 76  
ARG HB2    H  N N 77  
ARG HB3    H  N N 78  
ARG HG2    H  N N 79  
ARG HG3    H  N N 80  
ARG HD2    H  N N 81  
ARG HD3    H  N N 82  
ARG HE     H  N N 83  
ARG HH11   H  N N 84  
ARG HH12   H  N N 85  
ARG HH21   H  N N 86  
ARG HH22   H  N N 87  
ARG HXT    H  N N 88  
ASN N      N  N N 89  
ASN CA     C  N S 90  
ASN C      C  N N 91  
ASN O      O  N N 92  
ASN CB     C  N N 93  
ASN CG     C  N N 94  
ASN OD1    O  N N 95  
ASN ND2    N  N N 96  
ASN OXT    O  N N 97  
ASN H      H  N N 98  
ASN H2     H  N N 99  
ASN HA     H  N N 100 
ASN HB2    H  N N 101 
ASN HB3    H  N N 102 
ASN HD21   H  N N 103 
ASN HD22   H  N N 104 
ASN HXT    H  N N 105 
ASP N      N  N N 106 
ASP CA     C  N S 107 
ASP C      C  N N 108 
ASP O      O  N N 109 
ASP CB     C  N N 110 
ASP CG     C  N N 111 
ASP OD1    O  N N 112 
ASP OD2    O  N N 113 
ASP OXT    O  N N 114 
ASP H      H  N N 115 
ASP H2     H  N N 116 
ASP HA     H  N N 117 
ASP HB2    H  N N 118 
ASP HB3    H  N N 119 
ASP HD2    H  N N 120 
ASP HXT    H  N N 121 
CL  CL     CL N N 122 
CYS N      N  N N 123 
CYS CA     C  N R 124 
CYS C      C  N N 125 
CYS O      O  N N 126 
CYS CB     C  N N 127 
CYS SG     S  N N 128 
CYS OXT    O  N N 129 
CYS H      H  N N 130 
CYS H2     H  N N 131 
CYS HA     H  N N 132 
CYS HB2    H  N N 133 
CYS HB3    H  N N 134 
CYS HG     H  N N 135 
CYS HXT    H  N N 136 
GLN N      N  N N 137 
GLN CA     C  N S 138 
GLN C      C  N N 139 
GLN O      O  N N 140 
GLN CB     C  N N 141 
GLN CG     C  N N 142 
GLN CD     C  N N 143 
GLN OE1    O  N N 144 
GLN NE2    N  N N 145 
GLN OXT    O  N N 146 
GLN H      H  N N 147 
GLN H2     H  N N 148 
GLN HA     H  N N 149 
GLN HB2    H  N N 150 
GLN HB3    H  N N 151 
GLN HG2    H  N N 152 
GLN HG3    H  N N 153 
GLN HE21   H  N N 154 
GLN HE22   H  N N 155 
GLN HXT    H  N N 156 
GLU N      N  N N 157 
GLU CA     C  N S 158 
GLU C      C  N N 159 
GLU O      O  N N 160 
GLU CB     C  N N 161 
GLU CG     C  N N 162 
GLU CD     C  N N 163 
GLU OE1    O  N N 164 
GLU OE2    O  N N 165 
GLU OXT    O  N N 166 
GLU H      H  N N 167 
GLU H2     H  N N 168 
GLU HA     H  N N 169 
GLU HB2    H  N N 170 
GLU HB3    H  N N 171 
GLU HG2    H  N N 172 
GLU HG3    H  N N 173 
GLU HE2    H  N N 174 
GLU HXT    H  N N 175 
GLY N      N  N N 176 
GLY CA     C  N N 177 
GLY C      C  N N 178 
GLY O      O  N N 179 
GLY OXT    O  N N 180 
GLY H      H  N N 181 
GLY H2     H  N N 182 
GLY HA2    H  N N 183 
GLY HA3    H  N N 184 
GLY HXT    H  N N 185 
HIS N      N  N N 186 
HIS CA     C  N S 187 
HIS C      C  N N 188 
HIS O      O  N N 189 
HIS CB     C  N N 190 
HIS CG     C  Y N 191 
HIS ND1    N  Y N 192 
HIS CD2    C  Y N 193 
HIS CE1    C  Y N 194 
HIS NE2    N  Y N 195 
HIS OXT    O  N N 196 
HIS H      H  N N 197 
HIS H2     H  N N 198 
HIS HA     H  N N 199 
HIS HB2    H  N N 200 
HIS HB3    H  N N 201 
HIS HD1    H  N N 202 
HIS HD2    H  N N 203 
HIS HE1    H  N N 204 
HIS HE2    H  N N 205 
HIS HXT    H  N N 206 
HOH O      O  N N 207 
HOH H1     H  N N 208 
HOH H2     H  N N 209 
ILE N      N  N N 210 
ILE CA     C  N S 211 
ILE C      C  N N 212 
ILE O      O  N N 213 
ILE CB     C  N S 214 
ILE CG1    C  N N 215 
ILE CG2    C  N N 216 
ILE CD1    C  N N 217 
ILE OXT    O  N N 218 
ILE H      H  N N 219 
ILE H2     H  N N 220 
ILE HA     H  N N 221 
ILE HB     H  N N 222 
ILE HG12   H  N N 223 
ILE HG13   H  N N 224 
ILE HG21   H  N N 225 
ILE HG22   H  N N 226 
ILE HG23   H  N N 227 
ILE HD11   H  N N 228 
ILE HD12   H  N N 229 
ILE HD13   H  N N 230 
ILE HXT    H  N N 231 
LEU N      N  N N 232 
LEU CA     C  N S 233 
LEU C      C  N N 234 
LEU O      O  N N 235 
LEU CB     C  N N 236 
LEU CG     C  N N 237 
LEU CD1    C  N N 238 
LEU CD2    C  N N 239 
LEU OXT    O  N N 240 
LEU H      H  N N 241 
LEU H2     H  N N 242 
LEU HA     H  N N 243 
LEU HB2    H  N N 244 
LEU HB3    H  N N 245 
LEU HG     H  N N 246 
LEU HD11   H  N N 247 
LEU HD12   H  N N 248 
LEU HD13   H  N N 249 
LEU HD21   H  N N 250 
LEU HD22   H  N N 251 
LEU HD23   H  N N 252 
LEU HXT    H  N N 253 
LYS N      N  N N 254 
LYS CA     C  N S 255 
LYS C      C  N N 256 
LYS O      O  N N 257 
LYS CB     C  N N 258 
LYS CG     C  N N 259 
LYS CD     C  N N 260 
LYS CE     C  N N 261 
LYS NZ     N  N N 262 
LYS OXT    O  N N 263 
LYS H      H  N N 264 
LYS H2     H  N N 265 
LYS HA     H  N N 266 
LYS HB2    H  N N 267 
LYS HB3    H  N N 268 
LYS HG2    H  N N 269 
LYS HG3    H  N N 270 
LYS HD2    H  N N 271 
LYS HD3    H  N N 272 
LYS HE2    H  N N 273 
LYS HE3    H  N N 274 
LYS HZ1    H  N N 275 
LYS HZ2    H  N N 276 
LYS HZ3    H  N N 277 
LYS HXT    H  N N 278 
MET N      N  N N 279 
MET CA     C  N S 280 
MET C      C  N N 281 
MET O      O  N N 282 
MET CB     C  N N 283 
MET CG     C  N N 284 
MET SD     S  N N 285 
MET CE     C  N N 286 
MET OXT    O  N N 287 
MET H      H  N N 288 
MET H2     H  N N 289 
MET HA     H  N N 290 
MET HB2    H  N N 291 
MET HB3    H  N N 292 
MET HG2    H  N N 293 
MET HG3    H  N N 294 
MET HE1    H  N N 295 
MET HE2    H  N N 296 
MET HE3    H  N N 297 
MET HXT    H  N N 298 
MG  MG     MG N N 299 
PHE N      N  N N 300 
PHE CA     C  N S 301 
PHE C      C  N N 302 
PHE O      O  N N 303 
PHE CB     C  N N 304 
PHE CG     C  Y N 305 
PHE CD1    C  Y N 306 
PHE CD2    C  Y N 307 
PHE CE1    C  Y N 308 
PHE CE2    C  Y N 309 
PHE CZ     C  Y N 310 
PHE OXT    O  N N 311 
PHE H      H  N N 312 
PHE H2     H  N N 313 
PHE HA     H  N N 314 
PHE HB2    H  N N 315 
PHE HB3    H  N N 316 
PHE HD1    H  N N 317 
PHE HD2    H  N N 318 
PHE HE1    H  N N 319 
PHE HE2    H  N N 320 
PHE HZ     H  N N 321 
PHE HXT    H  N N 322 
PRO N      N  N N 323 
PRO CA     C  N S 324 
PRO C      C  N N 325 
PRO O      O  N N 326 
PRO CB     C  N N 327 
PRO CG     C  N N 328 
PRO CD     C  N N 329 
PRO OXT    O  N N 330 
PRO H      H  N N 331 
PRO HA     H  N N 332 
PRO HB2    H  N N 333 
PRO HB3    H  N N 334 
PRO HG2    H  N N 335 
PRO HG3    H  N N 336 
PRO HD2    H  N N 337 
PRO HD3    H  N N 338 
PRO HXT    H  N N 339 
SER N      N  N N 340 
SER CA     C  N S 341 
SER C      C  N N 342 
SER O      O  N N 343 
SER CB     C  N N 344 
SER OG     O  N N 345 
SER OXT    O  N N 346 
SER H      H  N N 347 
SER H2     H  N N 348 
SER HA     H  N N 349 
SER HB2    H  N N 350 
SER HB3    H  N N 351 
SER HG     H  N N 352 
SER HXT    H  N N 353 
THR N      N  N N 354 
THR CA     C  N S 355 
THR C      C  N N 356 
THR O      O  N N 357 
THR CB     C  N R 358 
THR OG1    O  N N 359 
THR CG2    C  N N 360 
THR OXT    O  N N 361 
THR H      H  N N 362 
THR H2     H  N N 363 
THR HA     H  N N 364 
THR HB     H  N N 365 
THR HG1    H  N N 366 
THR HG21   H  N N 367 
THR HG22   H  N N 368 
THR HG23   H  N N 369 
THR HXT    H  N N 370 
TRP N      N  N N 371 
TRP CA     C  N S 372 
TRP C      C  N N 373 
TRP O      O  N N 374 
TRP CB     C  N N 375 
TRP CG     C  Y N 376 
TRP CD1    C  Y N 377 
TRP CD2    C  Y N 378 
TRP NE1    N  Y N 379 
TRP CE2    C  Y N 380 
TRP CE3    C  Y N 381 
TRP CZ2    C  Y N 382 
TRP CZ3    C  Y N 383 
TRP CH2    C  Y N 384 
TRP OXT    O  N N 385 
TRP H      H  N N 386 
TRP H2     H  N N 387 
TRP HA     H  N N 388 
TRP HB2    H  N N 389 
TRP HB3    H  N N 390 
TRP HD1    H  N N 391 
TRP HE1    H  N N 392 
TRP HE3    H  N N 393 
TRP HZ2    H  N N 394 
TRP HZ3    H  N N 395 
TRP HH2    H  N N 396 
TRP HXT    H  N N 397 
TYR N      N  N N 398 
TYR CA     C  N S 399 
TYR C      C  N N 400 
TYR O      O  N N 401 
TYR CB     C  N N 402 
TYR CG     C  Y N 403 
TYR CD1    C  Y N 404 
TYR CD2    C  Y N 405 
TYR CE1    C  Y N 406 
TYR CE2    C  Y N 407 
TYR CZ     C  Y N 408 
TYR OH     O  N N 409 
TYR OXT    O  N N 410 
TYR H      H  N N 411 
TYR H2     H  N N 412 
TYR HA     H  N N 413 
TYR HB2    H  N N 414 
TYR HB3    H  N N 415 
TYR HD1    H  N N 416 
TYR HD2    H  N N 417 
TYR HE1    H  N N 418 
TYR HE2    H  N N 419 
TYR HH     H  N N 420 
TYR HXT    H  N N 421 
VAL N      N  N N 422 
VAL CA     C  N S 423 
VAL C      C  N N 424 
VAL O      O  N N 425 
VAL CB     C  N N 426 
VAL CG1    C  N N 427 
VAL CG2    C  N N 428 
VAL OXT    O  N N 429 
VAL H      H  N N 430 
VAL H2     H  N N 431 
VAL HA     H  N N 432 
VAL HB     H  N N 433 
VAL HG11   H  N N 434 
VAL HG12   H  N N 435 
VAL HG13   H  N N 436 
VAL HG21   H  N N 437 
VAL HG22   H  N N 438 
VAL HG23   H  N N 439 
VAL HXT    H  N N 440 
# 
loop_
_chem_comp_bond.comp_id 
_chem_comp_bond.atom_id_1 
_chem_comp_bond.atom_id_2 
_chem_comp_bond.value_order 
_chem_comp_bond.pdbx_aromatic_flag 
_chem_comp_bond.pdbx_stereo_config 
_chem_comp_bond.pdbx_ordinal 
ALA N     CA     sing N N 1   
ALA N     H      sing N N 2   
ALA N     H2     sing N N 3   
ALA CA    C      sing N N 4   
ALA CA    CB     sing N N 5   
ALA CA    HA     sing N N 6   
ALA C     O      doub N N 7   
ALA C     OXT    sing N N 8   
ALA CB    HB1    sing N N 9   
ALA CB    HB2    sing N N 10  
ALA CB    HB3    sing N N 11  
ALA OXT   HXT    sing N N 12  
ANP PG    O1G    doub N N 13  
ANP PG    O2G    sing N N 14  
ANP PG    O3G    sing N N 15  
ANP PG    N3B    sing N N 16  
ANP O2G   HOG2   sing N N 17  
ANP O3G   HOG3   sing N N 18  
ANP PB    O1B    doub N N 19  
ANP PB    O2B    sing N N 20  
ANP PB    N3B    sing N N 21  
ANP PB    O3A    sing N N 22  
ANP O2B   HOB2   sing N N 23  
ANP N3B   HNB1   sing N N 24  
ANP PA    O1A    doub N N 25  
ANP PA    O2A    sing N N 26  
ANP PA    O3A    sing N N 27  
ANP PA    "O5'"  sing N N 28  
ANP O2A   HOA2   sing N N 29  
ANP "O5'" "C5'"  sing N N 30  
ANP "C5'" "C4'"  sing N N 31  
ANP "C5'" "H5'1" sing N N 32  
ANP "C5'" "H5'2" sing N N 33  
ANP "C4'" "O4'"  sing N N 34  
ANP "C4'" "C3'"  sing N N 35  
ANP "C4'" "H4'"  sing N N 36  
ANP "O4'" "C1'"  sing N N 37  
ANP "C3'" "O3'"  sing N N 38  
ANP "C3'" "C2'"  sing N N 39  
ANP "C3'" "H3'"  sing N N 40  
ANP "O3'" "HO3'" sing N N 41  
ANP "C2'" "O2'"  sing N N 42  
ANP "C2'" "C1'"  sing N N 43  
ANP "C2'" "H2'"  sing N N 44  
ANP "O2'" "HO2'" sing N N 45  
ANP "C1'" N9     sing N N 46  
ANP "C1'" "H1'"  sing N N 47  
ANP N9    C8     sing Y N 48  
ANP N9    C4     sing Y N 49  
ANP C8    N7     doub Y N 50  
ANP C8    H8     sing N N 51  
ANP N7    C5     sing Y N 52  
ANP C5    C6     sing Y N 53  
ANP C5    C4     doub Y N 54  
ANP C6    N6     sing N N 55  
ANP C6    N1     doub Y N 56  
ANP N6    HN61   sing N N 57  
ANP N6    HN62   sing N N 58  
ANP N1    C2     sing Y N 59  
ANP C2    N3     doub Y N 60  
ANP C2    H2     sing N N 61  
ANP N3    C4     sing Y N 62  
ARG N     CA     sing N N 63  
ARG N     H      sing N N 64  
ARG N     H2     sing N N 65  
ARG CA    C      sing N N 66  
ARG CA    CB     sing N N 67  
ARG CA    HA     sing N N 68  
ARG C     O      doub N N 69  
ARG C     OXT    sing N N 70  
ARG CB    CG     sing N N 71  
ARG CB    HB2    sing N N 72  
ARG CB    HB3    sing N N 73  
ARG CG    CD     sing N N 74  
ARG CG    HG2    sing N N 75  
ARG CG    HG3    sing N N 76  
ARG CD    NE     sing N N 77  
ARG CD    HD2    sing N N 78  
ARG CD    HD3    sing N N 79  
ARG NE    CZ     sing N N 80  
ARG NE    HE     sing N N 81  
ARG CZ    NH1    sing N N 82  
ARG CZ    NH2    doub N N 83  
ARG NH1   HH11   sing N N 84  
ARG NH1   HH12   sing N N 85  
ARG NH2   HH21   sing N N 86  
ARG NH2   HH22   sing N N 87  
ARG OXT   HXT    sing N N 88  
ASN N     CA     sing N N 89  
ASN N     H      sing N N 90  
ASN N     H2     sing N N 91  
ASN CA    C      sing N N 92  
ASN CA    CB     sing N N 93  
ASN CA    HA     sing N N 94  
ASN C     O      doub N N 95  
ASN C     OXT    sing N N 96  
ASN CB    CG     sing N N 97  
ASN CB    HB2    sing N N 98  
ASN CB    HB3    sing N N 99  
ASN CG    OD1    doub N N 100 
ASN CG    ND2    sing N N 101 
ASN ND2   HD21   sing N N 102 
ASN ND2   HD22   sing N N 103 
ASN OXT   HXT    sing N N 104 
ASP N     CA     sing N N 105 
ASP N     H      sing N N 106 
ASP N     H2     sing N N 107 
ASP CA    C      sing N N 108 
ASP CA    CB     sing N N 109 
ASP CA    HA     sing N N 110 
ASP C     O      doub N N 111 
ASP C     OXT    sing N N 112 
ASP CB    CG     sing N N 113 
ASP CB    HB2    sing N N 114 
ASP CB    HB3    sing N N 115 
ASP CG    OD1    doub N N 116 
ASP CG    OD2    sing N N 117 
ASP OD2   HD2    sing N N 118 
ASP OXT   HXT    sing N N 119 
CYS N     CA     sing N N 120 
CYS N     H      sing N N 121 
CYS N     H2     sing N N 122 
CYS CA    C      sing N N 123 
CYS CA    CB     sing N N 124 
CYS CA    HA     sing N N 125 
CYS C     O      doub N N 126 
CYS C     OXT    sing N N 127 
CYS CB    SG     sing N N 128 
CYS CB    HB2    sing N N 129 
CYS CB    HB3    sing N N 130 
CYS SG    HG     sing N N 131 
CYS OXT   HXT    sing N N 132 
GLN N     CA     sing N N 133 
GLN N     H      sing N N 134 
GLN N     H2     sing N N 135 
GLN CA    C      sing N N 136 
GLN CA    CB     sing N N 137 
GLN CA    HA     sing N N 138 
GLN C     O      doub N N 139 
GLN C     OXT    sing N N 140 
GLN CB    CG     sing N N 141 
GLN CB    HB2    sing N N 142 
GLN CB    HB3    sing N N 143 
GLN CG    CD     sing N N 144 
GLN CG    HG2    sing N N 145 
GLN CG    HG3    sing N N 146 
GLN CD    OE1    doub N N 147 
GLN CD    NE2    sing N N 148 
GLN NE2   HE21   sing N N 149 
GLN NE2   HE22   sing N N 150 
GLN OXT   HXT    sing N N 151 
GLU N     CA     sing N N 152 
GLU N     H      sing N N 153 
GLU N     H2     sing N N 154 
GLU CA    C      sing N N 155 
GLU CA    CB     sing N N 156 
GLU CA    HA     sing N N 157 
GLU C     O      doub N N 158 
GLU C     OXT    sing N N 159 
GLU CB    CG     sing N N 160 
GLU CB    HB2    sing N N 161 
GLU CB    HB3    sing N N 162 
GLU CG    CD     sing N N 163 
GLU CG    HG2    sing N N 164 
GLU CG    HG3    sing N N 165 
GLU CD    OE1    doub N N 166 
GLU CD    OE2    sing N N 167 
GLU OE2   HE2    sing N N 168 
GLU OXT   HXT    sing N N 169 
GLY N     CA     sing N N 170 
GLY N     H      sing N N 171 
GLY N     H2     sing N N 172 
GLY CA    C      sing N N 173 
GLY CA    HA2    sing N N 174 
GLY CA    HA3    sing N N 175 
GLY C     O      doub N N 176 
GLY C     OXT    sing N N 177 
GLY OXT   HXT    sing N N 178 
HIS N     CA     sing N N 179 
HIS N     H      sing N N 180 
HIS N     H2     sing N N 181 
HIS CA    C      sing N N 182 
HIS CA    CB     sing N N 183 
HIS CA    HA     sing N N 184 
HIS C     O      doub N N 185 
HIS C     OXT    sing N N 186 
HIS CB    CG     sing N N 187 
HIS CB    HB2    sing N N 188 
HIS CB    HB3    sing N N 189 
HIS CG    ND1    sing Y N 190 
HIS CG    CD2    doub Y N 191 
HIS ND1   CE1    doub Y N 192 
HIS ND1   HD1    sing N N 193 
HIS CD2   NE2    sing Y N 194 
HIS CD2   HD2    sing N N 195 
HIS CE1   NE2    sing Y N 196 
HIS CE1   HE1    sing N N 197 
HIS NE2   HE2    sing N N 198 
HIS OXT   HXT    sing N N 199 
HOH O     H1     sing N N 200 
HOH O     H2     sing N N 201 
ILE N     CA     sing N N 202 
ILE N     H      sing N N 203 
ILE N     H2     sing N N 204 
ILE CA    C      sing N N 205 
ILE CA    CB     sing N N 206 
ILE CA    HA     sing N N 207 
ILE C     O      doub N N 208 
ILE C     OXT    sing N N 209 
ILE CB    CG1    sing N N 210 
ILE CB    CG2    sing N N 211 
ILE CB    HB     sing N N 212 
ILE CG1   CD1    sing N N 213 
ILE CG1   HG12   sing N N 214 
ILE CG1   HG13   sing N N 215 
ILE CG2   HG21   sing N N 216 
ILE CG2   HG22   sing N N 217 
ILE CG2   HG23   sing N N 218 
ILE CD1   HD11   sing N N 219 
ILE CD1   HD12   sing N N 220 
ILE CD1   HD13   sing N N 221 
ILE OXT   HXT    sing N N 222 
LEU N     CA     sing N N 223 
LEU N     H      sing N N 224 
LEU N     H2     sing N N 225 
LEU CA    C      sing N N 226 
LEU CA    CB     sing N N 227 
LEU CA    HA     sing N N 228 
LEU C     O      doub N N 229 
LEU C     OXT    sing N N 230 
LEU CB    CG     sing N N 231 
LEU CB    HB2    sing N N 232 
LEU CB    HB3    sing N N 233 
LEU CG    CD1    sing N N 234 
LEU CG    CD2    sing N N 235 
LEU CG    HG     sing N N 236 
LEU CD1   HD11   sing N N 237 
LEU CD1   HD12   sing N N 238 
LEU CD1   HD13   sing N N 239 
LEU CD2   HD21   sing N N 240 
LEU CD2   HD22   sing N N 241 
LEU CD2   HD23   sing N N 242 
LEU OXT   HXT    sing N N 243 
LYS N     CA     sing N N 244 
LYS N     H      sing N N 245 
LYS N     H2     sing N N 246 
LYS CA    C      sing N N 247 
LYS CA    CB     sing N N 248 
LYS CA    HA     sing N N 249 
LYS C     O      doub N N 250 
LYS C     OXT    sing N N 251 
LYS CB    CG     sing N N 252 
LYS CB    HB2    sing N N 253 
LYS CB    HB3    sing N N 254 
LYS CG    CD     sing N N 255 
LYS CG    HG2    sing N N 256 
LYS CG    HG3    sing N N 257 
LYS CD    CE     sing N N 258 
LYS CD    HD2    sing N N 259 
LYS CD    HD3    sing N N 260 
LYS CE    NZ     sing N N 261 
LYS CE    HE2    sing N N 262 
LYS CE    HE3    sing N N 263 
LYS NZ    HZ1    sing N N 264 
LYS NZ    HZ2    sing N N 265 
LYS NZ    HZ3    sing N N 266 
LYS OXT   HXT    sing N N 267 
MET N     CA     sing N N 268 
MET N     H      sing N N 269 
MET N     H2     sing N N 270 
MET CA    C      sing N N 271 
MET CA    CB     sing N N 272 
MET CA    HA     sing N N 273 
MET C     O      doub N N 274 
MET C     OXT    sing N N 275 
MET CB    CG     sing N N 276 
MET CB    HB2    sing N N 277 
MET CB    HB3    sing N N 278 
MET CG    SD     sing N N 279 
MET CG    HG2    sing N N 280 
MET CG    HG3    sing N N 281 
MET SD    CE     sing N N 282 
MET CE    HE1    sing N N 283 
MET CE    HE2    sing N N 284 
MET CE    HE3    sing N N 285 
MET OXT   HXT    sing N N 286 
PHE N     CA     sing N N 287 
PHE N     H      sing N N 288 
PHE N     H2     sing N N 289 
PHE CA    C      sing N N 290 
PHE CA    CB     sing N N 291 
PHE CA    HA     sing N N 292 
PHE C     O      doub N N 293 
PHE C     OXT    sing N N 294 
PHE CB    CG     sing N N 295 
PHE CB    HB2    sing N N 296 
PHE CB    HB3    sing N N 297 
PHE CG    CD1    doub Y N 298 
PHE CG    CD2    sing Y N 299 
PHE CD1   CE1    sing Y N 300 
PHE CD1   HD1    sing N N 301 
PHE CD2   CE2    doub Y N 302 
PHE CD2   HD2    sing N N 303 
PHE CE1   CZ     doub Y N 304 
PHE CE1   HE1    sing N N 305 
PHE CE2   CZ     sing Y N 306 
PHE CE2   HE2    sing N N 307 
PHE CZ    HZ     sing N N 308 
PHE OXT   HXT    sing N N 309 
PRO N     CA     sing N N 310 
PRO N     CD     sing N N 311 
PRO N     H      sing N N 312 
PRO CA    C      sing N N 313 
PRO CA    CB     sing N N 314 
PRO CA    HA     sing N N 315 
PRO C     O      doub N N 316 
PRO C     OXT    sing N N 317 
PRO CB    CG     sing N N 318 
PRO CB    HB2    sing N N 319 
PRO CB    HB3    sing N N 320 
PRO CG    CD     sing N N 321 
PRO CG    HG2    sing N N 322 
PRO CG    HG3    sing N N 323 
PRO CD    HD2    sing N N 324 
PRO CD    HD3    sing N N 325 
PRO OXT   HXT    sing N N 326 
SER N     CA     sing N N 327 
SER N     H      sing N N 328 
SER N     H2     sing N N 329 
SER CA    C      sing N N 330 
SER CA    CB     sing N N 331 
SER CA    HA     sing N N 332 
SER C     O      doub N N 333 
SER C     OXT    sing N N 334 
SER CB    OG     sing N N 335 
SER CB    HB2    sing N N 336 
SER CB    HB3    sing N N 337 
SER OG    HG     sing N N 338 
SER OXT   HXT    sing N N 339 
THR N     CA     sing N N 340 
THR N     H      sing N N 341 
THR N     H2     sing N N 342 
THR CA    C      sing N N 343 
THR CA    CB     sing N N 344 
THR CA    HA     sing N N 345 
THR C     O      doub N N 346 
THR C     OXT    sing N N 347 
THR CB    OG1    sing N N 348 
THR CB    CG2    sing N N 349 
THR CB    HB     sing N N 350 
THR OG1   HG1    sing N N 351 
THR CG2   HG21   sing N N 352 
THR CG2   HG22   sing N N 353 
THR CG2   HG23   sing N N 354 
THR OXT   HXT    sing N N 355 
TRP N     CA     sing N N 356 
TRP N     H      sing N N 357 
TRP N     H2     sing N N 358 
TRP CA    C      sing N N 359 
TRP CA    CB     sing N N 360 
TRP CA    HA     sing N N 361 
TRP C     O      doub N N 362 
TRP C     OXT    sing N N 363 
TRP CB    CG     sing N N 364 
TRP CB    HB2    sing N N 365 
TRP CB    HB3    sing N N 366 
TRP CG    CD1    doub Y N 367 
TRP CG    CD2    sing Y N 368 
TRP CD1   NE1    sing Y N 369 
TRP CD1   HD1    sing N N 370 
TRP CD2   CE2    doub Y N 371 
TRP CD2   CE3    sing Y N 372 
TRP NE1   CE2    sing Y N 373 
TRP NE1   HE1    sing N N 374 
TRP CE2   CZ2    sing Y N 375 
TRP CE3   CZ3    doub Y N 376 
TRP CE3   HE3    sing N N 377 
TRP CZ2   CH2    doub Y N 378 
TRP CZ2   HZ2    sing N N 379 
TRP CZ3   CH2    sing Y N 380 
TRP CZ3   HZ3    sing N N 381 
TRP CH2   HH2    sing N N 382 
TRP OXT   HXT    sing N N 383 
TYR N     CA     sing N N 384 
TYR N     H      sing N N 385 
TYR N     H2     sing N N 386 
TYR CA    C      sing N N 387 
TYR CA    CB     sing N N 388 
TYR CA    HA     sing N N 389 
TYR C     O      doub N N 390 
TYR C     OXT    sing N N 391 
TYR CB    CG     sing N N 392 
TYR CB    HB2    sing N N 393 
TYR CB    HB3    sing N N 394 
TYR CG    CD1    doub Y N 395 
TYR CG    CD2    sing Y N 396 
TYR CD1   CE1    sing Y N 397 
TYR CD1   HD1    sing N N 398 
TYR CD2   CE2    doub Y N 399 
TYR CD2   HD2    sing N N 400 
TYR CE1   CZ     doub Y N 401 
TYR CE1   HE1    sing N N 402 
TYR CE2   CZ     sing Y N 403 
TYR CE2   HE2    sing N N 404 
TYR CZ    OH     sing N N 405 
TYR OH    HH     sing N N 406 
TYR OXT   HXT    sing N N 407 
VAL N     CA     sing N N 408 
VAL N     H      sing N N 409 
VAL N     H2     sing N N 410 
VAL CA    C      sing N N 411 
VAL CA    CB     sing N N 412 
VAL CA    HA     sing N N 413 
VAL C     O      doub N N 414 
VAL C     OXT    sing N N 415 
VAL CB    CG1    sing N N 416 
VAL CB    CG2    sing N N 417 
VAL CB    HB     sing N N 418 
VAL CG1   HG11   sing N N 419 
VAL CG1   HG12   sing N N 420 
VAL CG1   HG13   sing N N 421 
VAL CG2   HG21   sing N N 422 
VAL CG2   HG22   sing N N 423 
VAL CG2   HG23   sing N N 424 
VAL OXT   HXT    sing N N 425 
# 
_pdbx_audit_support.funding_organization   'Spanish Ministry of Economy and Competitiveness' 
_pdbx_audit_support.country                Spain 
_pdbx_audit_support.grant_number           BFU2017-89913-P 
_pdbx_audit_support.ordinal                1 
# 
loop_
_pdbx_entity_instance_feature.ordinal 
_pdbx_entity_instance_feature.comp_id 
_pdbx_entity_instance_feature.asym_id 
_pdbx_entity_instance_feature.seq_num 
_pdbx_entity_instance_feature.auth_comp_id 
_pdbx_entity_instance_feature.auth_asym_id 
_pdbx_entity_instance_feature.auth_seq_num 
_pdbx_entity_instance_feature.feature_type 
_pdbx_entity_instance_feature.details 
1 ANP ? ? ANP ? ? 'SUBJECT OF INVESTIGATION' ? 
2 MG  ? ? MG  ? ? 'SUBJECT OF INVESTIGATION' ? 
# 
_pdbx_initial_refinement_model.id               1 
_pdbx_initial_refinement_model.entity_id_list   ? 
_pdbx_initial_refinement_model.type             'experimental model' 
_pdbx_initial_refinement_model.source_name      PDB 
_pdbx_initial_refinement_model.accession_code   7AUI 
_pdbx_initial_refinement_model.details          ? 
# 
_atom_sites.entry_id                    7AUR 
_atom_sites.Cartn_transf_matrix[1][1]   ? 
_atom_sites.Cartn_transf_matrix[1][2]   ? 
_atom_sites.Cartn_transf_matrix[1][3]   ? 
_atom_sites.Cartn_transf_matrix[2][1]   ? 
_atom_sites.Cartn_transf_matrix[2][2]   ? 
_atom_sites.Cartn_transf_matrix[2][3]   ? 
_atom_sites.Cartn_transf_matrix[3][1]   ? 
_atom_sites.Cartn_transf_matrix[3][2]   ? 
_atom_sites.Cartn_transf_matrix[3][3]   ? 
_atom_sites.Cartn_transf_vector[1]      ? 
_atom_sites.Cartn_transf_vector[2]      ? 
_atom_sites.Cartn_transf_vector[3]      ? 
_atom_sites.fract_transf_matrix[1][1]   0.00773141 
_atom_sites.fract_transf_matrix[1][2]   -0.01104882 
_atom_sites.fract_transf_matrix[1][3]   0.01286365 
_atom_sites.fract_transf_matrix[2][1]   -0.00308427 
_atom_sites.fract_transf_matrix[2][2]   -0.01837501 
_atom_sites.fract_transf_matrix[2][3]   -0.00042888 
_atom_sites.fract_transf_matrix[3][1]   0.00835620 
_atom_sites.fract_transf_matrix[3][2]   -0.00126012 
_atom_sites.fract_transf_matrix[3][3]   -0.00610464 
_atom_sites.fract_transf_vector[1]      0.096441 
_atom_sites.fract_transf_vector[2]      -0.379855 
_atom_sites.fract_transf_vector[3]      -0.023763 
_atom_sites.solution_primary            ? 
_atom_sites.solution_secondary          ? 
_atom_sites.solution_hydrogens          ? 
_atom_sites.special_details             ? 
# 
loop_
_atom_type.symbol 
C  
CL 
MG 
N  
O  
P  
S  
# 
loop_
_atom_site.group_PDB 
_atom_site.id 
_atom_site.type_symbol 
_atom_site.label_atom_id 
_atom_site.label_alt_id 
_atom_site.label_comp_id 
_atom_site.label_asym_id 
_atom_site.label_entity_id 
_atom_site.label_seq_id 
_atom_site.pdbx_PDB_ins_code 
_atom_site.Cartn_x 
_atom_site.Cartn_y 
_atom_site.Cartn_z 
_atom_site.occupancy 
_atom_site.B_iso_or_equiv 
_atom_site.pdbx_formal_charge 
_atom_site.auth_seq_id 
_atom_site.auth_comp_id 
_atom_site.auth_asym_id 
_atom_site.auth_atom_id 
_atom_site.pdbx_PDB_model_num 
ATOM   1    N  N     . GLU A 1 24  ? -11.797 -14.590 -12.446 1.00 82.35  ? 21  GLU A N     1 
ATOM   2    C  CA    . GLU A 1 24  ? -10.503 -14.883 -11.755 1.00 80.00  ? 21  GLU A CA    1 
ATOM   3    C  C     . GLU A 1 24  ? -10.783 -15.111 -10.264 1.00 71.79  ? 21  GLU A C     1 
ATOM   4    O  O     . GLU A 1 24  ? -11.903 -15.562 -9.935  1.00 69.48  ? 21  GLU A O     1 
ATOM   5    C  CB    . GLU A 1 24  ? -9.502  -13.747 -12.007 1.00 87.43  ? 21  GLU A CB    1 
ATOM   6    C  CG    . GLU A 1 24  ? -9.017  -13.671 -13.445 1.00 92.68  ? 21  GLU A CG    1 
ATOM   7    C  CD    . GLU A 1 24  ? -8.075  -14.795 -13.842 1.00 97.78  ? 21  GLU A CD    1 
ATOM   8    O  OE1   . GLU A 1 24  ? -8.386  -15.512 -14.817 1.00 98.00  ? 21  GLU A OE1   1 
ATOM   9    O  OE2   . GLU A 1 24  ? -7.031  -14.950 -13.175 1.00 102.76 ? 21  GLU A OE2   1 
ATOM   10   N  N     . ASN A 1 25  ? -9.807  -14.814 -9.403  1.00 64.03  ? 22  ASN A N     1 
ATOM   11   C  CA    . ASN A 1 25  ? -9.894  -14.964 -7.928  1.00 60.95  ? 22  ASN A CA    1 
ATOM   12   C  C     . ASN A 1 25  ? -10.291 -13.627 -7.274  1.00 55.29  ? 22  ASN A C     1 
ATOM   13   O  O     . ASN A 1 25  ? -10.479 -13.620 -6.040  1.00 57.37  ? 22  ASN A O     1 
ATOM   14   C  CB    . ASN A 1 25  ? -8.563  -15.485 -7.380  1.00 59.90  ? 22  ASN A CB    1 
ATOM   15   C  CG    . ASN A 1 25  ? -8.706  -16.351 -6.149  1.00 64.15  ? 22  ASN A CG    1 
ATOM   16   O  OD1   . ASN A 1 25  ? -9.759  -16.934 -5.901  1.00 71.20  ? 22  ASN A OD1   1 
ATOM   17   N  ND2   . ASN A 1 25  ? -7.635  -16.460 -5.381  1.00 63.98  ? 22  ASN A ND2   1 
ATOM   18   N  N     . GLN A 1 26  ? -10.429 -12.548 -8.057  1.00 46.20  ? 23  GLN A N     1 
ATOM   19   C  CA    . GLN A 1 26  ? -10.609 -11.153 -7.549  1.00 44.55  ? 23  GLN A CA    1 
ATOM   20   C  C     . GLN A 1 26  ? -12.035 -10.945 -7.009  1.00 39.88  ? 23  GLN A C     1 
ATOM   21   O  O     . GLN A 1 26  ? -12.988 -11.572 -7.511  1.00 39.24  ? 23  GLN A O     1 
ATOM   22   C  CB    . GLN A 1 26  ? -10.238 -10.151 -8.649  1.00 45.18  ? 23  GLN A CB    1 
ATOM   23   C  CG    . GLN A 1 26  ? -10.408 -8.681  -8.253  1.00 47.06  ? 23  GLN A CG    1 
ATOM   24   C  CD    . GLN A 1 26  ? -9.360  -8.151  -7.297  1.00 47.97  ? 23  GLN A CD    1 
ATOM   25   O  OE1   . GLN A 1 26  ? -8.243  -7.814  -7.710  1.00 48.79  ? 23  GLN A OE1   1 
ATOM   26   N  NE2   . GLN A 1 26  ? -9.730  -8.027  -6.020  1.00 38.55  ? 23  GLN A NE2   1 
ATOM   27   N  N     . VAL A 1 27  ? -12.170 -10.087 -5.991  1.00 38.99  ? 24  VAL A N     1 
ATOM   28   C  CA    . VAL A 1 27  ? -13.461 -9.741  -5.329  1.00 38.76  ? 24  VAL A CA    1 
ATOM   29   C  C     . VAL A 1 27  ? -13.809 -8.289  -5.689  1.00 38.40  ? 24  VAL A C     1 
ATOM   30   O  O     . VAL A 1 27  ? -12.883 -7.455  -5.727  1.00 37.38  ? 24  VAL A O     1 
ATOM   31   C  CB    . VAL A 1 27  ? -13.388 -9.964  -3.806  1.00 40.93  ? 24  VAL A CB    1 
ATOM   32   C  CG1   . VAL A 1 27  ? -14.739 -9.784  -3.124  1.00 38.75  ? 24  VAL A CG1   1 
ATOM   33   C  CG2   . VAL A 1 27  ? -12.810 -11.336 -3.475  1.00 42.54  ? 24  VAL A CG2   1 
ATOM   34   N  N     . TYR A 1 28  ? -15.099 -8.029  -5.944  1.00 36.00  ? 25  TYR A N     1 
ATOM   35   C  CA    . TYR A 1 28  ? -15.654 -6.725  -6.401  1.00 34.63  ? 25  TYR A CA    1 
ATOM   36   C  C     . TYR A 1 28  ? -16.755 -6.282  -5.436  1.00 34.63  ? 25  TYR A C     1 
ATOM   37   O  O     . TYR A 1 28  ? -17.481 -7.125  -4.884  1.00 36.44  ? 25  TYR A O     1 
ATOM   38   C  CB    . TYR A 1 28  ? -16.175 -6.833  -7.840  1.00 35.04  ? 25  TYR A CB    1 
ATOM   39   C  CG    . TYR A 1 28  ? -15.085 -7.129  -8.834  1.00 35.00  ? 25  TYR A CG    1 
ATOM   40   C  CD1   . TYR A 1 28  ? -14.342 -6.114  -9.404  1.00 34.26  ? 25  TYR A CD1   1 
ATOM   41   C  CD2   . TYR A 1 28  ? -14.755 -8.439  -9.159  1.00 38.31  ? 25  TYR A CD2   1 
ATOM   42   C  CE1   . TYR A 1 28  ? -13.291 -6.377  -10.265 1.00 36.84  ? 25  TYR A CE1   1 
ATOM   43   C  CE2   . TYR A 1 28  ? -13.721 -8.720  -10.037 1.00 38.90  ? 25  TYR A CE2   1 
ATOM   44   C  CZ    . TYR A 1 28  ? -12.987 -7.686  -10.593 1.00 39.15  ? 25  TYR A CZ    1 
ATOM   45   O  OH    . TYR A 1 28  ? -11.956 -7.940  -11.452 1.00 48.54  ? 25  TYR A OH    1 
ATOM   46   N  N     . SER A 1 29  ? -16.891 -4.976  -5.245  1.00 35.01  ? 26  SER A N     1 
ATOM   47   C  CA    . SER A 1 29  ? -18.011 -4.373  -4.477  1.00 34.75  ? 26  SER A CA    1 
ATOM   48   C  C     . SER A 1 29  ? -19.342 -4.812  -5.081  1.00 36.64  ? 26  SER A C     1 
ATOM   49   O  O     . SER A 1 29  ? -19.570 -4.581  -6.267  1.00 41.38  ? 26  SER A O     1 
ATOM   50   C  CB    . SER A 1 29  ? -17.935 -2.879  -4.471  1.00 33.81  ? 26  SER A CB    1 
ATOM   51   O  OG    . SER A 1 29  ? -19.110 -2.348  -3.879  1.00 35.14  ? 26  SER A OG    1 
ATOM   52   N  N     . PRO A 1 30  ? -20.274 -5.405  -4.305  1.00 39.23  ? 27  PRO A N     1 
ATOM   53   C  CA    . PRO A 1 30  ? -21.599 -5.735  -4.828  1.00 40.83  ? 27  PRO A CA    1 
ATOM   54   C  C     . PRO A 1 30  ? -22.415 -4.492  -5.215  1.00 44.44  ? 27  PRO A C     1 
ATOM   55   O  O     . PRO A 1 30  ? -23.423 -4.638  -5.892  1.00 43.26  ? 27  PRO A O     1 
ATOM   56   C  CB    . PRO A 1 30  ? -22.284 -6.470  -3.667  1.00 42.28  ? 27  PRO A CB    1 
ATOM   57   C  CG    . PRO A 1 30  ? -21.559 -5.979  -2.434  1.00 41.26  ? 27  PRO A CG    1 
ATOM   58   C  CD    . PRO A 1 30  ? -20.129 -5.786  -2.893  1.00 40.43  ? 27  PRO A CD    1 
ATOM   59   N  N     . VAL A 1 31  ? -21.997 -3.313  -4.745  1.00 40.33  ? 28  VAL A N     1 
ATOM   60   C  CA    . VAL A 1 31  ? -22.727 -2.027  -4.940  1.00 38.26  ? 28  VAL A CA    1 
ATOM   61   C  C     . VAL A 1 31  ? -22.198 -1.330  -6.195  1.00 38.18  ? 28  VAL A C     1 
ATOM   62   O  O     . VAL A 1 31  ? -23.004 -1.110  -7.117  1.00 42.62  ? 28  VAL A O     1 
ATOM   63   C  CB    . VAL A 1 31  ? -22.609 -1.129  -3.691  1.00 36.66  ? 28  VAL A CB    1 
ATOM   64   C  CG1   . VAL A 1 31  ? -23.265 0.231   -3.896  1.00 37.21  ? 28  VAL A CG1   1 
ATOM   65   C  CG2   . VAL A 1 31  ? -23.164 -1.801  -2.451  1.00 35.18  ? 28  VAL A CG2   1 
ATOM   66   N  N     . THR A 1 32  ? -20.906 -0.992  -6.222  1.00 36.57  ? 29  THR A N     1 
ATOM   67   C  CA    . THR A 1 32  ? -20.236 -0.149  -7.252  1.00 37.52  ? 29  THR A CA    1 
ATOM   68   C  C     . THR A 1 32  ? -19.496 -0.973  -8.317  1.00 37.91  ? 29  THR A C     1 
ATOM   69   O  O     . THR A 1 32  ? -19.060 -0.349  -9.300  1.00 40.84  ? 29  THR A O     1 
ATOM   70   C  CB    . THR A 1 32  ? -19.210 0.806   -6.628  1.00 37.70  ? 29  THR A CB    1 
ATOM   71   O  OG1   . THR A 1 32  ? -18.124 0.058   -6.072  1.00 36.00  ? 29  THR A OG1   1 
ATOM   72   C  CG2   . THR A 1 32  ? -19.818 1.691   -5.560  1.00 36.99  ? 29  THR A CG2   1 
ATOM   73   N  N     . GLY A 1 33  ? -19.286 -2.276  -8.099  1.00 40.34  ? 30  GLY A N     1 
ATOM   74   C  CA    . GLY A 1 33  ? -18.436 -3.131  -8.951  1.00 40.17  ? 30  GLY A CA    1 
ATOM   75   C  C     . GLY A 1 33  ? -16.958 -2.763  -8.882  1.00 39.73  ? 30  GLY A C     1 
ATOM   76   O  O     . GLY A 1 33  ? -16.180 -3.285  -9.701  1.00 40.81  ? 30  GLY A O     1 
ATOM   77   N  N     . ALA A 1 34  ? -16.554 -1.891  -7.946  1.00 37.95  ? 31  ALA A N     1 
ATOM   78   C  CA    . ALA A 1 34  ? -15.140 -1.537  -7.700  1.00 36.41  ? 31  ALA A CA    1 
ATOM   79   C  C     . ALA A 1 34  ? -14.344 -2.800  -7.325  1.00 30.45  ? 31  ALA A C     1 
ATOM   80   O  O     . ALA A 1 34  ? -14.878 -3.612  -6.588  1.00 34.39  ? 31  ALA A O     1 
ATOM   81   C  CB    . ALA A 1 34  ? -15.062 -0.517  -6.593  1.00 36.23  ? 31  ALA A CB    1 
ATOM   82   N  N     . ARG A 1 35  ? -13.126 -2.926  -7.844  1.00 32.23  ? 32  ARG A N     1 
ATOM   83   C  CA    . ARG A 1 35  ? -12.129 -3.955  -7.448  1.00 31.26  ? 32  ARG A CA    1 
ATOM   84   C  C     . ARG A 1 35  ? -11.727 -3.684  -6.001  1.00 32.47  ? 32  ARG A C     1 
ATOM   85   O  O     . ARG A 1 35  ? -11.356 -2.543  -5.693  1.00 30.85  ? 32  ARG A O     1 
ATOM   86   C  CB    . ARG A 1 35  ? -10.915 -3.892  -8.376  1.00 35.01  ? 32  ARG A CB    1 
ATOM   87   C  CG    . ARG A 1 35  ? -9.925  -5.024  -8.174  1.00 37.63  ? 32  ARG A CG    1 
ATOM   88   C  CD    . ARG A 1 35  ? -8.928  -5.061  -9.312  1.00 40.41  ? 32  ARG A CD    1 
ATOM   89   N  NE    . ARG A 1 35  ? -7.980  -3.960  -9.241  1.00 45.22  ? 32  ARG A NE    1 
ATOM   90   C  CZ    . ARG A 1 35  ? -6.750  -4.029  -8.731  1.00 43.81  ? 32  ARG A CZ    1 
ATOM   91   N  NH1   . ARG A 1 35  ? -5.988  -2.950  -8.718  1.00 44.00  ? 32  ARG A NH1   1 
ATOM   92   N  NH2   . ARG A 1 35  ? -6.279  -5.158  -8.227  1.00 48.12  ? 32  ARG A NH2   1 
ATOM   93   N  N     . LEU A 1 36  ? -11.813 -4.692  -5.132  1.00 30.67  ? 33  LEU A N     1 
ATOM   94   C  CA    . LEU A 1 36  ? -11.489 -4.546  -3.699  1.00 31.18  ? 33  LEU A CA    1 
ATOM   95   C  C     . LEU A 1 36  ? -10.001 -4.852  -3.523  1.00 31.09  ? 33  LEU A C     1 
ATOM   96   O  O     . LEU A 1 36  ? -9.548  -5.947  -3.935  1.00 30.29  ? 33  LEU A O     1 
ATOM   97   C  CB    . LEU A 1 36  ? -12.383 -5.467  -2.862  1.00 30.49  ? 33  LEU A CB    1 
ATOM   98   C  CG    . LEU A 1 36  ? -13.883 -5.180  -2.919  1.00 32.18  ? 33  LEU A CG    1 
ATOM   99   C  CD1   . LEU A 1 36  ? -14.665 -6.168  -2.078  1.00 33.43  ? 33  LEU A CD1   1 
ATOM   100  C  CD2   . LEU A 1 36  ? -14.196 -3.750  -2.490  1.00 33.10  ? 33  LEU A CD2   1 
ATOM   101  N  N     . VAL A 1 37  ? -9.271  -3.894  -2.970  1.00 26.83  ? 34  VAL A N     1 
ATOM   102  C  CA    . VAL A 1 37  ? -7.798  -3.950  -2.786  1.00 27.56  ? 34  VAL A CA    1 
ATOM   103  C  C     . VAL A 1 37  ? -7.487  -3.634  -1.325  1.00 27.13  ? 34  VAL A C     1 
ATOM   104  O  O     . VAL A 1 37  ? -8.228  -2.850  -0.704  1.00 26.75  ? 34  VAL A O     1 
ATOM   105  C  CB    . VAL A 1 37  ? -7.094  -2.960  -3.736  1.00 27.08  ? 34  VAL A CB    1 
ATOM   106  C  CG1   . VAL A 1 37  ? -5.651  -2.735  -3.360  1.00 26.93  ? 34  VAL A CG1   1 
ATOM   107  C  CG2   . VAL A 1 37  ? -7.224  -3.393  -5.182  1.00 28.20  ? 34  VAL A CG2   1 
ATOM   108  N  N     . ALA A 1 38  ? -6.453  -4.251  -0.757  1.00 25.58  ? 35  ALA A N     1 
ATOM   109  C  CA    . ALA A 1 38  ? -5.965  -3.890  0.584   1.00 25.25  ? 35  ALA A CA    1 
ATOM   110  C  C     . ALA A 1 38  ? -4.455  -3.766  0.564   1.00 25.72  ? 35  ALA A C     1 
ATOM   111  O  O     . ALA A 1 38  ? -3.781  -4.476  -0.212  1.00 24.79  ? 35  ALA A O     1 
ATOM   112  C  CB    . ALA A 1 38  ? -6.451  -4.869  1.624   1.00 26.81  ? 35  ALA A CB    1 
ATOM   113  N  N     . GLY A 1 39  ? -3.932  -2.918  1.435   1.00 26.17  ? 36  GLY A N     1 
ATOM   114  C  CA    . GLY A 1 39  ? -2.483  -2.763  1.580   1.00 27.38  ? 36  GLY A CA    1 
ATOM   115  C  C     . GLY A 1 39  ? -2.099  -2.056  2.853   1.00 25.40  ? 36  GLY A C     1 
ATOM   116  O  O     . GLY A 1 39  ? -2.983  -1.822  3.734   1.00 25.70  ? 36  GLY A O     1 
ATOM   117  N  N     . CYS A 1 40  ? -0.810  -1.761  2.974   1.00 25.59  ? 37  CYS A N     1 
ATOM   118  C  CA    . CYS A 1 40  ? -0.192  -1.285  4.225   1.00 26.46  ? 37  CYS A CA    1 
ATOM   119  C  C     . CYS A 1 40  ? 0.613   -0.015  3.977   1.00 23.97  ? 37  CYS A C     1 
ATOM   120  O  O     . CYS A 1 40  ? 1.382   0.048   2.992   1.00 27.00  ? 37  CYS A O     1 
ATOM   121  C  CB    . CYS A 1 40  ? 0.712   -2.323  4.883   1.00 28.87  ? 37  CYS A CB    1 
ATOM   122  S  SG    . CYS A 1 40  ? -0.232  -3.689  5.615   1.00 30.17  ? 37  CYS A SG    1 
ATOM   123  N  N     . ILE A 1 41  ? 0.461   0.924   4.895   1.00 23.18  ? 38  ILE A N     1 
ATOM   124  C  CA    . ILE A 1 41  ? 1.424   2.019   5.159   1.00 24.30  ? 38  ILE A CA    1 
ATOM   125  C  C     . ILE A 1 41  ? 2.378   1.490   6.218   1.00 23.68  ? 38  ILE A C     1 
ATOM   126  O  O     . ILE A 1 41  ? 1.987   1.419   7.419   1.00 24.76  ? 38  ILE A O     1 
ATOM   127  C  CB    . ILE A 1 41  ? 0.739   3.328   5.586   1.00 24.29  ? 38  ILE A CB    1 
ATOM   128  C  CG1   . ILE A 1 41  ? -0.267  3.805   4.523   1.00 23.02  ? 38  ILE A CG1   1 
ATOM   129  C  CG2   . ILE A 1 41  ? 1.775   4.378   5.948   1.00 25.03  ? 38  ILE A CG2   1 
ATOM   130  C  CD1   . ILE A 1 41  ? 0.286   4.043   3.119   1.00 25.38  ? 38  ILE A CD1   1 
ATOM   131  N  N     . CYS A 1 42  ? 3.545   1.034   5.772   1.00 24.08  ? 39  CYS A N     1 
ATOM   132  C  CA    . CYS A 1 42  ? 4.517   0.370   6.680   1.00 24.05  ? 39  CYS A CA    1 
ATOM   133  C  C     . CYS A 1 42  ? 5.472   1.401   7.262   1.00 24.13  ? 39  CYS A C     1 
ATOM   134  O  O     . CYS A 1 42  ? 6.325   1.917   6.492   1.00 26.40  ? 39  CYS A O     1 
ATOM   135  C  CB    . CYS A 1 42  ? 5.324   -0.680  5.935   1.00 24.01  ? 39  CYS A CB    1 
ATOM   136  S  SG    . CYS A 1 42  ? 4.309   -1.915  5.116   1.00 26.79  ? 39  CYS A SG    1 
ATOM   137  N  N     . LEU A 1 43  ? 5.424   1.644   8.562   1.00 24.40  ? 40  LEU A N     1 
ATOM   138  C  CA    . LEU A 1 43  ? 6.269   2.674   9.212   1.00 24.99  ? 40  LEU A CA    1 
ATOM   139  C  C     . LEU A 1 43  ? 7.330   2.047   10.114  1.00 27.56  ? 40  LEU A C     1 
ATOM   140  O  O     . LEU A 1 43  ? 7.086   0.984   10.725  1.00 29.10  ? 40  LEU A O     1 
ATOM   141  C  CB    . LEU A 1 43  ? 5.414   3.629   10.051  1.00 25.22  ? 40  LEU A CB    1 
ATOM   142  C  CG    . LEU A 1 43  ? 4.321   4.398   9.310   1.00 25.85  ? 40  LEU A CG    1 
ATOM   143  C  CD1   . LEU A 1 43  ? 3.585   5.284   10.301  1.00 27.00  ? 40  LEU A CD1   1 
ATOM   144  C  CD2   . LEU A 1 43  ? 4.897   5.224   8.164   1.00 26.91  ? 40  LEU A CD2   1 
ATOM   145  N  N     . THR A 1 44  ? 8.475   2.717   10.184  1.00 29.78  ? 41  THR A N     1 
ATOM   146  C  CA    . THR A 1 44  ? 9.523   2.417   11.189  1.00 31.13  ? 41  THR A CA    1 
ATOM   147  C  C     . THR A 1 44  ? 8.926   2.653   12.568  1.00 32.80  ? 41  THR A C     1 
ATOM   148  O  O     . THR A 1 44  ? 7.998   3.449   12.742  1.00 28.76  ? 41  THR A O     1 
ATOM   149  C  CB    . THR A 1 44  ? 10.796  3.216   10.902  1.00 32.21  ? 41  THR A CB    1 
ATOM   150  O  OG1   . THR A 1 44  ? 10.464  4.607   10.993  1.00 31.54  ? 41  THR A OG1   1 
ATOM   151  C  CG2   . THR A 1 44  ? 11.398  2.858   9.559   1.00 32.88  ? 41  THR A CG2   1 
ATOM   152  N  N     . PRO A 1 45  ? 9.411   1.948   13.619  1.00 33.74  ? 42  PRO A N     1 
ATOM   153  C  CA    . PRO A 1 45  ? 8.900   2.152   14.970  1.00 33.86  ? 42  PRO A CA    1 
ATOM   154  C  C     . PRO A 1 45  ? 8.924   3.613   15.439  1.00 34.75  ? 42  PRO A C     1 
ATOM   155  O  O     . PRO A 1 45  ? 8.032   3.977   16.190  1.00 36.72  ? 42  PRO A O     1 
ATOM   156  C  CB    . PRO A 1 45  ? 9.847   1.276   15.810  1.00 36.43  ? 42  PRO A CB    1 
ATOM   157  C  CG    . PRO A 1 45  ? 10.193  0.147   14.879  1.00 36.90  ? 42  PRO A CG    1 
ATOM   158  C  CD    . PRO A 1 45  ? 10.374  0.833   13.541  1.00 38.17  ? 42  PRO A CD    1 
ATOM   159  N  N     . ASP A 1 46  ? 9.924   4.390   14.998  1.00 36.56  ? 43  ASP A N     1 
ATOM   160  C  CA    . ASP A 1 46  ? 10.078  5.815   15.390  1.00 39.93  ? 43  ASP A CA    1 
ATOM   161  C  C     . ASP A 1 46  ? 9.172   6.689   14.515  1.00 38.20  ? 43  ASP A C     1 
ATOM   162  O  O     . ASP A 1 46  ? 9.137   7.897   14.769  1.00 39.74  ? 43  ASP A O     1 
ATOM   163  C  CB    . ASP A 1 46  ? 11.537  6.275   15.344  1.00 42.72  ? 43  ASP A CB    1 
ATOM   164  C  CG    . ASP A 1 46  ? 12.171  6.328   13.966  1.00 45.27  ? 43  ASP A CG    1 
ATOM   165  O  OD1   . ASP A 1 46  ? 13.372  6.660   13.906  1.00 49.41  ? 43  ASP A OD1   1 
ATOM   166  O  OD2   . ASP A 1 46  ? 11.471  6.046   12.967  1.00 43.77  ? 43  ASP A OD2   1 
ATOM   167  N  N     . LYS A 1 47  ? 8.501   6.093   13.522  1.00 36.97  ? 44  LYS A N     1 
ATOM   168  C  CA    . LYS A 1 47  ? 7.437   6.717   12.684  1.00 35.37  ? 44  LYS A CA    1 
ATOM   169  C  C     . LYS A 1 47  ? 8.031   7.809   11.789  1.00 35.48  ? 44  LYS A C     1 
ATOM   170  O  O     . LYS A 1 47  ? 7.265   8.610   11.243  1.00 33.82  ? 44  LYS A O     1 
ATOM   171  C  CB    . LYS A 1 47  ? 6.298   7.215   13.580  1.00 38.82  ? 44  LYS A CB    1 
ATOM   172  C  CG    . LYS A 1 47  ? 5.466   6.075   14.141  1.00 39.50  ? 44  LYS A CG    1 
ATOM   173  C  CD    . LYS A 1 47  ? 4.328   6.478   15.026  1.00 43.40  ? 44  LYS A CD    1 
ATOM   174  C  CE    . LYS A 1 47  ? 3.433   5.299   15.357  1.00 47.47  ? 44  LYS A CE    1 
ATOM   175  N  NZ    . LYS A 1 47  ? 4.216   4.128   15.820  1.00 47.62  ? 44  LYS A NZ    1 
ATOM   176  N  N     . LYS A 1 48  ? 9.343   7.793   11.567  1.00 35.50  ? 45  LYS A N     1 
ATOM   177  C  CA    . LYS A 1 48  ? 10.018  8.818   10.738  1.00 36.85  ? 45  LYS A CA    1 
ATOM   178  C  C     . LYS A 1 48  ? 10.021  8.396   9.271   1.00 34.08  ? 45  LYS A C     1 
ATOM   179  O  O     . LYS A 1 48  ? 10.111  9.293   8.429   1.00 36.81  ? 45  LYS A O     1 
ATOM   180  C  CB    . LYS A 1 48  ? 11.429  9.096   11.261  1.00 38.27  ? 45  LYS A CB    1 
ATOM   181  C  CG    . LYS A 1 48  ? 11.449  9.863   12.571  1.00 44.11  ? 45  LYS A CG    1 
ATOM   182  C  CD    . LYS A 1 48  ? 12.782  10.492  12.887  1.00 49.99  ? 45  LYS A CD    1 
ATOM   183  C  CE    . LYS A 1 48  ? 13.764  9.511   13.482  1.00 55.24  ? 45  LYS A CE    1 
ATOM   184  N  NZ    . LYS A 1 48  ? 14.944  10.201  14.057  1.00 59.65  ? 45  LYS A NZ    1 
ATOM   185  N  N     . GLN A 1 49  ? 9.890   7.102   8.956   1.00 31.18  ? 46  GLN A N     1 
ATOM   186  C  CA    . GLN A 1 49  ? 10.041  6.644   7.559   1.00 30.76  ? 46  GLN A CA    1 
ATOM   187  C  C     . GLN A 1 49  ? 8.926   5.676   7.175   1.00 30.64  ? 46  GLN A C     1 
ATOM   188  O  O     . GLN A 1 49  ? 8.424   4.924   8.058   1.00 30.65  ? 46  GLN A O     1 
ATOM   189  C  CB    . GLN A 1 49  ? 11.409  5.994   7.358   1.00 34.30  ? 46  GLN A CB    1 
ATOM   190  C  CG    . GLN A 1 49  ? 12.573  6.974   7.335   1.00 38.09  ? 46  GLN A CG    1 
ATOM   191  C  CD    . GLN A 1 49  ? 13.855  6.200   7.144   1.00 37.75  ? 46  GLN A CD    1 
ATOM   192  O  OE1   . GLN A 1 49  ? 14.243  5.416   8.000   1.00 44.28  ? 46  GLN A OE1   1 
ATOM   193  N  NE2   . GLN A 1 49  ? 14.482  6.361   5.993   1.00 42.83  ? 46  GLN A NE2   1 
ATOM   194  N  N     . VAL A 1 50  ? 8.577   5.696   5.894   1.00 27.91  ? 47  VAL A N     1 
ATOM   195  C  CA    . VAL A 1 50  ? 7.604   4.750   5.283   1.00 27.23  ? 47  VAL A CA    1 
ATOM   196  C  C     . VAL A 1 50  ? 8.323   3.893   4.242   1.00 28.31  ? 47  VAL A C     1 
ATOM   197  O  O     . VAL A 1 50  ? 9.154   4.382   3.467   1.00 26.22  ? 47  VAL A O     1 
ATOM   198  C  CB    . VAL A 1 50  ? 6.372   5.452   4.678   1.00 26.83  ? 47  VAL A CB    1 
ATOM   199  C  CG1   . VAL A 1 50  ? 6.751   6.533   3.669   1.00 28.58  ? 47  VAL A CG1   1 
ATOM   200  C  CG2   . VAL A 1 50  ? 5.389   4.476   4.051   1.00 26.15  ? 47  VAL A CG2   1 
ATOM   201  N  N     . LEU A 1 51  ? 7.980   2.609   4.192   1.00 26.69  ? 48  LEU A N     1 
ATOM   202  C  CA    . LEU A 1 51  ? 8.536   1.690   3.177   1.00 28.24  ? 48  LEU A CA    1 
ATOM   203  C  C     . LEU A 1 51  ? 7.822   1.871   1.843   1.00 26.60  ? 48  LEU A C     1 
ATOM   204  O  O     . LEU A 1 51  ? 6.590   1.753   1.788   1.00 27.42  ? 48  LEU A O     1 
ATOM   205  C  CB    . LEU A 1 51  ? 8.361   0.252   3.669   1.00 28.53  ? 48  LEU A CB    1 
ATOM   206  C  CG    . LEU A 1 51  ? 9.121   -0.810  2.883   1.00 31.28  ? 48  LEU A CG    1 
ATOM   207  C  CD1   . LEU A 1 51  ? 10.611  -0.652  3.124   1.00 31.99  ? 48  LEU A CD1   1 
ATOM   208  C  CD2   . LEU A 1 51  ? 8.627   -2.211  3.253   1.00 31.25  ? 48  LEU A CD2   1 
ATOM   209  N  N     . MET A 1 52  ? 8.584   2.140   0.777   1.00 26.92  ? 49  MET A N     1 
ATOM   210  C  CA    . MET A 1 52  ? 7.990   2.191   -0.582  1.00 24.84  ? 49  MET A CA    1 
ATOM   211  C  C     . MET A 1 52  ? 8.647   1.145   -1.492  1.00 25.55  ? 49  MET A C     1 
ATOM   212  O  O     . MET A 1 52  ? 9.771   0.717   -1.160  1.00 27.39  ? 49  MET A O     1 
ATOM   213  C  CB    . MET A 1 52  ? 8.145   3.607   -1.160  1.00 24.02  ? 49  MET A CB    1 
ATOM   214  C  CG    . MET A 1 52  ? 7.577   4.625   -0.248  1.00 23.75  ? 49  MET A CG    1 
ATOM   215  S  SD    . MET A 1 52  ? 7.397   6.244   -1.064  1.00 26.91  ? 49  MET A SD    1 
ATOM   216  C  CE    . MET A 1 52  ? 6.079   5.849   -2.166  1.00 23.05  ? 49  MET A CE    1 
ATOM   217  N  N     . ILE A 1 53  ? 7.957   0.760   -2.555  1.00 26.88  ? 50  ILE A N     1 
ATOM   218  C  CA    . ILE A 1 53  ? 8.416   -0.175  -3.622  1.00 28.69  ? 50  ILE A CA    1 
ATOM   219  C  C     . ILE A 1 53  ? 8.224   0.476   -4.994  1.00 29.86  ? 50  ILE A C     1 
ATOM   220  O  O     . ILE A 1 53  ? 7.272   1.250   -5.177  1.00 29.75  ? 50  ILE A O     1 
ATOM   221  C  CB    . ILE A 1 53  ? 7.662   -1.513  -3.534  1.00 31.95  ? 50  ILE A CB    1 
ATOM   222  C  CG1   . ILE A 1 53  ? 6.143   -1.332  -3.655  1.00 32.41  ? 50  ILE A CG1   1 
ATOM   223  C  CG2   . ILE A 1 53  ? 8.092   -2.193  -2.249  1.00 31.20  ? 50  ILE A CG2   1 
ATOM   224  C  CD1   . ILE A 1 53  ? 5.323   -2.599  -3.646  1.00 33.60  ? 50  ILE A CD1   1 
ATOM   225  N  N     . THR A 1 54  ? 9.035   0.078   -5.971  1.00 29.68  ? 51  THR A N     1 
ATOM   226  C  CA    . THR A 1 54  ? 8.791   0.492   -7.367  1.00 31.14  ? 51  THR A CA    1 
ATOM   227  C  C     . THR A 1 54  ? 7.607   -0.291  -7.926  1.00 31.40  ? 51  THR A C     1 
ATOM   228  O  O     . THR A 1 54  ? 7.419   -1.445  -7.548  1.00 31.16  ? 51  THR A O     1 
ATOM   229  C  CB    . THR A 1 54  ? 10.091  0.377   -8.154  1.00 30.16  ? 51  THR A CB    1 
ATOM   230  O  OG1   . THR A 1 54  ? 10.513  -0.992  -8.103  1.00 34.12  ? 51  THR A OG1   1 
ATOM   231  C  CG2   . THR A 1 54  ? 11.139  1.294   -7.570  1.00 32.41  ? 51  THR A CG2   1 
ATOM   232  N  N     . SER A 1 55  ? 6.788   0.363   -8.746  1.00 30.65  ? 52  SER A N     1 
ATOM   233  C  CA    . SER A 1 55  ? 5.674   -0.213  -9.531  1.00 34.23  ? 52  SER A CA    1 
ATOM   234  C  C     . SER A 1 55  ? 6.241   -1.217  -10.545 1.00 38.25  ? 52  SER A C     1 
ATOM   235  O  O     . SER A 1 55  ? 7.359   -0.976  -11.038 1.00 37.47  ? 52  SER A O     1 
ATOM   236  C  CB    . SER A 1 55  ? 4.908   0.897   -10.212 1.00 36.78  ? 52  SER A CB    1 
ATOM   237  O  OG    . SER A 1 55  ? 3.857   0.370   -10.999 1.00 41.05  ? 52  SER A OG    1 
ATOM   238  N  N     . SER A 1 56  ? 5.519   -2.302  -10.838 1.00 43.72  ? 53  SER A N     1 
ATOM   239  C  CA    . SER A 1 56  ? 5.949   -3.309  -11.846 1.00 50.48  ? 53  SER A CA    1 
ATOM   240  C  C     . SER A 1 56  ? 5.735   -2.727  -13.250 1.00 55.15  ? 53  SER A C     1 
ATOM   241  O  O     . SER A 1 56  ? 6.628   -2.896  -14.107 1.00 55.00  ? 53  SER A O     1 
ATOM   242  C  CB    . SER A 1 56  ? 5.243   -4.638  -11.654 1.00 51.81  ? 53  SER A CB    1 
ATOM   243  O  OG    . SER A 1 56  ? 3.853   -4.523  -11.920 1.00 58.15  ? 53  SER A OG    1 
ATOM   244  N  N     . ALA A 1 57  ? 4.609   -2.034  -13.447 1.00 61.57  ? 54  ALA A N     1 
ATOM   245  C  CA    . ALA A 1 57  ? 4.206   -1.368  -14.709 1.00 60.39  ? 54  ALA A CA    1 
ATOM   246  C  C     . ALA A 1 57  ? 5.183   -0.234  -15.049 1.00 62.24  ? 54  ALA A C     1 
ATOM   247  O  O     . ALA A 1 57  ? 5.680   -0.211  -16.192 1.00 69.00  ? 54  ALA A O     1 
ATOM   248  C  CB    . ALA A 1 57  ? 2.789   -0.865  -14.579 1.00 61.72  ? 54  ALA A CB    1 
ATOM   249  N  N     . HIS A 1 58  ? 5.453   0.659   -14.088 1.00 60.74  ? 55  HIS A N     1 
ATOM   250  C  CA    . HIS A 1 58  ? 6.290   1.882   -14.237 1.00 58.51  ? 55  HIS A CA    1 
ATOM   251  C  C     . HIS A 1 58  ? 7.445   1.840   -13.230 1.00 53.62  ? 55  HIS A C     1 
ATOM   252  O  O     . HIS A 1 58  ? 7.267   2.315   -12.100 1.00 51.60  ? 55  HIS A O     1 
ATOM   253  C  CB    . HIS A 1 58  ? 5.425   3.141   -14.058 1.00 66.11  ? 55  HIS A CB    1 
ATOM   254  C  CG    . HIS A 1 58  ? 4.030   3.002   -14.572 1.00 72.29  ? 55  HIS A CG    1 
ATOM   255  N  ND1   . HIS A 1 58  ? 3.677   3.363   -15.861 1.00 76.16  ? 55  HIS A ND1   1 
ATOM   256  C  CD2   . HIS A 1 58  ? 2.903   2.542   -13.982 1.00 75.23  ? 55  HIS A CD2   1 
ATOM   257  C  CE1   . HIS A 1 58  ? 2.392   3.129   -16.043 1.00 79.66  ? 55  HIS A CE1   1 
ATOM   258  N  NE2   . HIS A 1 58  ? 1.893   2.622   -14.905 1.00 78.92  ? 55  HIS A NE2   1 
ATOM   259  N  N     . LYS A 1 59  ? 8.607   1.337   -13.647 1.00 48.73  ? 56  LYS A N     1 
ATOM   260  C  CA    . LYS A 1 59  ? 9.712   0.897   -12.750 1.00 50.25  ? 56  LYS A CA    1 
ATOM   261  C  C     . LYS A 1 59  ? 10.462  2.075   -12.112 1.00 47.54  ? 56  LYS A C     1 
ATOM   262  O  O     . LYS A 1 59  ? 11.305  1.815   -11.228 1.00 44.22  ? 56  LYS A O     1 
ATOM   263  C  CB    . LYS A 1 59  ? 10.681  0.013   -13.539 1.00 57.09  ? 56  LYS A CB    1 
ATOM   264  C  CG    . LYS A 1 59  ? 10.027  -1.163  -14.251 1.00 62.66  ? 56  LYS A CG    1 
ATOM   265  C  CD    . LYS A 1 59  ? 10.934  -2.370  -14.407 1.00 66.73  ? 56  LYS A CD    1 
ATOM   266  C  CE    . LYS A 1 59  ? 10.424  -3.369  -15.428 1.00 70.26  ? 56  LYS A CE    1 
ATOM   267  N  NZ    . LYS A 1 59  ? 9.013   -3.758  -15.180 1.00 70.41  ? 56  LYS A NZ    1 
ATOM   268  N  N     . LYS A 1 60  ? 10.216  3.319   -12.538 1.00 44.63  ? 57  LYS A N     1 
ATOM   269  C  CA    . LYS A 1 60  ? 10.866  4.513   -11.935 1.00 45.66  ? 57  LYS A CA    1 
ATOM   270  C  C     . LYS A 1 60  ? 9.907   5.181   -10.937 1.00 43.49  ? 57  LYS A C     1 
ATOM   271  O  O     . LYS A 1 60  ? 10.329  6.173   -10.298 1.00 43.88  ? 57  LYS A O     1 
ATOM   272  C  CB    . LYS A 1 60  ? 11.303  5.485   -13.036 1.00 51.40  ? 57  LYS A CB    1 
ATOM   273  C  CG    . LYS A 1 60  ? 12.143  4.862   -14.146 1.00 56.84  ? 57  LYS A CG    1 
ATOM   274  C  CD    . LYS A 1 60  ? 13.236  5.773   -14.681 1.00 62.12  ? 57  LYS A CD    1 
ATOM   275  C  CE    . LYS A 1 60  ? 14.425  5.907   -13.745 1.00 66.31  ? 57  LYS A CE    1 
ATOM   276  N  NZ    . LYS A 1 60  ? 15.302  4.711   -13.777 1.00 69.89  ? 57  LYS A NZ    1 
ATOM   277  N  N     . ARG A 1 61  ? 8.685   4.655   -10.801 1.00 38.73  ? 58  ARG A N     1 
ATOM   278  C  CA    . ARG A 1 61  ? 7.612   5.216   -9.928  1.00 38.04  ? 58  ARG A CA    1 
ATOM   279  C  C     . ARG A 1 61  ? 7.527   4.412   -8.621  1.00 37.11  ? 58  ARG A C     1 
ATOM   280  O  O     . ARG A 1 61  ? 7.446   3.169   -8.716  1.00 38.23  ? 58  ARG A O     1 
ATOM   281  C  CB    . ARG A 1 61  ? 6.264   5.204   -10.653 1.00 41.74  ? 58  ARG A CB    1 
ATOM   282  C  CG    . ARG A 1 61  ? 6.193   6.190   -11.811 1.00 48.42  ? 58  ARG A CG    1 
ATOM   283  C  CD    . ARG A 1 61  ? 4.853   6.199   -12.522 1.00 53.33  ? 58  ARG A CD    1 
ATOM   284  N  NE    . ARG A 1 61  ? 4.843   7.151   -13.629 1.00 58.46  ? 58  ARG A NE    1 
ATOM   285  C  CZ    . ARG A 1 61  ? 3.875   7.259   -14.537 1.00 61.69  ? 58  ARG A CZ    1 
ATOM   286  N  NH1   . ARG A 1 61  ? 2.817   6.464   -14.485 1.00 62.17  ? 58  ARG A NH1   1 
ATOM   287  N  NH2   . ARG A 1 61  ? 3.975   8.165   -15.497 1.00 62.04  ? 58  ARG A NH2   1 
ATOM   288  N  N     . TRP A 1 62  ? 7.522   5.116   -7.480  1.00 32.06  ? 59  TRP A N     1 
ATOM   289  C  CA    . TRP A 1 62  ? 7.534   4.552   -6.101  1.00 27.23  ? 59  TRP A CA    1 
ATOM   290  C  C     . TRP A 1 62  ? 6.126   4.610   -5.519  1.00 29.46  ? 59  TRP A C     1 
ATOM   291  O  O     . TRP A 1 62  ? 5.508   5.688   -5.492  1.00 27.33  ? 59  TRP A O     1 
ATOM   292  C  CB    . TRP A 1 62  ? 8.517   5.285   -5.193  1.00 28.19  ? 59  TRP A CB    1 
ATOM   293  C  CG    . TRP A 1 62  ? 9.934   5.066   -5.601  1.00 30.81  ? 59  TRP A CG    1 
ATOM   294  C  CD1   . TRP A 1 62  ? 10.647  5.764   -6.537  1.00 32.87  ? 59  TRP A CD1   1 
ATOM   295  C  CD2   . TRP A 1 62  ? 10.798  4.035   -5.113  1.00 30.71  ? 59  TRP A CD2   1 
ATOM   296  N  NE1   . TRP A 1 62  ? 11.908  5.242   -6.651  1.00 34.37  ? 59  TRP A NE1   1 
ATOM   297  C  CE2   . TRP A 1 62  ? 12.026  4.169   -5.800  1.00 32.85  ? 59  TRP A CE2   1 
ATOM   298  C  CE3   . TRP A 1 62  ? 10.652  3.011   -4.172  1.00 32.37  ? 59  TRP A CE3   1 
ATOM   299  C  CZ2   . TRP A 1 62  ? 13.109  3.332   -5.544  1.00 32.78  ? 59  TRP A CZ2   1 
ATOM   300  C  CZ3   . TRP A 1 62  ? 11.721  2.176   -3.937  1.00 31.31  ? 59  TRP A CZ3   1 
ATOM   301  C  CH2   . TRP A 1 62  ? 12.930  2.336   -4.613  1.00 32.29  ? 59  TRP A CH2   1 
ATOM   302  N  N     . ILE A 1 63  ? 5.622   3.465   -5.089  1.00 25.77  ? 60  ILE A N     1 
ATOM   303  C  CA    . ILE A 1 63  ? 4.258   3.331   -4.519  1.00 26.09  ? 60  ILE A CA    1 
ATOM   304  C  C     . ILE A 1 63  ? 4.418   2.569   -3.195  1.00 24.05  ? 60  ILE A C     1 
ATOM   305  O  O     . ILE A 1 63  ? 5.531   2.548   -2.636  1.00 24.43  ? 60  ILE A O     1 
ATOM   306  C  CB    . ILE A 1 63  ? 3.274   2.649   -5.498  1.00 26.68  ? 60  ILE A CB    1 
ATOM   307  C  CG1   . ILE A 1 63  ? 3.722   1.242   -5.918  1.00 29.48  ? 60  ILE A CG1   1 
ATOM   308  C  CG2   . ILE A 1 63  ? 2.972   3.532   -6.719  1.00 27.43  ? 60  ILE A CG2   1 
ATOM   309  C  CD1   . ILE A 1 63  ? 2.733   0.504   -6.795  1.00 29.97  ? 60  ILE A CD1   1 
ATOM   310  N  N     . VAL A 1 64  ? 3.299   2.112   -2.650  1.00 26.91  ? 61  VAL A N     1 
ATOM   311  C  CA    . VAL A 1 64  ? 3.279   1.309   -1.402  1.00 25.33  ? 61  VAL A CA    1 
ATOM   312  C  C     . VAL A 1 64  ? 2.690   -0.057  -1.706  1.00 24.77  ? 61  VAL A C     1 
ATOM   313  O  O     . VAL A 1 64  ? 2.006   -0.271  -2.686  1.00 24.85  ? 61  VAL A O     1 
ATOM   314  C  CB    . VAL A 1 64  ? 2.474   2.023   -0.310  1.00 25.83  ? 61  VAL A CB    1 
ATOM   315  C  CG1   . VAL A 1 64  ? 3.184   3.288   0.138   1.00 24.43  ? 61  VAL A CG1   1 
ATOM   316  C  CG2   . VAL A 1 64  ? 1.032   2.244   -0.713  1.00 25.26  ? 61  VAL A CG2   1 
ATOM   317  N  N     . PRO A 1 65  ? 2.917   -1.053  -0.824  1.00 24.51  ? 62  PRO A N     1 
ATOM   318  C  CA    . PRO A 1 65  ? 2.336   -2.362  -1.077  1.00 25.15  ? 62  PRO A CA    1 
ATOM   319  C  C     . PRO A 1 65  ? 0.817   -2.415  -0.905  1.00 23.27  ? 62  PRO A C     1 
ATOM   320  O  O     . PRO A 1 65  ? 0.284   -1.964  0.124   1.00 24.59  ? 62  PRO A O     1 
ATOM   321  C  CB    . PRO A 1 65  ? 3.010   -3.276  -0.041  1.00 24.18  ? 62  PRO A CB    1 
ATOM   322  C  CG    . PRO A 1 65  ? 4.092   -2.443  0.570   1.00 25.36  ? 62  PRO A CG    1 
ATOM   323  C  CD    . PRO A 1 65  ? 3.722   -0.986  0.392   1.00 25.47  ? 62  PRO A CD    1 
ATOM   324  N  N     . LYS A 1 66  ? 0.159   -3.024  -1.886  1.00 24.02  ? 63  LYS A N     1 
ATOM   325  C  CA    . LYS A 1 66  ? -1.291  -3.289  -1.876  1.00 25.54  ? 63  LYS A CA    1 
ATOM   326  C  C     . LYS A 1 66  ? -1.599  -4.240  -3.013  1.00 27.95  ? 63  LYS A C     1 
ATOM   327  O  O     . LYS A 1 66  ? -0.775  -4.346  -3.954  1.00 32.00  ? 63  LYS A O     1 
ATOM   328  C  CB    . LYS A 1 66  ? -2.138  -2.007  -2.043  1.00 25.91  ? 63  LYS A CB    1 
ATOM   329  C  CG    . LYS A 1 66  ? -2.230  -1.387  -3.443  1.00 28.81  ? 63  LYS A CG    1 
ATOM   330  C  CD    . LYS A 1 66  ? -1.102  -0.445  -3.798  1.00 29.84  ? 63  LYS A CD    1 
ATOM   331  C  CE    . LYS A 1 66  ? -1.132  0.022   -5.247  1.00 30.16  ? 63  LYS A CE    1 
ATOM   332  N  NZ    . LYS A 1 66  ? -1.017  -1.087  -6.227  1.00 33.85  ? 63  LYS A NZ    1 
ATOM   333  N  N     . GLY A 1 67  ? -2.751  -4.873  -2.944  1.00 26.16  ? 64  GLY A N     1 
ATOM   334  C  CA    . GLY A 1 67  ? -3.219  -5.751  -4.018  1.00 27.15  ? 64  GLY A CA    1 
ATOM   335  C  C     . GLY A 1 67  ? -4.607  -6.273  -3.791  1.00 26.38  ? 64  GLY A C     1 
ATOM   336  O  O     . GLY A 1 67  ? -5.205  -6.044  -2.699  1.00 25.03  ? 64  GLY A O     1 
ATOM   337  N  N     . GLY A 1 68  ? -5.123  -6.962  -4.806  1.00 28.98  ? 65  GLY A N     1 
ATOM   338  C  CA    . GLY A 1 68  ? -6.504  -7.445  -4.868  1.00 28.73  ? 65  GLY A CA    1 
ATOM   339  C  C     . GLY A 1 68  ? -6.815  -8.471  -3.782  1.00 32.14  ? 65  GLY A C     1 
ATOM   340  O  O     . GLY A 1 68  ? -6.011  -9.410  -3.573  1.00 32.04  ? 65  GLY A O     1 
ATOM   341  N  N     . VAL A 1 69  ? -7.925  -8.249  -3.084  1.00 30.20  ? 66  VAL A N     1 
ATOM   342  C  CA    . VAL A 1 69  ? -8.564  -9.237  -2.180  1.00 30.56  ? 66  VAL A CA    1 
ATOM   343  C  C     . VAL A 1 69  ? -8.928  -10.450 -3.044  1.00 33.50  ? 66  VAL A C     1 
ATOM   344  O  O     . VAL A 1 69  ? -9.444  -10.254 -4.149  1.00 33.68  ? 66  VAL A O     1 
ATOM   345  C  CB    . VAL A 1 69  ? -9.788  -8.647  -1.453  1.00 31.57  ? 66  VAL A CB    1 
ATOM   346  C  CG1   . VAL A 1 69  ? -10.407 -9.649  -0.495  1.00 32.09  ? 66  VAL A CG1   1 
ATOM   347  C  CG2   . VAL A 1 69  ? -9.444  -7.364  -0.698  1.00 29.86  ? 66  VAL A CG2   1 
ATOM   348  N  N     . GLU A 1 70  ? -8.677  -11.652 -2.525  1.00 34.33  ? 67  GLU A N     1 
ATOM   349  C  CA    . GLU A 1 70  ? -8.994  -12.944 -3.192  1.00 37.54  ? 67  GLU A CA    1 
ATOM   350  C  C     . GLU A 1 70  ? -10.172 -13.609 -2.475  1.00 38.27  ? 67  GLU A C     1 
ATOM   351  O  O     . GLU A 1 70  ? -10.397 -13.307 -1.295  1.00 37.61  ? 67  GLU A O     1 
ATOM   352  C  CB    . GLU A 1 70  ? -7.725  -13.786 -3.233  1.00 38.57  ? 67  GLU A CB    1 
ATOM   353  C  CG    . GLU A 1 70  ? -6.687  -13.221 -4.183  1.00 40.54  ? 67  GLU A CG    1 
ATOM   354  C  CD    . GLU A 1 70  ? -5.337  -13.906 -4.160  1.00 43.73  ? 67  GLU A CD    1 
ATOM   355  O  OE1   . GLU A 1 70  ? -5.127  -14.784 -3.295  1.00 46.45  ? 67  GLU A OE1   1 
ATOM   356  O  OE2   . GLU A 1 70  ? -4.494  -13.550 -5.005  1.00 48.10  ? 67  GLU A OE2   1 
ATOM   357  N  N     . LYS A 1 71  ? -10.893 -14.476 -3.189  1.00 41.96  ? 68  LYS A N     1 
ATOM   358  C  CA    . LYS A 1 71  ? -12.238 -14.999 -2.828  1.00 47.93  ? 68  LYS A CA    1 
ATOM   359  C  C     . LYS A 1 71  ? -12.265 -15.612 -1.420  1.00 47.48  ? 68  LYS A C     1 
ATOM   360  O  O     . LYS A 1 71  ? -13.300 -15.473 -0.756  1.00 53.73  ? 68  LYS A O     1 
ATOM   361  C  CB    . LYS A 1 71  ? -12.698 -16.044 -3.852  1.00 52.03  ? 68  LYS A CB    1 
ATOM   362  C  CG    . LYS A 1 71  ? -13.032 -15.494 -5.231  1.00 57.74  ? 68  LYS A CG    1 
ATOM   363  C  CD    . LYS A 1 71  ? -13.634 -16.522 -6.178  1.00 61.63  ? 68  LYS A CD    1 
ATOM   364  C  CE    . LYS A 1 71  ? -13.605 -16.091 -7.631  1.00 64.00  ? 68  LYS A CE    1 
ATOM   365  N  NZ    . LYS A 1 71  ? -14.844 -15.384 -8.033  1.00 65.56  ? 68  LYS A NZ    1 
ATOM   366  N  N     . ASP A 1 72  ? -11.216 -16.290 -0.966  1.00 48.26  ? 69  ASP A N     1 
ATOM   367  C  CA    . ASP A 1 72  ? -11.317 -17.030 0.323   1.00 55.15  ? 69  ASP A CA    1 
ATOM   368  C  C     . ASP A 1 72  ? -10.969 -16.126 1.517   1.00 50.68  ? 69  ASP A C     1 
ATOM   369  O  O     . ASP A 1 72  ? -11.295 -16.510 2.648   1.00 49.12  ? 69  ASP A O     1 
ATOM   370  C  CB    . ASP A 1 72  ? -10.425 -18.270 0.332   1.00 61.57  ? 69  ASP A CB    1 
ATOM   371  C  CG    . ASP A 1 72  ? -8.973  -17.934 0.623   1.00 68.69  ? 69  ASP A CG    1 
ATOM   372  O  OD1   . ASP A 1 72  ? -8.267  -17.532 -0.328  1.00 73.91  ? 69  ASP A OD1   1 
ATOM   373  O  OD2   . ASP A 1 72  ? -8.570  -18.045 1.805   1.00 75.94  ? 69  ASP A OD2   1 
ATOM   374  N  N     . GLU A 1 73  ? -10.322 -14.977 1.298   1.00 43.24  ? 70  GLU A N     1 
ATOM   375  C  CA    . GLU A 1 73  ? -9.674  -14.213 2.391   1.00 39.99  ? 70  GLU A CA    1 
ATOM   376  C  C     . GLU A 1 73  ? -10.764 -13.683 3.320   1.00 36.81  ? 70  GLU A C     1 
ATOM   377  O  O     . GLU A 1 73  ? -11.731 -13.067 2.868   1.00 40.37  ? 70  GLU A O     1 
ATOM   378  C  CB    . GLU A 1 73  ? -8.759  -13.133 1.799   1.00 35.80  ? 70  GLU A CB    1 
ATOM   379  C  CG    . GLU A 1 73  ? -7.683  -13.699 0.879   1.00 36.30  ? 70  GLU A CG    1 
ATOM   380  C  CD    . GLU A 1 73  ? -6.533  -12.762 0.549   1.00 39.82  ? 70  GLU A CD    1 
ATOM   381  O  OE1   . GLU A 1 73  ? -6.729  -11.846 -0.287  1.00 34.91  ? 70  GLU A OE1   1 
ATOM   382  O  OE2   . GLU A 1 73  ? -5.445  -12.960 1.110   1.00 39.39  ? 70  GLU A OE2   1 
ATOM   383  N  N     . PRO A 1 74  ? -10.666 -13.933 4.649   1.00 38.21  ? 71  PRO A N     1 
ATOM   384  C  CA    . PRO A 1 74  ? -11.744 -13.602 5.583   1.00 39.72  ? 71  PRO A CA    1 
ATOM   385  C  C     . PRO A 1 74  ? -11.806 -12.144 6.061   1.00 38.03  ? 71  PRO A C     1 
ATOM   386  O  O     . PRO A 1 74  ? -12.801 -11.757 6.645   1.00 40.39  ? 71  PRO A O     1 
ATOM   387  C  CB    . PRO A 1 74  ? -11.427 -14.507 6.785   1.00 40.98  ? 71  PRO A CB    1 
ATOM   388  C  CG    . PRO A 1 74  ? -9.916  -14.615 6.782   1.00 42.12  ? 71  PRO A CG    1 
ATOM   389  C  CD    . PRO A 1 74  ? -9.531  -14.594 5.316   1.00 39.10  ? 71  PRO A CD    1 
ATOM   390  N  N     . ASN A 1 75  ? -10.752 -11.365 5.816   1.00 35.97  ? 72  ASN A N     1 
ATOM   391  C  CA    . ASN A 1 75  ? -10.714 -9.944  6.244   1.00 33.63  ? 72  ASN A CA    1 
ATOM   392  C  C     . ASN A 1 75  ? -9.691  -9.193  5.395   1.00 30.71  ? 72  ASN A C     1 
ATOM   393  O  O     . ASN A 1 75  ? -8.844  -9.831  4.741   1.00 31.70  ? 72  ASN A O     1 
ATOM   394  C  CB    . ASN A 1 75  ? -10.394 -9.793  7.727   1.00 32.45  ? 72  ASN A CB    1 
ATOM   395  C  CG    . ASN A 1 75  ? -9.217  -10.637 8.153   1.00 35.94  ? 72  ASN A CG    1 
ATOM   396  O  OD1   . ASN A 1 75  ? -8.117  -10.498 7.612   1.00 34.86  ? 72  ASN A OD1   1 
ATOM   397  N  ND2   . ASN A 1 75  ? -9.444  -11.517 9.122   1.00 39.00  ? 72  ASN A ND2   1 
ATOM   398  N  N     . TYR A 1 76  ? -9.739  -7.863  5.436   1.00 30.00  ? 73  TYR A N     1 
ATOM   399  C  CA    . TYR A 1 76  ? -8.813  -7.028  4.638   1.00 29.58  ? 73  TYR A CA    1 
ATOM   400  C  C     . TYR A 1 76  ? -7.407  -7.058  5.236   1.00 25.51  ? 73  TYR A C     1 
ATOM   401  O  O     . TYR A 1 76  ? -6.456  -6.937  4.455   1.00 27.88  ? 73  TYR A O     1 
ATOM   402  C  CB    . TYR A 1 76  ? -9.347  -5.596  4.527   1.00 27.92  ? 73  TYR A CB    1 
ATOM   403  C  CG    . TYR A 1 76  ? -10.594 -5.455  3.694   1.00 28.16  ? 73  TYR A CG    1 
ATOM   404  C  CD1   . TYR A 1 76  ? -10.550 -5.512  2.309   1.00 28.34  ? 73  TYR A CD1   1 
ATOM   405  C  CD2   . TYR A 1 76  ? -11.831 -5.262  4.297   1.00 28.81  ? 73  TYR A CD2   1 
ATOM   406  C  CE1   . TYR A 1 76  ? -11.696 -5.390  1.533   1.00 27.67  ? 73  TYR A CE1   1 
ATOM   407  C  CE2   . TYR A 1 76  ? -12.985 -5.133  3.533   1.00 28.32  ? 73  TYR A CE2   1 
ATOM   408  C  CZ    . TYR A 1 76  ? -12.917 -5.194  2.156   1.00 29.75  ? 73  TYR A CZ    1 
ATOM   409  O  OH    . TYR A 1 76  ? -14.060 -5.044  1.418   1.00 33.86  ? 73  TYR A OH    1 
ATOM   410  N  N     . GLU A 1 77  ? -7.248  -7.237  6.547   1.00 27.50  ? 74  GLU A N     1 
ATOM   411  C  CA    . GLU A 1 77  ? -5.909  -7.349  7.189   1.00 27.00  ? 74  GLU A CA    1 
ATOM   412  C  C     . GLU A 1 77  ? -5.122  -8.492  6.530   1.00 25.94  ? 74  GLU A C     1 
ATOM   413  O  O     . GLU A 1 77  ? -3.906  -8.322  6.316   1.00 28.45  ? 74  GLU A O     1 
ATOM   414  C  CB    . GLU A 1 77  ? -6.031  -7.557  8.700   1.00 31.69  ? 74  GLU A CB    1 
ATOM   415  C  CG    . GLU A 1 77  ? -6.623  -6.346  9.416   1.00 31.27  ? 74  GLU A CG    1 
ATOM   416  C  CD    . GLU A 1 77  ? -8.134  -6.348  9.609   1.00 34.81  ? 74  GLU A CD    1 
ATOM   417  O  OE1   . GLU A 1 77  ? -8.867  -6.944  8.774   1.00 33.93  ? 74  GLU A OE1   1 
ATOM   418  O  OE2   . GLU A 1 77  ? -8.577  -5.705  10.583  1.00 38.01  ? 74  GLU A OE2   1 
ATOM   419  N  N     . THR A 1 78  ? -5.776  -9.636  6.288   1.00 27.77  ? 75  THR A N     1 
ATOM   420  C  CA    . THR A 1 78  ? -5.146  -10.825 5.647   1.00 29.67  ? 75  THR A CA    1 
ATOM   421  C  C     . THR A 1 78  ? -4.535  -10.415 4.301   1.00 28.28  ? 75  THR A C     1 
ATOM   422  O  O     . THR A 1 78  ? -3.346  -10.693 4.068   1.00 29.05  ? 75  THR A O     1 
ATOM   423  C  CB    . THR A 1 78  ? -6.136  -11.983 5.485   1.00 31.58  ? 75  THR A CB    1 
ATOM   424  O  OG1   . THR A 1 78  ? -6.583  -12.346 6.790   1.00 34.36  ? 75  THR A OG1   1 
ATOM   425  C  CG2   . THR A 1 78  ? -5.523  -13.188 4.801   1.00 33.89  ? 75  THR A CG2   1 
ATOM   426  N  N     . THR A 1 79  ? -5.348  -9.830  3.427   1.00 28.24  ? 76  THR A N     1 
ATOM   427  C  CA    . THR A 1 79  ? -4.913  -9.345  2.096   1.00 27.42  ? 76  THR A CA    1 
ATOM   428  C  C     . THR A 1 79  ? -3.741  -8.376  2.258   1.00 26.14  ? 76  THR A C     1 
ATOM   429  O  O     . THR A 1 79  ? -2.746  -8.537  1.557   1.00 25.92  ? 76  THR A O     1 
ATOM   430  C  CB    . THR A 1 79  ? -6.065  -8.673  1.336   1.00 26.91  ? 76  THR A CB    1 
ATOM   431  O  OG1   . THR A 1 79  ? -7.135  -9.605  1.231   1.00 29.99  ? 76  THR A OG1   1 
ATOM   432  C  CG2   . THR A 1 79  ? -5.649  -8.190  -0.033  1.00 27.04  ? 76  THR A CG2   1 
ATOM   433  N  N     . ALA A 1 80  ? -3.864  -7.376  3.131   1.00 27.56  ? 77  ALA A N     1 
ATOM   434  C  CA    . ALA A 1 80  ? -2.832  -6.328  3.322   1.00 26.02  ? 77  ALA A CA    1 
ATOM   435  C  C     . ALA A 1 80  ? -1.487  -6.955  3.713   1.00 27.51  ? 77  ALA A C     1 
ATOM   436  O  O     . ALA A 1 80  ? -0.431  -6.562  3.189   1.00 27.91  ? 77  ALA A O     1 
ATOM   437  C  CB    . ALA A 1 80  ? -3.293  -5.344  4.365   1.00 24.96  ? 77  ALA A CB    1 
ATOM   438  N  N     . GLN A 1 81  ? -1.497  -7.852  4.690   1.00 27.52  ? 78  GLN A N     1 
ATOM   439  C  CA    . GLN A 1 81  ? -0.232  -8.453  5.182   1.00 29.19  ? 78  GLN A CA    1 
ATOM   440  C  C     . GLN A 1 81  ? 0.345   -9.423  4.148   1.00 25.63  ? 78  GLN A C     1 
ATOM   441  O  O     . GLN A 1 81  ? 1.581   -9.494  4.062   1.00 26.86  ? 78  GLN A O     1 
ATOM   442  C  CB    . GLN A 1 81  ? -0.455  -9.035  6.575   1.00 31.93  ? 78  GLN A CB    1 
ATOM   443  C  CG    . GLN A 1 81  ? -0.396  -7.916  7.596   1.00 35.40  ? 78  GLN A CG    1 
ATOM   444  C  CD    . GLN A 1 81  ? -0.569  -8.357  9.021   1.00 34.71  ? 78  GLN A CD    1 
ATOM   445  O  OE1   . GLN A 1 81  ? 0.348   -8.250  9.826   1.00 33.76  ? 78  GLN A OE1   1 
ATOM   446  N  NE2   . GLN A 1 81  ? -1.780  -8.784  9.338   1.00 36.72  ? 78  GLN A NE2   1 
ATOM   447  N  N     . ARG A 1 82  ? -0.497  -10.126 3.404   1.00 26.63  ? 79  ARG A N     1 
ATOM   448  C  CA    . ARG A 1 82  ? -0.044  -11.033 2.322   1.00 28.24  ? 79  ARG A CA    1 
ATOM   449  C  C     . ARG A 1 82  ? 0.682   -10.202 1.264   1.00 27.91  ? 79  ARG A C     1 
ATOM   450  O  O     . ARG A 1 82  ? 1.777   -10.586 0.875   1.00 27.40  ? 79  ARG A O     1 
ATOM   451  C  CB    . ARG A 1 82  ? -1.203  -11.830 1.726   1.00 29.98  ? 79  ARG A CB    1 
ATOM   452  C  CG    . ARG A 1 82  ? -0.831  -12.609 0.475   1.00 30.29  ? 79  ARG A CG    1 
ATOM   453  C  CD    . ARG A 1 82  ? -1.982  -13.419 -0.061  1.00 33.17  ? 79  ARG A CD    1 
ATOM   454  N  NE    . ARG A 1 82  ? -3.129  -12.638 -0.473  1.00 32.90  ? 79  ARG A NE    1 
ATOM   455  C  CZ    . ARG A 1 82  ? -3.195  -11.924 -1.588  1.00 34.57  ? 79  ARG A CZ    1 
ATOM   456  N  NH1   . ARG A 1 82  ? -2.151  -11.852 -2.400  1.00 35.16  ? 79  ARG A NH1   1 
ATOM   457  N  NH2   . ARG A 1 82  ? -4.303  -11.265 -1.875  1.00 31.68  ? 79  ARG A NH2   1 
ATOM   458  N  N     . GLU A 1 83  ? 0.089   -9.089  0.834   1.00 28.50  ? 80  GLU A N     1 
ATOM   459  C  CA    . GLU A 1 83  ? 0.660   -8.254  -0.256  1.00 28.06  ? 80  GLU A CA    1 
ATOM   460  C  C     . GLU A 1 83  ? 1.932   -7.553  0.234   1.00 26.26  ? 80  GLU A C     1 
ATOM   461  O  O     . GLU A 1 83  ? 2.855   -7.360  -0.590  1.00 28.52  ? 80  GLU A O     1 
ATOM   462  C  CB    . GLU A 1 83  ? -0.401  -7.267  -0.778  1.00 28.05  ? 80  GLU A CB    1 
ATOM   463  C  CG    . GLU A 1 83  ? -1.572  -7.919  -1.495  1.00 29.74  ? 80  GLU A CG    1 
ATOM   464  C  CD    . GLU A 1 83  ? -1.299  -8.445  -2.888  1.00 34.49  ? 80  GLU A CD    1 
ATOM   465  O  OE1   . GLU A 1 83  ? -2.212  -9.089  -3.473  1.00 45.15  ? 80  GLU A OE1   1 
ATOM   466  O  OE2   . GLU A 1 83  ? -0.202  -8.204  -3.391  1.00 40.32  ? 80  GLU A OE2   1 
ATOM   467  N  N     . THR A 1 84  ? 2.027   -7.157  1.502   1.00 23.83  ? 81  THR A N     1 
ATOM   468  C  CA    . THR A 1 84  ? 3.195   -6.487  2.110   1.00 24.69  ? 81  THR A CA    1 
ATOM   469  C  C     . THR A 1 84  ? 4.367   -7.490  2.149   1.00 26.70  ? 81  THR A C     1 
ATOM   470  O  O     . THR A 1 84  ? 5.512   -7.100  1.880   1.00 27.47  ? 81  THR A O     1 
ATOM   471  C  CB    . THR A 1 84  ? 2.818   -5.929  3.480   1.00 27.98  ? 81  THR A CB    1 
ATOM   472  O  OG1   . THR A 1 84  ? 1.802   -4.944  3.257   1.00 30.34  ? 81  THR A OG1   1 
ATOM   473  C  CG2   . THR A 1 84  ? 3.986   -5.321  4.211   1.00 28.41  ? 81  THR A CG2   1 
ATOM   474  N  N     . TRP A 1 85  ? 4.062   -8.771  2.399   1.00 26.62  ? 82  TRP A N     1 
ATOM   475  C  CA    . TRP A 1 85  ? 5.100   -9.835  2.302   1.00 27.06  ? 82  TRP A CA    1 
ATOM   476  C  C     . TRP A 1 85  ? 5.518   -10.017 0.835   1.00 24.33  ? 82  TRP A C     1 
ATOM   477  O  O     . TRP A 1 85  ? 6.728   -9.959  0.533   1.00 27.39  ? 82  TRP A O     1 
ATOM   478  C  CB    . TRP A 1 85  ? 4.667   -11.173 2.947   1.00 27.21  ? 82  TRP A CB    1 
ATOM   479  C  CG    . TRP A 1 85  ? 5.686   -12.225 2.599   1.00 28.73  ? 82  TRP A CG    1 
ATOM   480  C  CD1   . TRP A 1 85  ? 5.543   -13.308 1.773   1.00 27.37  ? 82  TRP A CD1   1 
ATOM   481  C  CD2   . TRP A 1 85  ? 7.051   -12.238 3.036   1.00 26.99  ? 82  TRP A CD2   1 
ATOM   482  N  NE1   . TRP A 1 85  ? 6.752   -13.940 1.622   1.00 25.43  ? 82  TRP A NE1   1 
ATOM   483  C  CE2   . TRP A 1 85  ? 7.691   -13.320 2.398   1.00 26.43  ? 82  TRP A CE2   1 
ATOM   484  C  CE3   . TRP A 1 85  ? 7.814   -11.426 3.888   1.00 26.37  ? 82  TRP A CE3   1 
ATOM   485  C  CZ2   . TRP A 1 85  ? 9.044   -13.577 2.571   1.00 24.61  ? 82  TRP A CZ2   1 
ATOM   486  C  CZ3   . TRP A 1 85  ? 9.164   -11.674 4.045   1.00 29.46  ? 82  TRP A CZ3   1 
ATOM   487  C  CH2   . TRP A 1 85  ? 9.763   -12.759 3.414   1.00 27.75  ? 82  TRP A CH2   1 
ATOM   488  N  N     . GLU A 1 86  ? 4.570   -10.296 -0.050  1.00 26.53  ? 83  GLU A N     1 
ATOM   489  C  CA    . GLU A 1 86  ? 4.855   -10.654 -1.465  1.00 28.83  ? 83  GLU A CA    1 
ATOM   490  C  C     . GLU A 1 86  ? 5.633   -9.543  -2.164  1.00 26.79  ? 83  GLU A C     1 
ATOM   491  O  O     . GLU A 1 86  ? 6.563   -9.833  -2.898  1.00 27.74  ? 83  GLU A O     1 
ATOM   492  C  CB    . GLU A 1 86  ? 3.573   -10.917 -2.233  1.00 29.79  ? 83  GLU A CB    1 
ATOM   493  C  CG    . GLU A 1 86  ? 2.854   -12.191 -1.806  1.00 35.03  ? 83  GLU A CG    1 
ATOM   494  C  CD    . GLU A 1 86  ? 1.578   -12.494 -2.578  1.00 39.62  ? 83  GLU A CD    1 
ATOM   495  O  OE1   . GLU A 1 86  ? 1.334   -11.824 -3.607  1.00 48.94  ? 83  GLU A OE1   1 
ATOM   496  O  OE2   . GLU A 1 86  ? 0.832   -13.410 -2.168  1.00 42.07  ? 83  GLU A OE2   1 
ATOM   497  N  N     . GLU A 1 87  ? 5.206   -8.299  -1.983  1.00 28.03  ? 84  GLU A N     1 
ATOM   498  C  CA    . GLU A 1 87  ? 5.699   -7.154  -2.793  1.00 27.34  ? 84  GLU A CA    1 
ATOM   499  C  C     . GLU A 1 87  ? 6.894   -6.473  -2.126  1.00 26.69  ? 84  GLU A C     1 
ATOM   500  O  O     . GLU A 1 87  ? 7.644   -5.816  -2.878  1.00 27.96  ? 84  GLU A O     1 
ATOM   501  C  CB    . GLU A 1 87  ? 4.557   -6.156  -3.015  1.00 26.63  ? 84  GLU A CB    1 
ATOM   502  C  CG    . GLU A 1 87  ? 3.364   -6.716  -3.766  1.00 28.19  ? 84  GLU A CG    1 
ATOM   503  C  CD    . GLU A 1 87  ? 2.359   -5.669  -4.244  1.00 32.95  ? 84  GLU A CD    1 
ATOM   504  O  OE1   . GLU A 1 87  ? 1.468   -6.033  -5.062  1.00 35.93  ? 84  GLU A OE1   1 
ATOM   505  O  OE2   . GLU A 1 87  ? 2.434   -4.514  -3.762  1.00 32.63  ? 84  GLU A OE2   1 
ATOM   506  N  N     . ALA A 1 88  ? 7.073   -6.555  -0.801  1.00 24.82  ? 85  ALA A N     1 
ATOM   507  C  CA    . ALA A 1 88  ? 8.072   -5.751  -0.063  1.00 26.36  ? 85  ALA A CA    1 
ATOM   508  C  C     . ALA A 1 88  ? 8.918   -6.546  0.941   1.00 25.66  ? 85  ALA A C     1 
ATOM   509  O  O     . ALA A 1 88  ? 9.784   -5.930  1.545   1.00 26.74  ? 85  ALA A O     1 
ATOM   510  C  CB    . ALA A 1 88  ? 7.384   -4.585  0.605   1.00 27.66  ? 85  ALA A CB    1 
ATOM   511  N  N     . GLY A 1 89  ? 8.684   -7.845  1.163   1.00 29.28  ? 86  GLY A N     1 
ATOM   512  C  CA    . GLY A 1 89  ? 9.524   -8.595  2.124   1.00 29.17  ? 86  GLY A CA    1 
ATOM   513  C  C     . GLY A 1 89  ? 9.410   -8.041  3.524   1.00 27.81  ? 86  GLY A C     1 
ATOM   514  O  O     . GLY A 1 89  ? 10.369  -8.132  4.303   1.00 27.38  ? 86  GLY A O     1 
ATOM   515  N  N     . CYS A 1 90  ? 8.235   -7.499  3.867   1.00 26.67  ? 87  CYS A N     1 
ATOM   516  C  CA    . CYS A 1 90  ? 8.008   -6.774  5.133   1.00 28.76  ? 87  CYS A CA    1 
ATOM   517  C  C     . CYS A 1 90  ? 7.041   -7.581  5.999   1.00 25.92  ? 87  CYS A C     1 
ATOM   518  O  O     . CYS A 1 90  ? 6.013   -8.046  5.472   1.00 25.63  ? 87  CYS A O     1 
ATOM   519  C  CB    . CYS A 1 90  ? 7.480   -5.373  4.847   1.00 28.46  ? 87  CYS A CB    1 
ATOM   520  S  SG    . CYS A 1 90  ? 7.135   -4.447  6.358   1.00 29.95  ? 87  CYS A SG    1 
ATOM   521  N  N     . ILE A 1 91  ? 7.479   -7.804  7.238   1.00 28.56  ? 88  ILE A N     1 
ATOM   522  C  CA    . ILE A 1 91  ? 6.684   -8.388  8.342   1.00 27.41  ? 88  ILE A CA    1 
ATOM   523  C  C     . ILE A 1 91  ? 6.495   -7.351  9.434   1.00 26.00  ? 88  ILE A C     1 
ATOM   524  O  O     . ILE A 1 91  ? 7.459   -6.670  9.786   1.00 26.78  ? 88  ILE A O     1 
ATOM   525  C  CB    . ILE A 1 91  ? 7.437   -9.614  8.902   1.00 30.58  ? 88  ILE A CB    1 
ATOM   526  C  CG1   . ILE A 1 91  ? 7.649   -10.702 7.844   1.00 33.51  ? 88  ILE A CG1   1 
ATOM   527  C  CG2   . ILE A 1 91  ? 6.744   -10.135 10.146  1.00 34.46  ? 88  ILE A CG2   1 
ATOM   528  C  CD1   . ILE A 1 91  ? 6.403   -11.337 7.311   1.00 33.65  ? 88  ILE A CD1   1 
ATOM   529  N  N     . GLY A 1 92  ? 5.292   -7.275  9.989   1.00 27.28  ? 89  GLY A N     1 
ATOM   530  C  CA    . GLY A 1 92  ? 5.039   -6.368  11.112  1.00 27.65  ? 89  GLY A CA    1 
ATOM   531  C  C     . GLY A 1 92  ? 3.669   -6.577  11.709  1.00 27.03  ? 89  GLY A C     1 
ATOM   532  O  O     . GLY A 1 92  ? 2.976   -7.567  11.386  1.00 29.03  ? 89  GLY A O     1 
ATOM   533  N  N     . LYS A 1 93  ? 3.282   -5.619  12.532  1.00 27.70  ? 90  LYS A N     1 
ATOM   534  C  CA    . LYS A 1 93  ? 2.065   -5.645  13.368  1.00 28.60  ? 90  LYS A CA    1 
ATOM   535  C  C     . LYS A 1 93  ? 1.147   -4.563  12.807  1.00 28.71  ? 90  LYS A C     1 
ATOM   536  O  O     . LYS A 1 93  ? 1.640   -3.416  12.674  1.00 27.57  ? 90  LYS A O     1 
ATOM   537  C  CB    . LYS A 1 93  ? 2.499   -5.384  14.814  1.00 34.71  ? 90  LYS A CB    1 
ATOM   538  C  CG    . LYS A 1 93  ? 1.396   -5.106  15.821  1.00 40.16  ? 90  LYS A CG    1 
ATOM   539  C  CD    . LYS A 1 93  ? 1.921   -4.897  17.241  1.00 43.66  ? 90  LYS A CD    1 
ATOM   540  C  CE    . LYS A 1 93  ? 3.118   -3.971  17.333  1.00 48.82  ? 90  LYS A CE    1 
ATOM   541  N  NZ    . LYS A 1 93  ? 3.500   -3.683  18.740  1.00 53.16  ? 90  LYS A NZ    1 
ATOM   542  N  N     . ILE A 1 94  ? -0.094  -4.909  12.495  1.00 28.79  ? 91  ILE A N     1 
ATOM   543  C  CA    . ILE A 1 94  ? -1.127  -3.878  12.150  1.00 28.85  ? 91  ILE A CA    1 
ATOM   544  C  C     . ILE A 1 94  ? -1.477  -3.081  13.421  1.00 28.71  ? 91  ILE A C     1 
ATOM   545  O  O     . ILE A 1 94  ? -1.818  -3.687  14.470  1.00 30.85  ? 91  ILE A O     1 
ATOM   546  C  CB    . ILE A 1 94  ? -2.336  -4.494  11.427  1.00 29.24  ? 91  ILE A CB    1 
ATOM   547  C  CG1   . ILE A 1 94  ? -1.957  -4.872  9.986   1.00 31.42  ? 91  ILE A CG1   1 
ATOM   548  C  CG2   . ILE A 1 94  ? -3.506  -3.516  11.471  1.00 28.68  ? 91  ILE A CG2   1 
ATOM   549  C  CD1   . ILE A 1 94  ? -3.059  -5.464  9.156   1.00 33.77  ? 91  ILE A CD1   1 
ATOM   550  N  N     . VAL A 1 95  ? -1.321  -1.754  13.388  1.00 26.50  ? 92  VAL A N     1 
ATOM   551  C  CA    . VAL A 1 95  ? -1.501  -0.895  14.591  1.00 29.32  ? 92  VAL A CA    1 
ATOM   552  C  C     . VAL A 1 95  ? -2.630  0.110   14.364  1.00 29.71  ? 92  VAL A C     1 
ATOM   553  O  O     . VAL A 1 95  ? -3.033  0.733   15.360  1.00 31.33  ? 92  VAL A O     1 
ATOM   554  C  CB    . VAL A 1 95  ? -0.210  -0.175  15.004  1.00 29.89  ? 92  VAL A CB    1 
ATOM   555  C  CG1   . VAL A 1 95  ? 0.847   -1.170  15.444  1.00 28.64  ? 92  VAL A CG1   1 
ATOM   556  C  CG2   . VAL A 1 95  ? 0.339   0.714   13.894  1.00 28.09  ? 92  VAL A CG2   1 
ATOM   557  N  N     . ALA A 1 96  ? -3.172  0.221   13.148  1.00 27.73  ? 93  ALA A N     1 
ATOM   558  C  CA    . ALA A 1 96  ? -4.289  1.165   12.880  1.00 28.26  ? 93  ALA A CA    1 
ATOM   559  C  C     . ALA A 1 96  ? -5.024  0.815   11.592  1.00 27.61  ? 93  ALA A C     1 
ATOM   560  O  O     . ALA A 1 96  ? -4.413  0.300   10.625  1.00 27.35  ? 93  ALA A O     1 
ATOM   561  C  CB    . ALA A 1 96  ? -3.790  2.591   12.870  1.00 26.87  ? 93  ALA A CB    1 
ATOM   562  N  N     . ASN A 1 97  ? -6.322  1.109   11.584  1.00 25.97  ? 94  ASN A N     1 
ATOM   563  C  CA    . ASN A 1 97  ? -7.188  0.997   10.390  1.00 26.12  ? 94  ASN A CA    1 
ATOM   564  C  C     . ASN A 1 97  ? -7.260  2.405   9.788   1.00 25.35  ? 94  ASN A C     1 
ATOM   565  O  O     . ASN A 1 97  ? -7.750  3.306   10.473  1.00 25.37  ? 94  ASN A O     1 
ATOM   566  C  CB    . ASN A 1 97  ? -8.563  0.457   10.776  1.00 30.12  ? 94  ASN A CB    1 
ATOM   567  C  CG    . ASN A 1 97  ? -9.533  0.289   9.633   1.00 31.26  ? 94  ASN A CG    1 
ATOM   568  O  OD1   . ASN A 1 97  ? -9.380  0.876   8.563   1.00 30.90  ? 94  ASN A OD1   1 
ATOM   569  N  ND2   . ASN A 1 97  ? -10.540 -0.540  9.848   1.00 33.82  ? 94  ASN A ND2   1 
ATOM   570  N  N     . LEU A 1 98  ? -6.731  2.582   8.578   1.00 24.18  ? 95  LEU A N     1 
ATOM   571  C  CA    . LEU A 1 98  ? -6.713  3.901   7.881   1.00 24.74  ? 95  LEU A CA    1 
ATOM   572  C  C     . LEU A 1 98  ? -7.931  4.056   6.968   1.00 25.07  ? 95  LEU A C     1 
ATOM   573  O  O     . LEU A 1 98  ? -7.922  5.003   6.155   1.00 27.17  ? 95  LEU A O     1 
ATOM   574  C  CB    . LEU A 1 98  ? -5.391  4.012   7.108   1.00 23.04  ? 95  LEU A CB    1 
ATOM   575  C  CG    . LEU A 1 98  ? -4.133  3.815   7.962   1.00 22.70  ? 95  LEU A CG    1 
ATOM   576  C  CD1   . LEU A 1 98  ? -2.872  3.968   7.150   1.00 22.10  ? 95  LEU A CD1   1 
ATOM   577  C  CD2   . LEU A 1 98  ? -4.097  4.743   9.149   1.00 25.87  ? 95  LEU A CD2   1 
ATOM   578  N  N     . GLY A 1 99  ? -8.944  3.191   7.061   1.00 25.24  ? 96  GLY A N     1 
ATOM   579  C  CA    . GLY A 1 99  ? -10.192 3.334   6.303   1.00 26.97  ? 96  GLY A CA    1 
ATOM   580  C  C     . GLY A 1 99  ? -10.001 3.066   4.834   1.00 27.09  ? 96  GLY A C     1 
ATOM   581  O  O     . GLY A 1 99  ? -9.073  2.315   4.463   1.00 28.70  ? 96  GLY A O     1 
ATOM   582  N  N     . THR A 1 100 ? -10.833 3.690   4.002   1.00 25.35  ? 97  THR A N     1 
ATOM   583  C  CA    . THR A 1 100 ? -10.901 3.380   2.566   1.00 25.73  ? 97  THR A CA    1 
ATOM   584  C  C     . THR A 1 100 ? -10.559 4.632   1.776   1.00 28.60  ? 97  THR A C     1 
ATOM   585  O  O     . THR A 1 100 ? -10.824 5.722   2.288   1.00 25.13  ? 97  THR A O     1 
ATOM   586  C  CB    . THR A 1 100 ? -12.267 2.858   2.132   1.00 28.71  ? 97  THR A CB    1 
ATOM   587  O  OG1   . THR A 1 100 ? -13.247 3.793   2.575   1.00 28.28  ? 97  THR A OG1   1 
ATOM   588  C  CG2   . THR A 1 100 ? -12.585 1.499   2.713   1.00 30.53  ? 97  THR A CG2   1 
ATOM   589  N  N     . VAL A 1 101 ? -9.974  4.431   0.600   1.00 27.77  ? 98  VAL A N     1 
ATOM   590  C  CA    . VAL A 1 101 ? -9.816  5.487   -0.446  1.00 29.47  ? 98  VAL A CA    1 
ATOM   591  C  C     . VAL A 1 101 ? -10.307 4.898   -1.772  1.00 33.78  ? 98  VAL A C     1 
ATOM   592  O  O     . VAL A 1 101 ? -10.272 3.678   -1.971  1.00 28.17  ? 98  VAL A O     1 
ATOM   593  C  CB    . VAL A 1 101 ? -8.380  6.045   -0.519  1.00 30.31  ? 98  VAL A CB    1 
ATOM   594  C  CG1   . VAL A 1 101 ? -7.979  6.777   0.753   1.00 31.29  ? 98  VAL A CG1   1 
ATOM   595  C  CG2   . VAL A 1 101 ? -7.347  4.982   -0.838  1.00 31.06  ? 98  VAL A CG2   1 
ATOM   596  N  N     . GLU A 1 102 ? -10.826 5.734   -2.659  1.00 35.31  ? 99  GLU A N     1 
ATOM   597  C  CA    . GLU A 1 102 ? -11.427 5.269   -3.936  1.00 43.55  ? 99  GLU A CA    1 
ATOM   598  C  C     . GLU A 1 102 ? -10.641 5.889   -5.085  1.00 48.13  ? 99  GLU A C     1 
ATOM   599  O  O     . GLU A 1 102 ? -10.402 7.107   -5.024  1.00 51.02  ? 99  GLU A O     1 
ATOM   600  C  CB    . GLU A 1 102 ? -12.911 5.630   -4.001  1.00 48.72  ? 99  GLU A CB    1 
ATOM   601  C  CG    . GLU A 1 102 ? -13.788 4.748   -3.135  1.00 55.98  ? 99  GLU A CG    1 
ATOM   602  C  CD    . GLU A 1 102 ? -15.269 5.092   -3.169  1.00 62.35  ? 99  GLU A CD    1 
ATOM   603  O  OE1   . GLU A 1 102 ? -15.965 4.587   -4.070  1.00 63.40  ? 99  GLU A OE1   1 
ATOM   604  O  OE2   . GLU A 1 102 ? -15.725 5.852   -2.284  1.00 66.24  ? 99  GLU A OE2   1 
ATOM   605  N  N     . ASP A 1 103 ? -10.224 5.079   -6.060  1.00 51.74  ? 100 ASP A N     1 
ATOM   606  C  CA    . ASP A 1 103 ? -9.561  5.575   -7.292  1.00 56.60  ? 100 ASP A CA    1 
ATOM   607  C  C     . ASP A 1 103 ? -10.611 5.879   -8.358  1.00 59.91  ? 100 ASP A C     1 
ATOM   608  O  O     . ASP A 1 103 ? -11.548 5.064   -8.542  1.00 51.89  ? 100 ASP A O     1 
ATOM   609  C  CB    . ASP A 1 103 ? -8.541  4.598   -7.864  1.00 55.89  ? 100 ASP A CB    1 
ATOM   610  C  CG    . ASP A 1 103 ? -7.421  5.345   -8.554  1.00 64.85  ? 100 ASP A CG    1 
ATOM   611  O  OD1   . ASP A 1 103 ? -7.664  5.898   -9.645  1.00 67.20  ? 100 ASP A OD1   1 
ATOM   612  O  OD2   . ASP A 1 103 ? -6.333  5.423   -7.964  1.00 74.57  ? 100 ASP A OD2   1 
ATOM   613  N  N     . MET A 1 104 ? -10.381 6.985   -9.072  1.00 70.82  ? 101 MET A N     1 
ATOM   614  C  CA    . MET A 1 104 ? -11.362 7.665   -9.952  1.00 77.83  ? 101 MET A CA    1 
ATOM   615  C  C     . MET A 1 104 ? -10.865 7.618   -11.408 1.00 78.04  ? 101 MET A C     1 
ATOM   616  O  O     . MET A 1 104 ? -10.309 8.634   -11.861 1.00 81.28  ? 101 MET A O     1 
ATOM   617  C  CB    . MET A 1 104 ? -11.552 9.113   -9.477  1.00 77.76  ? 101 MET A CB    1 
ATOM   618  C  CG    . MET A 1 104 ? -11.984 9.248   -8.001  1.00 78.70  ? 101 MET A CG    1 
ATOM   619  S  SD    . MET A 1 104 ? -13.361 8.178   -7.409  1.00 78.32  ? 101 MET A SD    1 
ATOM   620  C  CE    . MET A 1 104 ? -14.581 8.378   -8.707  1.00 78.53  ? 101 MET A CE    1 
ATOM   621  N  N     . ARG A 1 105 ? -11.086 6.491   -12.108 1.00 80.64  ? 102 ARG A N     1 
ATOM   622  C  CA    . ARG A 1 105 ? -10.585 6.228   -13.492 1.00 86.31  ? 102 ARG A CA    1 
ATOM   623  C  C     . ARG A 1 105 ? -11.167 7.274   -14.443 1.00 86.43  ? 102 ARG A C     1 
ATOM   624  O  O     . ARG A 1 105 ? -12.322 7.162   -14.853 1.00 85.63  ? 102 ARG A O     1 
ATOM   625  C  CB    . ARG A 1 105 ? -10.933 4.810   -13.967 1.00 89.53  ? 102 ARG A CB    1 
ATOM   626  C  CG    . ARG A 1 105 ? -9.847  4.148   -14.808 1.00 92.63  ? 102 ARG A CG    1 
ATOM   627  C  CD    . ARG A 1 105 ? -9.761  4.550   -16.270 1.00 94.77  ? 102 ARG A CD    1 
ATOM   628  N  NE    . ARG A 1 105 ? -8.441  4.195   -16.787 1.00 98.50  ? 102 ARG A NE    1 
ATOM   629  C  CZ    . ARG A 1 105 ? -8.069  2.985   -17.214 1.00 99.35  ? 102 ARG A CZ    1 
ATOM   630  N  NH1   . ARG A 1 105 ? -8.925  1.974   -17.223 1.00 98.13  ? 102 ARG A NH1   1 
ATOM   631  N  NH2   . ARG A 1 105 ? -6.832  2.791   -17.643 1.00 97.99  ? 102 ARG A NH2   1 
ATOM   632  N  N     . PRO A 1 106 ? -10.395 8.320   -14.832 1.00 82.64  ? 103 PRO A N     1 
ATOM   633  C  CA    . PRO A 1 106 ? -10.959 9.478   -15.529 1.00 82.38  ? 103 PRO A CA    1 
ATOM   634  C  C     . PRO A 1 106 ? -11.298 9.215   -16.996 1.00 80.20  ? 103 PRO A C     1 
ATOM   635  O  O     . PRO A 1 106 ? -10.907 8.184   -17.544 1.00 71.78  ? 103 PRO A O     1 
ATOM   636  C  CB    . PRO A 1 106 ? -9.852  10.546  -15.431 1.00 81.61  ? 103 PRO A CB    1 
ATOM   637  C  CG    . PRO A 1 106 ? -8.821  9.967   -14.478 1.00 82.90  ? 103 PRO A CG    1 
ATOM   638  C  CD    . PRO A 1 106 ? -8.948  8.465   -14.610 1.00 83.15  ? 103 PRO A CD    1 
ATOM   639  N  N     . PRO A 1 107 ? -12.030 10.142  -17.666 1.00 85.97  ? 104 PRO A N     1 
ATOM   640  C  CA    . PRO A 1 107 ? -12.350 10.035  -19.090 1.00 87.19  ? 104 PRO A CA    1 
ATOM   641  C  C     . PRO A 1 107 ? -11.363 9.217   -19.936 1.00 87.89  ? 104 PRO A C     1 
ATOM   642  O  O     . PRO A 1 107 ? -11.764 8.828   -21.019 1.00 93.62  ? 104 PRO A O     1 
ATOM   643  C  CB    . PRO A 1 107 ? -12.307 11.513  -19.510 1.00 85.64  ? 104 PRO A CB    1 
ATOM   644  C  CG    . PRO A 1 107 ? -12.808 12.278  -18.291 1.00 85.52  ? 104 PRO A CG    1 
ATOM   645  C  CD    . PRO A 1 107 ? -12.602 11.371  -17.091 1.00 85.12  ? 104 PRO A CD    1 
ATOM   646  N  N     . PRO A 1 130 ? -18.479 5.730   -11.908 1.00 97.26  ? 127 PRO A N     1 
ATOM   647  C  CA    . PRO A 1 130 ? -18.194 4.844   -10.773 1.00 95.07  ? 127 PRO A CA    1 
ATOM   648  C  C     . PRO A 1 130 ? -16.695 4.682   -10.540 1.00 91.01  ? 127 PRO A C     1 
ATOM   649  O  O     . PRO A 1 130 ? -15.896 4.896   -11.454 1.00 91.24  ? 127 PRO A O     1 
ATOM   650  C  CB    . PRO A 1 130 ? -18.850 3.527   -11.219 1.00 95.46  ? 127 PRO A CB    1 
ATOM   651  C  CG    . PRO A 1 130 ? -18.619 3.496   -12.721 1.00 96.52  ? 127 PRO A CG    1 
ATOM   652  C  CD    . PRO A 1 130 ? -18.476 4.946   -13.154 1.00 97.84  ? 127 PRO A CD    1 
ATOM   653  N  N     . PRO A 1 131 ? -16.264 4.280   -9.325  1.00 83.15  ? 128 PRO A N     1 
ATOM   654  C  CA    . PRO A 1 131 ? -14.852 4.023   -9.068  1.00 76.07  ? 128 PRO A CA    1 
ATOM   655  C  C     . PRO A 1 131 ? -14.616 2.585   -9.530  1.00 66.42  ? 128 PRO A C     1 
ATOM   656  O  O     . PRO A 1 131 ? -15.538 1.798   -9.461  1.00 67.16  ? 128 PRO A O     1 
ATOM   657  C  CB    . PRO A 1 131 ? -14.765 4.210   -7.550  1.00 78.05  ? 128 PRO A CB    1 
ATOM   658  C  CG    . PRO A 1 131 ? -16.092 3.650   -7.056  1.00 79.70  ? 128 PRO A CG    1 
ATOM   659  C  CD    . PRO A 1 131 ? -17.097 3.935   -8.160  1.00 80.07  ? 128 PRO A CD    1 
ATOM   660  N  N     . ARG A 1 132 ? -13.427 2.264   -10.017 1.00 57.55  ? 129 ARG A N     1 
ATOM   661  C  CA    . ARG A 1 132 ? -13.140 0.845   -10.307 1.00 56.91  ? 129 ARG A CA    1 
ATOM   662  C  C     . ARG A 1 132 ? -12.224 0.284   -9.230  1.00 46.56  ? 129 ARG A C     1 
ATOM   663  O  O     . ARG A 1 132 ? -12.010 -0.916  -9.301  1.00 46.20  ? 129 ARG A O     1 
ATOM   664  C  CB    . ARG A 1 132 ? -12.533 0.608   -11.691 1.00 60.70  ? 129 ARG A CB    1 
ATOM   665  C  CG    . ARG A 1 132 ? -12.957 1.610   -12.752 1.00 65.40  ? 129 ARG A CG    1 
ATOM   666  C  CD    . ARG A 1 132 ? -13.582 0.848   -13.900 1.00 65.16  ? 129 ARG A CD    1 
ATOM   667  N  NE    . ARG A 1 132 ? -14.509 1.719   -14.591 1.00 68.19  ? 129 ARG A NE    1 
ATOM   668  C  CZ    . ARG A 1 132 ? -14.280 2.277   -15.771 1.00 71.79  ? 129 ARG A CZ    1 
ATOM   669  N  NH1   . ARG A 1 132 ? -13.152 2.029   -16.422 1.00 72.91  ? 129 ARG A NH1   1 
ATOM   670  N  NH2   . ARG A 1 132 ? -15.192 3.072   -16.305 1.00 70.97  ? 129 ARG A NH2   1 
ATOM   671  N  N     . THR A 1 133 ? -11.708 1.086   -8.285  1.00 39.05  ? 130 THR A N     1 
ATOM   672  C  CA    . THR A 1 133 ? -10.934 0.505   -7.148  1.00 35.88  ? 130 THR A CA    1 
ATOM   673  C  C     . THR A 1 133 ? -11.353 1.114   -5.808  1.00 35.63  ? 130 THR A C     1 
ATOM   674  O  O     . THR A 1 133 ? -11.403 2.339   -5.686  1.00 33.69  ? 130 THR A O     1 
ATOM   675  C  CB    . THR A 1 133 ? -9.420  0.609   -7.349  1.00 36.43  ? 130 THR A CB    1 
ATOM   676  O  OG1   . THR A 1 133 ? -9.086  0.105   -8.641  1.00 41.95  ? 130 THR A OG1   1 
ATOM   677  C  CG2   . THR A 1 133 ? -8.648  -0.175  -6.308  1.00 37.02  ? 130 THR A CG2   1 
ATOM   678  N  N     . GLU A 1 134 ? -11.581 0.249   -4.821  1.00 30.43  ? 131 GLU A N     1 
ATOM   679  C  CA    . GLU A 1 134 ? -11.834 0.596   -3.406  1.00 29.75  ? 131 GLU A CA    1 
ATOM   680  C  C     . GLU A 1 134 ? -10.681 -0.002  -2.601  1.00 28.88  ? 131 GLU A C     1 
ATOM   681  O  O     . GLU A 1 134 ? -10.576 -1.248  -2.531  1.00 30.30  ? 131 GLU A O     1 
ATOM   682  C  CB    . GLU A 1 134 ? -13.211 0.080   -2.994  1.00 33.39  ? 131 GLU A CB    1 
ATOM   683  C  CG    . GLU A 1 134 ? -13.650 0.424   -1.581  1.00 35.07  ? 131 GLU A CG    1 
ATOM   684  C  CD    . GLU A 1 134 ? -14.947 -0.292  -1.202  1.00 39.29  ? 131 GLU A CD    1 
ATOM   685  O  OE1   . GLU A 1 134 ? -16.001 0.020   -1.831  1.00 41.72  ? 131 GLU A OE1   1 
ATOM   686  O  OE2   . GLU A 1 134 ? -14.909 -1.203  -0.319  1.00 35.57  ? 131 GLU A OE2   1 
ATOM   687  N  N     . PHE A 1 135 ? -9.834  0.855   -2.048  1.00 26.72  ? 132 PHE A N     1 
ATOM   688  C  CA    . PHE A 1 135 ? -8.624  0.435   -1.299  1.00 25.24  ? 132 PHE A CA    1 
ATOM   689  C  C     . PHE A 1 135 ? -8.906  0.488   0.193   1.00 29.18  ? 132 PHE A C     1 
ATOM   690  O  O     . PHE A 1 135 ? -9.394  1.513   0.676   1.00 26.85  ? 132 PHE A O     1 
ATOM   691  C  CB    . PHE A 1 135 ? -7.422  1.354   -1.491  1.00 26.28  ? 132 PHE A CB    1 
ATOM   692  C  CG    . PHE A 1 135 ? -6.914  1.477   -2.902  1.00 28.22  ? 132 PHE A CG    1 
ATOM   693  C  CD1   . PHE A 1 135 ? -5.893  0.684   -3.387  1.00 31.84  ? 132 PHE A CD1   1 
ATOM   694  C  CD2   . PHE A 1 135 ? -7.486  2.419   -3.745  1.00 29.76  ? 132 PHE A CD2   1 
ATOM   695  C  CE1   . PHE A 1 135 ? -5.444  0.823   -4.692  1.00 30.28  ? 132 PHE A CE1   1 
ATOM   696  C  CE2   . PHE A 1 135 ? -7.002  2.589   -5.036  1.00 30.19  ? 132 PHE A CE2   1 
ATOM   697  C  CZ    . PHE A 1 135 ? -5.994  1.786   -5.513  1.00 31.86  ? 132 PHE A CZ    1 
ATOM   698  N  N     . HIS A 1 136 ? -8.580  -0.600  0.896   1.00 25.32  ? 133 HIS A N     1 
ATOM   699  C  CA    . HIS A 1 136 ? -8.622  -0.697  2.377   1.00 25.86  ? 133 HIS A CA    1 
ATOM   700  C  C     . HIS A 1 136 ? -7.194  -0.681  2.917   1.00 25.73  ? 133 HIS A C     1 
ATOM   701  O  O     . HIS A 1 136 ? -6.459  -1.676  2.698   1.00 26.29  ? 133 HIS A O     1 
ATOM   702  C  CB    . HIS A 1 136 ? -9.386  -1.959  2.774   1.00 23.70  ? 133 HIS A CB    1 
ATOM   703  C  CG    . HIS A 1 136 ? -10.813 -1.929  2.349   1.00 25.97  ? 133 HIS A CG    1 
ATOM   704  N  ND1   . HIS A 1 136 ? -11.824 -1.823  3.262   1.00 29.15  ? 133 HIS A ND1   1 
ATOM   705  C  CD2   . HIS A 1 136 ? -11.396 -1.949  1.129   1.00 27.27  ? 133 HIS A CD2   1 
ATOM   706  C  CE1   . HIS A 1 136 ? -12.975 -1.785  2.636   1.00 30.73  ? 133 HIS A CE1   1 
ATOM   707  N  NE2   . HIS A 1 136 ? -12.750 -1.851  1.321   1.00 28.11  ? 133 HIS A NE2   1 
ATOM   708  N  N     . PHE A 1 137 ? -6.805  0.390   3.610   1.00 23.78  ? 134 PHE A N     1 
ATOM   709  C  CA    . PHE A 1 137 ? -5.420  0.573   4.109   1.00 22.28  ? 134 PHE A CA    1 
ATOM   710  C  C     . PHE A 1 137 ? -5.323  0.418   5.621   1.00 23.33  ? 134 PHE A C     1 
ATOM   711  O  O     . PHE A 1 137 ? -6.245  0.834   6.380   1.00 23.22  ? 134 PHE A O     1 
ATOM   712  C  CB    . PHE A 1 137 ? -4.820  1.924   3.686   1.00 23.69  ? 134 PHE A CB    1 
ATOM   713  C  CG    . PHE A 1 137 ? -4.111  1.806   2.356   1.00 25.12  ? 134 PHE A CG    1 
ATOM   714  C  CD1   . PHE A 1 137 ? -2.825  1.290   2.275   1.00 26.97  ? 134 PHE A CD1   1 
ATOM   715  C  CD2   . PHE A 1 137 ? -4.761  2.153   1.175   1.00 26.40  ? 134 PHE A CD2   1 
ATOM   716  C  CE1   . PHE A 1 137 ? -2.191  1.150   1.049   1.00 27.01  ? 134 PHE A CE1   1 
ATOM   717  C  CE2   . PHE A 1 137 ? -4.141  1.969   -0.053  1.00 28.42  ? 134 PHE A CE2   1 
ATOM   718  C  CZ    . PHE A 1 137 ? -2.861  1.466   -0.108  1.00 26.96  ? 134 PHE A CZ    1 
ATOM   719  N  N     . TYR A 1 138 ? -4.228  -0.229  6.025   1.00 22.31  ? 135 TYR A N     1 
ATOM   720  C  CA    . TYR A 1 138 ? -3.796  -0.400  7.428   1.00 23.09  ? 135 TYR A CA    1 
ATOM   721  C  C     . TYR A 1 138 ? -2.423  0.217   7.620   1.00 23.33  ? 135 TYR A C     1 
ATOM   722  O  O     . TYR A 1 138 ? -1.614  0.210   6.671   1.00 25.87  ? 135 TYR A O     1 
ATOM   723  C  CB    . TYR A 1 138 ? -3.836  -1.885  7.797   1.00 23.24  ? 135 TYR A CB    1 
ATOM   724  C  CG    . TYR A 1 138 ? -5.233  -2.425  7.706   1.00 23.42  ? 135 TYR A CG    1 
ATOM   725  C  CD1   . TYR A 1 138 ? -6.083  -2.330  8.799   1.00 24.04  ? 135 TYR A CD1   1 
ATOM   726  C  CD2   . TYR A 1 138 ? -5.751  -2.909  6.513   1.00 25.38  ? 135 TYR A CD2   1 
ATOM   727  C  CE1   . TYR A 1 138 ? -7.402  -2.730  8.712   1.00 26.77  ? 135 TYR A CE1   1 
ATOM   728  C  CE2   . TYR A 1 138 ? -7.072  -3.304  6.413   1.00 28.50  ? 135 TYR A CE2   1 
ATOM   729  C  CZ    . TYR A 1 138 ? -7.901  -3.211  7.516   1.00 28.63  ? 135 TYR A CZ    1 
ATOM   730  O  OH    . TYR A 1 138 ? -9.213  -3.590  7.441   1.00 31.83  ? 135 TYR A OH    1 
ATOM   731  N  N     . GLU A 1 139 ? -2.162  0.720   8.824   1.00 22.47  ? 136 GLU A N     1 
ATOM   732  C  CA    . GLU A 1 139 ? -0.820  1.142   9.259   1.00 23.30  ? 136 GLU A CA    1 
ATOM   733  C  C     . GLU A 1 139 ? -0.159  -0.093  9.871   1.00 26.14  ? 136 GLU A C     1 
ATOM   734  O  O     . GLU A 1 139 ? -0.798  -0.721  10.730  1.00 25.77  ? 136 GLU A O     1 
ATOM   735  C  CB    . GLU A 1 139 ? -0.869  2.286   10.257  1.00 26.28  ? 136 GLU A CB    1 
ATOM   736  C  CG    . GLU A 1 139 ? 0.473   2.858   10.590  1.00 28.14  ? 136 GLU A CG    1 
ATOM   737  C  CD    . GLU A 1 139 ? 0.384   3.975   11.613  1.00 31.61  ? 136 GLU A CD    1 
ATOM   738  O  OE1   . GLU A 1 139 ? 1.143   3.907   12.638  1.00 31.59  ? 136 GLU A OE1   1 
ATOM   739  O  OE2   . GLU A 1 139 ? -0.470  4.898   11.402  1.00 31.09  ? 136 GLU A OE2   1 
ATOM   740  N  N     . LEU A 1 140 ? 1.043   -0.402  9.429   1.00 25.22  ? 137 LEU A N     1 
ATOM   741  C  CA    . LEU A 1 140 ? 1.818   -1.535  9.983   1.00 27.00  ? 137 LEU A CA    1 
ATOM   742  C  C     . LEU A 1 140 ? 3.084   -0.961  10.623  1.00 29.39  ? 137 LEU A C     1 
ATOM   743  O  O     . LEU A 1 140 ? 3.674   0.001   10.079  1.00 28.23  ? 137 LEU A O     1 
ATOM   744  C  CB    . LEU A 1 140 ? 2.069   -2.506  8.833   1.00 26.22  ? 137 LEU A CB    1 
ATOM   745  C  CG    . LEU A 1 140 ? 2.947   -3.709  9.164   1.00 28.41  ? 137 LEU A CG    1 
ATOM   746  C  CD1   . LEU A 1 140 ? 2.385   -4.940  8.478   1.00 30.46  ? 137 LEU A CD1   1 
ATOM   747  C  CD2   . LEU A 1 140 ? 4.380   -3.474  8.729   1.00 29.12  ? 137 LEU A CD2   1 
ATOM   748  N  N     . GLU A 1 141 ? 3.462   -1.481  11.786  1.00 26.22  ? 138 GLU A N     1 
ATOM   749  C  CA    . GLU A 1 141 ? 4.761   -1.180  12.428  1.00 30.02  ? 138 GLU A CA    1 
ATOM   750  C  C     . GLU A 1 141 ? 5.752   -2.229  11.924  1.00 29.82  ? 138 GLU A C     1 
ATOM   751  O  O     . GLU A 1 141 ? 5.489   -3.426  12.114  1.00 27.97  ? 138 GLU A O     1 
ATOM   752  C  CB    . GLU A 1 141 ? 4.660   -1.208  13.950  1.00 32.26  ? 138 GLU A CB    1 
ATOM   753  C  CG    . GLU A 1 141 ? 5.998   -0.948  14.612  1.00 34.34  ? 138 GLU A CG    1 
ATOM   754  C  CD    . GLU A 1 141 ? 5.978   -0.710  16.113  1.00 41.84  ? 138 GLU A CD    1 
ATOM   755  O  OE1   . GLU A 1 141 ? 7.072   -0.601  16.693  1.00 51.89  ? 138 GLU A OE1   1 
ATOM   756  O  OE2   . GLU A 1 141 ? 4.880   -0.642  16.698  1.00 48.18  ? 138 GLU A OE2   1 
ATOM   757  N  N     . ILE A 1 142 ? 6.793   -1.808  11.228  1.00 27.60  ? 139 ILE A N     1 
ATOM   758  C  CA    . ILE A 1 142 ? 7.752   -2.769  10.606  1.00 26.72  ? 139 ILE A CA    1 
ATOM   759  C  C     . ILE A 1 142 ? 8.461   -3.531  11.732  1.00 27.93  ? 139 ILE A C     1 
ATOM   760  O  O     . ILE A 1 142 ? 8.982   -2.877  12.652  1.00 29.27  ? 139 ILE A O     1 
ATOM   761  C  CB    . ILE A 1 142 ? 8.781   -2.051  9.730   1.00 29.09  ? 139 ILE A CB    1 
ATOM   762  C  CG1   . ILE A 1 142 ? 8.138   -1.420  8.496   1.00 28.89  ? 139 ILE A CG1   1 
ATOM   763  C  CG2   . ILE A 1 142 ? 9.930   -2.979  9.360   1.00 29.00  ? 139 ILE A CG2   1 
ATOM   764  C  CD1   . ILE A 1 142 ? 8.996   -0.347  7.883   1.00 30.20  ? 139 ILE A CD1   1 
ATOM   765  N  N     . GLU A 1 143 ? 8.474   -4.861  11.654  1.00 29.05  ? 140 GLU A N     1 
ATOM   766  C  CA    . GLU A 1 143 ? 9.214   -5.707  12.638  1.00 30.92  ? 140 GLU A CA    1 
ATOM   767  C  C     . GLU A 1 143 ? 10.430  -6.359  11.975  1.00 34.53  ? 140 GLU A C     1 
ATOM   768  O  O     . GLU A 1 143 ? 11.447  -6.582  12.690  1.00 33.80  ? 140 GLU A O     1 
ATOM   769  C  CB    . GLU A 1 143 ? 8.278   -6.739  13.257  1.00 30.06  ? 140 GLU A CB    1 
ATOM   770  C  CG    . GLU A 1 143 ? 7.283   -6.106  14.214  1.00 32.35  ? 140 GLU A CG    1 
ATOM   771  C  CD    . GLU A 1 143 ? 6.212   -7.016  14.779  1.00 36.79  ? 140 GLU A CD    1 
ATOM   772  O  OE1   . GLU A 1 143 ? 5.791   -7.971  14.082  1.00 38.63  ? 140 GLU A OE1   1 
ATOM   773  O  OE2   . GLU A 1 143 ? 5.765   -6.725  15.905  1.00 41.80  ? 140 GLU A OE2   1 
ATOM   774  N  N     . ASN A 1 144 ? 10.351  -6.651  10.679  1.00 31.71  ? 141 ASN A N     1 
ATOM   775  C  CA    . ASN A 1 144 ? 11.482  -7.247  9.925   1.00 34.01  ? 141 ASN A CA    1 
ATOM   776  C  C     . ASN A 1 144 ? 11.353  -6.917  8.437   1.00 32.73  ? 141 ASN A C     1 
ATOM   777  O  O     . ASN A 1 144 ? 10.217  -6.918  7.918   1.00 34.98  ? 141 ASN A O     1 
ATOM   778  C  CB    . ASN A 1 144 ? 11.538  -8.763  10.138  1.00 36.59  ? 141 ASN A CB    1 
ATOM   779  C  CG    . ASN A 1 144 ? 12.936  -9.332  9.990   1.00 41.17  ? 141 ASN A CG    1 
ATOM   780  O  OD1   . ASN A 1 144 ? 13.905  -8.596  9.821   1.00 41.27  ? 141 ASN A OD1   1 
ATOM   781  N  ND2   . ASN A 1 144 ? 13.054  -10.647 10.075  1.00 45.36  ? 141 ASN A ND2   1 
ATOM   782  N  N     . LEU A 1 145 ? 12.479  -6.628  7.788   1.00 32.17  ? 142 LEU A N     1 
ATOM   783  C  CA    . LEU A 1 145 ? 12.617  -6.536  6.321   1.00 31.45  ? 142 LEU A CA    1 
ATOM   784  C  C     . LEU A 1 145 ? 13.550  -7.661  5.867   1.00 32.09  ? 142 LEU A C     1 
ATOM   785  O  O     . LEU A 1 145 ? 14.695  -7.692  6.360   1.00 34.50  ? 142 LEU A O     1 
ATOM   786  C  CB    . LEU A 1 145 ? 13.213  -5.177  5.929   1.00 34.60  ? 142 LEU A CB    1 
ATOM   787  C  CG    . LEU A 1 145 ? 12.364  -3.948  6.238   1.00 37.40  ? 142 LEU A CG    1 
ATOM   788  C  CD1   . LEU A 1 145 ? 13.099  -2.682  5.833   1.00 38.92  ? 142 LEU A CD1   1 
ATOM   789  C  CD2   . LEU A 1 145 ? 11.029  -4.014  5.530   1.00 36.97  ? 142 LEU A CD2   1 
ATOM   790  N  N     . LEU A 1 146 ? 13.062  -8.554  5.012   1.00 29.79  ? 143 LEU A N     1 
ATOM   791  C  CA    . LEU A 1 146 ? 13.827  -9.756  4.588   1.00 35.30  ? 143 LEU A CA    1 
ATOM   792  C  C     . LEU A 1 146 ? 14.517  -9.487  3.244   1.00 36.55  ? 143 LEU A C     1 
ATOM   793  O  O     . LEU A 1 146 ? 13.914  -8.855  2.327   1.00 33.26  ? 143 LEU A O     1 
ATOM   794  C  CB    . LEU A 1 146 ? 12.866  -10.948 4.551   1.00 34.04  ? 143 LEU A CB    1 
ATOM   795  C  CG    . LEU A 1 146 ? 12.524  -11.600 5.899   1.00 36.24  ? 143 LEU A CG    1 
ATOM   796  C  CD1   . LEU A 1 146 ? 13.774  -12.110 6.585   1.00 36.04  ? 143 LEU A CD1   1 
ATOM   797  C  CD2   . LEU A 1 146 ? 11.785  -10.670 6.847   1.00 36.94  ? 143 LEU A CD2   1 
ATOM   798  N  N     . ASP A 1 147 ? 15.772  -9.931  3.109   1.00 36.16  ? 144 ASP A N     1 
ATOM   799  C  CA    . ASP A 1 147 ? 16.552  -9.729  1.856   1.00 38.77  ? 144 ASP A CA    1 
ATOM   800  C  C     . ASP A 1 147 ? 15.859  -10.451 0.696   1.00 34.34  ? 144 ASP A C     1 
ATOM   801  O  O     . ASP A 1 147 ? 15.839  -9.892  -0.402  1.00 40.93  ? 144 ASP A O     1 
ATOM   802  C  CB    . ASP A 1 147 ? 18.002  -10.184 2.005   1.00 41.81  ? 144 ASP A CB    1 
ATOM   803  C  CG    . ASP A 1 147 ? 18.826  -9.276  2.901   1.00 48.40  ? 144 ASP A CG    1 
ATOM   804  O  OD1   . ASP A 1 147 ? 18.431  -8.108  3.073   1.00 46.94  ? 144 ASP A OD1   1 
ATOM   805  O  OD2   . ASP A 1 147 ? 19.855  -9.751  3.430   1.00 53.98  ? 144 ASP A OD2   1 
ATOM   806  N  N     . LYS A 1 148 ? 15.324  -11.649 0.935   1.00 35.47  ? 145 LYS A N     1 
ATOM   807  C  CA    . LYS A 1 148 ? 14.644  -12.488 -0.080  1.00 35.67  ? 145 LYS A CA    1 
ATOM   808  C  C     . LYS A 1 148 ? 13.132  -12.487 0.178   1.00 36.54  ? 145 LYS A C     1 
ATOM   809  O  O     . LYS A 1 148 ? 12.725  -12.772 1.313   1.00 34.94  ? 145 LYS A O     1 
ATOM   810  C  CB    . LYS A 1 148 ? 15.233  -13.902 -0.019  1.00 39.63  ? 145 LYS A CB    1 
ATOM   811  C  CG    . LYS A 1 148 ? 14.738  -14.858 -1.091  1.00 42.48  ? 145 LYS A CG    1 
ATOM   812  C  CD    . LYS A 1 148 ? 15.574  -16.129 -1.155  1.00 45.23  ? 145 LYS A CD    1 
ATOM   813  C  CE    . LYS A 1 148 ? 14.774  -17.363 -1.503  1.00 49.27  ? 145 LYS A CE    1 
ATOM   814  N  NZ    . LYS A 1 148 ? 13.936  -17.163 -2.707  1.00 49.42  ? 145 LYS A NZ    1 
ATOM   815  N  N     . PHE A 1 149 ? 12.328  -12.171 -0.840  1.00 33.83  ? 146 PHE A N     1 
ATOM   816  C  CA    . PHE A 1 149 ? 10.843  -12.267 -0.817  1.00 31.33  ? 146 PHE A CA    1 
ATOM   817  C  C     . PHE A 1 149 ? 10.344  -12.461 -2.246  1.00 30.02  ? 146 PHE A C     1 
ATOM   818  O  O     . PHE A 1 149 ? 11.144  -12.353 -3.185  1.00 32.22  ? 146 PHE A O     1 
ATOM   819  C  CB    . PHE A 1 149 ? 10.255  -11.029 -0.133  1.00 30.37  ? 146 PHE A CB    1 
ATOM   820  C  CG    . PHE A 1 149 ? 10.688  -9.722  -0.743  1.00 28.48  ? 146 PHE A CG    1 
ATOM   821  C  CD1   . PHE A 1 149 ? 9.895   -9.104  -1.704  1.00 31.22  ? 146 PHE A CD1   1 
ATOM   822  C  CD2   . PHE A 1 149 ? 11.870  -9.117  -0.355  1.00 29.01  ? 146 PHE A CD2   1 
ATOM   823  C  CE1   . PHE A 1 149 ? 10.303  -7.912  -2.286  1.00 29.97  ? 146 PHE A CE1   1 
ATOM   824  C  CE2   . PHE A 1 149 ? 12.271  -7.916  -0.925  1.00 30.72  ? 146 PHE A CE2   1 
ATOM   825  C  CZ    . PHE A 1 149 ? 11.478  -7.317  -1.883  1.00 31.81  ? 146 PHE A CZ    1 
ATOM   826  N  N     . PRO A 1 150 ? 9.058   -12.817 -2.460  1.00 30.88  ? 147 PRO A N     1 
ATOM   827  C  CA    . PRO A 1 150 ? 8.580   -13.247 -3.776  1.00 29.71  ? 147 PRO A CA    1 
ATOM   828  C  C     . PRO A 1 150 ? 8.891   -12.312 -4.953  1.00 33.30  ? 147 PRO A C     1 
ATOM   829  O  O     . PRO A 1 150 ? 9.249   -12.815 -6.011  1.00 30.24  ? 147 PRO A O     1 
ATOM   830  C  CB    . PRO A 1 150 ? 7.072   -13.427 -3.589  1.00 29.54  ? 147 PRO A CB    1 
ATOM   831  C  CG    . PRO A 1 150 ? 6.948   -13.801 -2.139  1.00 28.15  ? 147 PRO A CG    1 
ATOM   832  C  CD    . PRO A 1 150 ? 8.013   -12.999 -1.428  1.00 28.14  ? 147 PRO A CD    1 
ATOM   833  N  N     . GLU A 1 151 ? 8.763   -10.994 -4.772  1.00 32.56  ? 148 GLU A N     1 
ATOM   834  C  CA    . GLU A 1 151 ? 8.908   -10.051 -5.911  1.00 32.29  ? 148 GLU A CA    1 
ATOM   835  C  C     . GLU A 1 151 ? 10.247  -9.313  -5.836  1.00 34.25  ? 148 GLU A C     1 
ATOM   836  O  O     . GLU A 1 151 ? 10.362  -8.239  -6.450  1.00 33.93  ? 148 GLU A O     1 
ATOM   837  C  CB    . GLU A 1 151 ? 7.689   -9.119  -5.947  1.00 31.46  ? 148 GLU A CB    1 
ATOM   838  C  CG    . GLU A 1 151 ? 6.395   -9.866  -6.203  1.00 30.55  ? 148 GLU A CG    1 
ATOM   839  C  CD    . GLU A 1 151 ? 5.170   -9.014  -6.466  1.00 36.18  ? 148 GLU A CD    1 
ATOM   840  O  OE1   . GLU A 1 151 ? 5.309   -7.779  -6.487  1.00 40.18  ? 148 GLU A OE1   1 
ATOM   841  O  OE2   . GLU A 1 151 ? 4.087   -9.590  -6.645  1.00 39.18  ? 148 GLU A OE2   1 
ATOM   842  N  N     . CYS A 1 152 ? 11.267  -9.878  -5.189  1.00 30.94  ? 149 CYS A N     1 
ATOM   843  C  CA    . CYS A 1 152 ? 12.508  -9.140  -4.836  1.00 34.25  ? 149 CYS A CA    1 
ATOM   844  C  C     . CYS A 1 152 ? 13.366  -8.915  -6.094  1.00 34.81  ? 149 CYS A C     1 
ATOM   845  O  O     . CYS A 1 152 ? 14.251  -8.031  -6.043  1.00 37.25  ? 149 CYS A O     1 
ATOM   846  C  CB    . CYS A 1 152 ? 13.277  -9.828  -3.718  1.00 35.20  ? 149 CYS A CB    1 
ATOM   847  S  SG    . CYS A 1 152 ? 14.043  -11.409 -4.170  1.00 36.87  ? 149 CYS A SG    1 
ATOM   848  N  N     . HIS A 1 153 ? 13.086  -9.644  -7.180  1.00 36.89  ? 150 HIS A N     1 
ATOM   849  C  CA    . HIS A 1 153 ? 13.815  -9.485  -8.470  1.00 39.86  ? 150 HIS A CA    1 
ATOM   850  C  C     . HIS A 1 153 ? 13.019  -8.605  -9.434  1.00 41.49  ? 150 HIS A C     1 
ATOM   851  O  O     . HIS A 1 153 ? 13.598  -8.230  -10.466 1.00 42.20  ? 150 HIS A O     1 
ATOM   852  C  CB    . HIS A 1 153 ? 14.158  -10.843 -9.104  1.00 40.51  ? 150 HIS A CB    1 
ATOM   853  C  CG    . HIS A 1 153 ? 15.066  -11.673 -8.257  1.00 40.20  ? 150 HIS A CG    1 
ATOM   854  N  ND1   . HIS A 1 153 ? 16.301  -11.215 -7.831  1.00 43.78  ? 150 HIS A ND1   1 
ATOM   855  C  CD2   . HIS A 1 153 ? 14.918  -12.908 -7.731  1.00 42.41  ? 150 HIS A CD2   1 
ATOM   856  C  CE1   . HIS A 1 153 ? 16.881  -12.142 -7.091  1.00 44.65  ? 150 HIS A CE1   1 
ATOM   857  N  NE2   . HIS A 1 153 ? 16.050  -13.185 -7.010  1.00 45.66  ? 150 HIS A NE2   1 
ATOM   858  N  N     . LYS A 1 154 ? 11.759  -8.290  -9.111  1.00 39.38  ? 151 LYS A N     1 
ATOM   859  C  CA    . LYS A 1 154 ? 10.847  -7.474  -9.962  1.00 41.67  ? 151 LYS A CA    1 
ATOM   860  C  C     . LYS A 1 154 ? 10.716  -6.037  -9.431  1.00 39.20  ? 151 LYS A C     1 
ATOM   861  O  O     . LYS A 1 154 ? 10.211  -5.187  -10.188 1.00 41.71  ? 151 LYS A O     1 
ATOM   862  C  CB    . LYS A 1 154 ? 9.444   -8.076  -9.996  1.00 47.16  ? 151 LYS A CB    1 
ATOM   863  C  CG    . LYS A 1 154 ? 9.329   -9.473  -10.590 1.00 53.28  ? 151 LYS A CG    1 
ATOM   864  C  CD    . LYS A 1 154 ? 7.911   -10.027 -10.532 1.00 58.98  ? 151 LYS A CD    1 
ATOM   865  C  CE    . LYS A 1 154 ? 6.881   -9.133  -11.198 1.00 64.88  ? 151 LYS A CE    1 
ATOM   866  N  NZ    . LYS A 1 154 ? 6.238   -8.199  -10.237 1.00 67.60  ? 151 LYS A NZ    1 
ATOM   867  N  N     . ARG A 1 155 ? 11.134  -5.762  -8.196  1.00 36.67  ? 152 ARG A N     1 
ATOM   868  C  CA    . ARG A 1 155 ? 10.943  -4.431  -7.565  1.00 34.17  ? 152 ARG A CA    1 
ATOM   869  C  C     . ARG A 1 155 ? 12.163  -4.035  -6.756  1.00 37.39  ? 152 ARG A C     1 
ATOM   870  O  O     . ARG A 1 155 ? 12.894  -4.923  -6.290  1.00 39.04  ? 152 ARG A O     1 
ATOM   871  C  CB    . ARG A 1 155 ? 9.765   -4.436  -6.588  1.00 34.51  ? 152 ARG A CB    1 
ATOM   872  C  CG    . ARG A 1 155 ? 8.432   -4.788  -7.218  1.00 33.64  ? 152 ARG A CG    1 
ATOM   873  C  CD    . ARG A 1 155 ? 7.394   -4.687  -6.128  1.00 32.90  ? 152 ARG A CD    1 
ATOM   874  N  NE    . ARG A 1 155 ? 6.175   -5.296  -6.569  1.00 32.98  ? 152 ARG A NE    1 
ATOM   875  C  CZ    . ARG A 1 155 ? 5.144   -4.681  -7.129  1.00 35.22  ? 152 ARG A CZ    1 
ATOM   876  N  NH1   . ARG A 1 155 ? 5.158   -3.374  -7.345  1.00 34.75  ? 152 ARG A NH1   1 
ATOM   877  N  NH2   . ARG A 1 155 ? 4.081   -5.381  -7.460  1.00 35.35  ? 152 ARG A NH2   1 
ATOM   878  N  N     . HIS A 1 156 ? 12.335  -2.731  -6.583  1.00 33.34  ? 153 HIS A N     1 
ATOM   879  C  CA    . HIS A 1 156 ? 13.233  -2.122  -5.581  1.00 34.28  ? 153 HIS A CA    1 
ATOM   880  C  C     . HIS A 1 156 ? 12.394  -1.721  -4.371  1.00 32.26  ? 153 HIS A C     1 
ATOM   881  O  O     . HIS A 1 156 ? 11.175  -1.553  -4.509  1.00 31.36  ? 153 HIS A O     1 
ATOM   882  C  CB    . HIS A 1 156 ? 13.997  -0.940  -6.185  1.00 40.24  ? 153 HIS A CB    1 
ATOM   883  C  CG    . HIS A 1 156 ? 14.898  -1.349  -7.303  1.00 46.28  ? 153 HIS A CG    1 
ATOM   884  N  ND1   . HIS A 1 156 ? 14.650  -1.006  -8.619  1.00 54.44  ? 153 HIS A ND1   1 
ATOM   885  C  CD2   . HIS A 1 156 ? 16.016  -2.107  -7.307  1.00 52.95  ? 153 HIS A CD2   1 
ATOM   886  C  CE1   . HIS A 1 156 ? 15.593  -1.517  -9.387  1.00 54.87  ? 153 HIS A CE1   1 
ATOM   887  N  NE2   . HIS A 1 156 ? 16.446  -2.195  -8.601  1.00 52.18  ? 153 HIS A NE2   1 
ATOM   888  N  N     . ARG A 1 157 ? 13.062  -1.558  -3.242  1.00 32.54  ? 154 ARG A N     1 
ATOM   889  C  CA    . ARG A 1 157 ? 12.419  -1.306  -1.942  1.00 35.09  ? 154 ARG A CA    1 
ATOM   890  C  C     . ARG A 1 157 ? 13.310  -0.332  -1.183  1.00 37.43  ? 154 ARG A C     1 
ATOM   891  O  O     . ARG A 1 157 ? 14.538  -0.551  -1.162  1.00 40.72  ? 154 ARG A O     1 
ATOM   892  C  CB    . ARG A 1 157 ? 12.234  -2.642  -1.217  1.00 36.12  ? 154 ARG A CB    1 
ATOM   893  C  CG    . ARG A 1 157 ? 11.770  -2.488  0.215   1.00 33.56  ? 154 ARG A CG    1 
ATOM   894  C  CD    . ARG A 1 157 ? 11.862  -3.786  0.988   1.00 33.10  ? 154 ARG A CD    1 
ATOM   895  N  NE    . ARG A 1 157 ? 13.199  -4.156  1.414   1.00 34.78  ? 154 ARG A NE    1 
ATOM   896  C  CZ    . ARG A 1 157 ? 13.506  -5.365  1.882   1.00 37.81  ? 154 ARG A CZ    1 
ATOM   897  N  NH1   . ARG A 1 157 ? 12.557  -6.279  1.988   1.00 32.93  ? 154 ARG A NH1   1 
ATOM   898  N  NH2   . ARG A 1 157 ? 14.747  -5.659  2.241   1.00 37.90  ? 154 ARG A NH2   1 
ATOM   899  N  N     . LYS A 1 158 ? 12.729  0.708   -0.584  1.00 30.54  ? 155 LYS A N     1 
ATOM   900  C  CA    . LYS A 1 158 ? 13.497  1.702   0.188   1.00 31.44  ? 155 LYS A CA    1 
ATOM   901  C  C     . LYS A 1 158 ? 12.587  2.449   1.169   1.00 28.05  ? 155 LYS A C     1 
ATOM   902  O  O     . LYS A 1 158 ? 11.392  2.622   0.869   1.00 30.84  ? 155 LYS A O     1 
ATOM   903  C  CB    . LYS A 1 158 ? 14.169  2.665   -0.795  1.00 33.54  ? 155 LYS A CB    1 
ATOM   904  C  CG    . LYS A 1 158 ? 15.172  3.609   -0.174  1.00 38.55  ? 155 LYS A CG    1 
ATOM   905  C  CD    . LYS A 1 158 ? 15.856  4.491   -1.189  1.00 45.44  ? 155 LYS A CD    1 
ATOM   906  C  CE    . LYS A 1 158 ? 16.856  5.419   -0.539  1.00 50.51  ? 155 LYS A CE    1 
ATOM   907  N  NZ    . LYS A 1 158 ? 17.398  6.391   -1.517  1.00 57.05  ? 155 LYS A NZ    1 
ATOM   908  N  N     . LEU A 1 159 ? 13.151  2.818   2.310   1.00 30.55  ? 156 LEU A N     1 
ATOM   909  C  CA    . LEU A 1 159 ? 12.519  3.675   3.333   1.00 31.55  ? 156 LEU A CA    1 
ATOM   910  C  C     . LEU A 1 159 ? 12.710  5.143   2.930   1.00 34.57  ? 156 LEU A C     1 
ATOM   911  O  O     . LEU A 1 159 ? 13.809  5.528   2.468   1.00 32.86  ? 156 LEU A O     1 
ATOM   912  C  CB    . LEU A 1 159 ? 13.131  3.394   4.708   1.00 34.16  ? 156 LEU A CB    1 
ATOM   913  C  CG    . LEU A 1 159 ? 12.808  2.027   5.315   1.00 36.59  ? 156 LEU A CG    1 
ATOM   914  C  CD1   . LEU A 1 159 ? 13.746  1.731   6.471   1.00 37.50  ? 156 LEU A CD1   1 
ATOM   915  C  CD2   . LEU A 1 159 ? 11.366  1.976   5.797   1.00 34.65  ? 156 LEU A CD2   1 
ATOM   916  N  N     . TYR A 1 160 ? 11.663  5.936   3.101   1.00 33.06  ? 157 TYR A N     1 
ATOM   917  C  CA    . TYR A 1 160 ? 11.654  7.381   2.757   1.00 31.47  ? 157 TYR A CA    1 
ATOM   918  C  C     . TYR A 1 160 ? 11.042  8.173   3.909   1.00 31.50  ? 157 TYR A C     1 
ATOM   919  O  O     . TYR A 1 160 ? 10.068  7.698   4.539   1.00 32.08  ? 157 TYR A O     1 
ATOM   920  C  CB    . TYR A 1 160 ? 10.858  7.594   1.474   1.00 29.04  ? 157 TYR A CB    1 
ATOM   921  C  CG    . TYR A 1 160 ? 11.506  7.120   0.198   1.00 32.69  ? 157 TYR A CG    1 
ATOM   922  C  CD1   . TYR A 1 160 ? 12.493  7.861   -0.439  1.00 34.96  ? 157 TYR A CD1   1 
ATOM   923  C  CD2   . TYR A 1 160 ? 11.086  5.952   -0.413  1.00 34.33  ? 157 TYR A CD2   1 
ATOM   924  C  CE1   . TYR A 1 160 ? 13.059  7.433   -1.631  1.00 37.71  ? 157 TYR A CE1   1 
ATOM   925  C  CE2   . TYR A 1 160 ? 11.635  5.514   -1.607  1.00 35.77  ? 157 TYR A CE2   1 
ATOM   926  C  CZ    . TYR A 1 160 ? 12.620  6.261   -2.223  1.00 37.54  ? 157 TYR A CZ    1 
ATOM   927  O  OH    . TYR A 1 160 ? 13.153  5.797   -3.390  1.00 42.03  ? 157 TYR A OH    1 
ATOM   928  N  N     . SER A 1 161 ? 11.545  9.381   4.155   1.00 31.95  ? 158 SER A N     1 
ATOM   929  C  CA    . SER A 1 161 ? 10.887  10.381  5.028   1.00 33.56  ? 158 SER A CA    1 
ATOM   930  C  C     . SER A 1 161 ? 9.532   10.764  4.431   1.00 29.66  ? 158 SER A C     1 
ATOM   931  O  O     . SER A 1 161 ? 9.317   10.523  3.237   1.00 30.20  ? 158 SER A O     1 
ATOM   932  C  CB    . SER A 1 161 ? 11.740  11.616  5.195   1.00 35.08  ? 158 SER A CB    1 
ATOM   933  O  OG    . SER A 1 161 ? 11.773  12.336  3.971   1.00 37.94  ? 158 SER A OG    1 
ATOM   934  N  N     . TYR A 1 162 ? 8.677   11.404  5.222   1.00 28.94  ? 159 TYR A N     1 
ATOM   935  C  CA    . TYR A 1 162 ? 7.355   11.879  4.736   1.00 30.06  ? 159 TYR A CA    1 
ATOM   936  C  C     . TYR A 1 162 ? 7.544   12.785  3.513   1.00 31.00  ? 159 TYR A C     1 
ATOM   937  O  O     . TYR A 1 162 ? 6.842   12.595  2.523   1.00 27.39  ? 159 TYR A O     1 
ATOM   938  C  CB    . TYR A 1 162 ? 6.576   12.615  5.822   1.00 29.73  ? 159 TYR A CB    1 
ATOM   939  C  CG    . TYR A 1 162 ? 5.295   13.212  5.297   1.00 29.87  ? 159 TYR A CG    1 
ATOM   940  C  CD1   . TYR A 1 162 ? 4.241   12.405  4.898   1.00 31.04  ? 159 TYR A CD1   1 
ATOM   941  C  CD2   . TYR A 1 162 ? 5.151   14.586  5.142   1.00 32.63  ? 159 TYR A CD2   1 
ATOM   942  C  CE1   . TYR A 1 162 ? 3.072   12.938  4.372   1.00 29.44  ? 159 TYR A CE1   1 
ATOM   943  C  CE2   . TYR A 1 162 ? 3.986   15.130  4.624   1.00 30.05  ? 159 TYR A CE2   1 
ATOM   944  C  CZ    . TYR A 1 162 ? 2.937   14.309  4.242   1.00 31.39  ? 159 TYR A CZ    1 
ATOM   945  O  OH    . TYR A 1 162 ? 1.765   14.813  3.723   1.00 29.66  ? 159 TYR A OH    1 
ATOM   946  N  N     . THR A 1 163 ? 8.443   13.767  3.579   1.00 33.77  ? 160 THR A N     1 
ATOM   947  C  CA    . THR A 1 163 ? 8.628   14.732  2.456   1.00 35.62  ? 160 THR A CA    1 
ATOM   948  C  C     . THR A 1 163 ? 8.947   13.976  1.158   1.00 34.69  ? 160 THR A C     1 
ATOM   949  O  O     . THR A 1 163 ? 8.283   14.213  0.125   1.00 31.16  ? 160 THR A O     1 
ATOM   950  C  CB    . THR A 1 163 ? 9.699   15.773  2.804   1.00 37.63  ? 160 THR A CB    1 
ATOM   951  O  OG1   . THR A 1 163 ? 9.286   16.375  4.033   1.00 41.32  ? 160 THR A OG1   1 
ATOM   952  C  CG2   . THR A 1 163 ? 9.862   16.812  1.717   1.00 39.71  ? 160 THR A CG2   1 
ATOM   953  N  N     . GLU A 1 164 ? 9.899   13.037  1.208   1.00 33.11  ? 161 GLU A N     1 
ATOM   954  C  CA    . GLU A 1 164 ? 10.335  12.288  0.006   1.00 33.56  ? 161 GLU A CA    1 
ATOM   955  C  C     . GLU A 1 164 ? 9.176   11.412  -0.464  1.00 31.36  ? 161 GLU A C     1 
ATOM   956  O  O     . GLU A 1 164 ? 8.922   11.316  -1.673  1.00 30.50  ? 161 GLU A O     1 
ATOM   957  C  CB    . GLU A 1 164 ? 11.568  11.437  0.322   1.00 39.15  ? 161 GLU A CB    1 
ATOM   958  C  CG    . GLU A 1 164 ? 12.759  12.223  0.849   1.00 42.04  ? 161 GLU A CG    1 
ATOM   959  C  CD    . GLU A 1 164 ? 13.893  11.378  1.423   1.00 51.10  ? 161 GLU A CD    1 
ATOM   960  O  OE1   . GLU A 1 164 ? 15.060  11.767  1.201   1.00 51.82  ? 161 GLU A OE1   1 
ATOM   961  O  OE2   . GLU A 1 164 ? 13.624  10.333  2.105   1.00 46.24  ? 161 GLU A OE2   1 
ATOM   962  N  N     . ALA A 1 165 ? 8.483   10.761  0.474   1.00 29.58  ? 162 ALA A N     1 
ATOM   963  C  CA    . ALA A 1 165 ? 7.401   9.809   0.132   1.00 29.39  ? 162 ALA A CA    1 
ATOM   964  C  C     . ALA A 1 165 ? 6.270   10.546  -0.594  1.00 25.66  ? 162 ALA A C     1 
ATOM   965  O  O     . ALA A 1 165 ? 5.733   10.016  -1.552  1.00 25.62  ? 162 ALA A O     1 
ATOM   966  C  CB    . ALA A 1 165 ? 6.884   9.121   1.370   1.00 26.75  ? 162 ALA A CB    1 
ATOM   967  N  N     . LYS A 1 166 ? 5.889   11.719  -0.090  1.00 28.26  ? 163 LYS A N     1 
ATOM   968  C  CA    . LYS A 1 166 ? 4.809   12.556  -0.661  1.00 29.67  ? 163 LYS A CA    1 
ATOM   969  C  C     . LYS A 1 166 ? 5.182   12.979  -2.091  1.00 26.17  ? 163 LYS A C     1 
ATOM   970  O  O     . LYS A 1 166 ? 4.355   12.758  -2.983  1.00 26.79  ? 163 LYS A O     1 
ATOM   971  C  CB    . LYS A 1 166 ? 4.567   13.798  0.186   1.00 29.53  ? 163 LYS A CB    1 
ATOM   972  C  CG    . LYS A 1 166 ? 3.588   14.765  -0.453  1.00 32.88  ? 163 LYS A CG    1 
ATOM   973  C  CD    . LYS A 1 166 ? 3.006   15.749  0.535   1.00 33.78  ? 163 LYS A CD    1 
ATOM   974  C  CE    . LYS A 1 166 ? 4.047   16.364  1.439   1.00 36.66  ? 163 LYS A CE    1 
ATOM   975  N  NZ    . LYS A 1 166 ? 4.763   17.480  0.774   1.00 42.25  ? 163 LYS A NZ    1 
ATOM   976  N  N     . GLN A 1 167 ? 6.416   13.439  -2.317  1.00 28.69  ? 164 GLN A N     1 
ATOM   977  C  CA    . GLN A 1 167 ? 6.880   13.745  -3.703  1.00 31.26  ? 164 GLN A CA    1 
ATOM   978  C  C     . GLN A 1 167 ? 6.852   12.489  -4.579  1.00 27.76  ? 164 GLN A C     1 
ATOM   979  O  O     . GLN A 1 167 ? 6.313   12.539  -5.679  1.00 29.68  ? 164 GLN A O     1 
ATOM   980  C  CB    . GLN A 1 167 ? 8.241   14.442  -3.716  1.00 34.36  ? 164 GLN A CB    1 
ATOM   981  C  CG    . GLN A 1 167 ? 8.558   15.083  -5.069  1.00 36.99  ? 164 GLN A CG    1 
ATOM   982  C  CD    . GLN A 1 167 ? 7.490   16.028  -5.588  1.00 38.38  ? 164 GLN A CD    1 
ATOM   983  O  OE1   . GLN A 1 167 ? 7.111   17.015  -4.949  1.00 37.47  ? 164 GLN A OE1   1 
ATOM   984  N  NE2   . GLN A 1 167 ? 6.977   15.721  -6.767  1.00 41.76  ? 164 GLN A NE2   1 
ATOM   985  N  N     . ASN A 1 168 ? 7.270   11.325  -4.058  1.00 27.74  ? 165 ASN A N     1 
ATOM   986  C  CA    . ASN A 1 168 ? 7.182   10.067  -4.831  1.00 27.68  ? 165 ASN A CA    1 
ATOM   987  C  C     . ASN A 1 168 ? 5.747   9.812   -5.312  1.00 23.99  ? 165 ASN A C     1 
ATOM   988  O  O     . ASN A 1 168 ? 5.544   9.343   -6.439  1.00 26.30  ? 165 ASN A O     1 
ATOM   989  C  CB    . ASN A 1 168 ? 7.735   8.909   -3.980  1.00 29.23  ? 165 ASN A CB    1 
ATOM   990  C  CG    . ASN A 1 168 ? 9.246   8.863   -3.921  1.00 34.47  ? 165 ASN A CG    1 
ATOM   991  O  OD1   . ASN A 1 168 ? 9.915   9.555   -4.687  1.00 35.93  ? 165 ASN A OD1   1 
ATOM   992  N  ND2   . ASN A 1 168 ? 9.801   8.071   -3.012  1.00 32.95  ? 165 ASN A ND2   1 
ATOM   993  N  N     . LEU A 1 169 ? 4.746   9.943   -4.425  1.00 25.85  ? 166 LEU A N     1 
ATOM   994  C  CA    . LEU A 1 169 ? 3.361   9.561   -4.764  1.00 26.26  ? 166 LEU A CA    1 
ATOM   995  C  C     . LEU A 1 169 ? 2.740   10.559  -5.757  1.00 26.64  ? 166 LEU A C     1 
ATOM   996  O  O     . LEU A 1 169 ? 1.948   10.117  -6.595  1.00 26.46  ? 166 LEU A O     1 
ATOM   997  C  CB    . LEU A 1 169 ? 2.553   9.408   -3.475  1.00 24.99  ? 166 LEU A CB    1 
ATOM   998  C  CG    . LEU A 1 169 ? 2.980   8.214   -2.617  1.00 26.04  ? 166 LEU A CG    1 
ATOM   999  C  CD1   . LEU A 1 169 ? 2.209   8.198   -1.308  1.00 27.19  ? 166 LEU A CD1   1 
ATOM   1000 C  CD2   . LEU A 1 169 ? 2.731   6.929   -3.400  1.00 26.22  ? 166 LEU A CD2   1 
ATOM   1001 N  N     A ILE A 1 170 ? 3.116   11.845  -5.682  0.50 30.09  ? 167 ILE A N     1 
ATOM   1002 N  N     B ILE A 1 170 ? 3.119   11.840  -5.692  0.50 28.08  ? 167 ILE A N     1 
ATOM   1003 C  CA    A ILE A 1 170 ? 2.727   12.874  -6.700  0.50 31.27  ? 167 ILE A CA    1 
ATOM   1004 C  CA    B ILE A 1 170 ? 2.686   12.853  -6.706  0.50 27.54  ? 167 ILE A CA    1 
ATOM   1005 C  C     A ILE A 1 170 ? 3.345   12.493  -8.052  0.50 29.80  ? 167 ILE A C     1 
ATOM   1006 C  C     B ILE A 1 170 ? 3.347   12.516  -8.057  0.50 27.66  ? 167 ILE A C     1 
ATOM   1007 O  O     A ILE A 1 170 ? 2.600   12.430  -9.055  0.50 28.86  ? 167 ILE A O     1 
ATOM   1008 O  O     B ILE A 1 170 ? 2.612   12.454  -9.068  0.50 26.97  ? 167 ILE A O     1 
ATOM   1009 C  CB    A ILE A 1 170 ? 3.166   14.296  -6.291  0.50 33.30  ? 167 ILE A CB    1 
ATOM   1010 C  CB    B ILE A 1 170 ? 2.985   14.290  -6.228  0.50 26.64  ? 167 ILE A CB    1 
ATOM   1011 C  CG1   A ILE A 1 170 ? 2.630   14.697  -4.918  0.50 35.37  ? 167 ILE A CG1   1 
ATOM   1012 C  CG1   B ILE A 1 170 ? 2.135   14.673  -5.016  0.50 25.75  ? 167 ILE A CG1   1 
ATOM   1013 C  CG2   A ILE A 1 170 ? 2.749   15.302  -7.356  0.50 33.94  ? 167 ILE A CG2   1 
ATOM   1014 C  CG2   B ILE A 1 170 ? 2.785   15.294  -7.358  0.50 27.52  ? 167 ILE A CG2   1 
ATOM   1015 C  CD1   A ILE A 1 170 ? 1.140   14.538  -4.786  0.50 34.88  ? 167 ILE A CD1   1 
ATOM   1016 C  CD1   B ILE A 1 170 ? 2.650   15.885  -4.272  0.50 24.47  ? 167 ILE A CD1   1 
ATOM   1017 N  N     . ASP A 1 171 ? 4.659   12.262  -8.056  1.00 31.18  ? 168 ASP A N     1 
ATOM   1018 C  CA    . ASP A 1 171 ? 5.421   11.787  -9.245  1.00 32.06  ? 168 ASP A CA    1 
ATOM   1019 C  C     . ASP A 1 171 ? 4.742   10.554  -9.862  1.00 33.66  ? 168 ASP A C     1 
ATOM   1020 O  O     . ASP A 1 171 ? 4.660   10.473  -11.070 1.00 35.38  ? 168 ASP A O     1 
ATOM   1021 C  CB    . ASP A 1 171 ? 6.868   11.467  -8.883  1.00 34.63  ? 168 ASP A CB    1 
ATOM   1022 C  CG    . ASP A 1 171 ? 7.737   12.674  -8.572  1.00 39.48  ? 168 ASP A CG    1 
ATOM   1023 O  OD1   . ASP A 1 171 ? 7.246   13.817  -8.719  1.00 45.23  ? 168 ASP A OD1   1 
ATOM   1024 O  OD2   . ASP A 1 171 ? 8.900   12.469  -8.166  1.00 47.05  ? 168 ASP A OD2   1 
ATOM   1025 N  N     . ALA A 1 172 ? 4.243   9.625   -9.037  1.00 30.00  ? 169 ALA A N     1 
ATOM   1026 C  CA    . ALA A 1 172 ? 3.561   8.381   -9.458  1.00 30.01  ? 169 ALA A CA    1 
ATOM   1027 C  C     . ALA A 1 172 ? 2.105   8.613   -9.874  1.00 29.78  ? 169 ALA A C     1 
ATOM   1028 O  O     . ALA A 1 172 ? 1.496   7.687   -10.409 1.00 29.41  ? 169 ALA A O     1 
ATOM   1029 C  CB    . ALA A 1 172 ? 3.659   7.372   -8.324  1.00 30.54  ? 169 ALA A CB    1 
ATOM   1030 N  N     . LYS A 1 173 ? 1.569   9.828   -9.679  1.00 32.65  ? 170 LYS A N     1 
ATOM   1031 C  CA    . LYS A 1 173 ? 0.170   10.198  -10.005 1.00 33.32  ? 170 LYS A CA    1 
ATOM   1032 C  C     . LYS A 1 173 ? -0.801  9.313   -9.198  1.00 27.34  ? 170 LYS A C     1 
ATOM   1033 O  O     . LYS A 1 173 ? -1.788  8.821   -9.762  1.00 28.36  ? 170 LYS A O     1 
ATOM   1034 C  CB    . LYS A 1 173 ? -0.071  10.085  -11.509 1.00 34.64  ? 170 LYS A CB    1 
ATOM   1035 C  CG    . LYS A 1 173 ? 0.975   10.751  -12.386 1.00 40.42  ? 170 LYS A CG    1 
ATOM   1036 C  CD    . LYS A 1 173 ? 0.613   10.659  -13.855 1.00 41.78  ? 170 LYS A CD    1 
ATOM   1037 C  CE    . LYS A 1 173 ? 1.738   11.077  -14.775 1.00 46.64  ? 170 LYS A CE    1 
ATOM   1038 N  NZ    . LYS A 1 173 ? 2.191   12.460  -14.493 1.00 51.68  ? 170 LYS A NZ    1 
ATOM   1039 N  N     . ARG A 1 174 ? -0.522  9.135   -7.909  1.00 29.87  ? 171 ARG A N     1 
ATOM   1040 C  CA    . ARG A 1 174 ? -1.355  8.276   -7.022  1.00 29.29  ? 171 ARG A CA    1 
ATOM   1041 C  C     . ARG A 1 174 ? -1.813  9.086   -5.814  1.00 27.07  ? 171 ARG A C     1 
ATOM   1042 O  O     . ARG A 1 174 ? -1.426  8.842   -4.676  1.00 26.15  ? 171 ARG A O     1 
ATOM   1043 C  CB    . ARG A 1 174 ? -0.552  7.050   -6.571  1.00 27.83  ? 171 ARG A CB    1 
ATOM   1044 C  CG    . ARG A 1 174 ? -0.056  6.133   -7.686  1.00 28.50  ? 171 ARG A CG    1 
ATOM   1045 C  CD    . ARG A 1 174 ? -1.139  5.607   -8.576  1.00 29.70  ? 171 ARG A CD    1 
ATOM   1046 N  NE    . ARG A 1 174 ? -2.154  4.818   -7.876  1.00 33.67  ? 171 ARG A NE    1 
ATOM   1047 C  CZ    . ARG A 1 174 ? -2.158  3.483   -7.783  1.00 34.98  ? 171 ARG A CZ    1 
ATOM   1048 N  NH1   . ARG A 1 174 ? -1.219  2.766   -8.382  1.00 34.93  ? 171 ARG A NH1   1 
ATOM   1049 N  NH2   . ARG A 1 174 ? -3.139  2.876   -7.138  1.00 32.76  ? 171 ARG A NH2   1 
ATOM   1050 N  N     . PRO A 1 175 ? -2.645  10.132  -5.985  1.00 27.67  ? 172 PRO A N     1 
ATOM   1051 C  CA    . PRO A 1 175 ? -3.063  10.936  -4.840  1.00 28.20  ? 172 PRO A CA    1 
ATOM   1052 C  C     . PRO A 1 175 ? -3.848  10.132  -3.785  1.00 25.82  ? 172 PRO A C     1 
ATOM   1053 O  O     . PRO A 1 175 ? -3.830  10.531  -2.644  1.00 25.06  ? 172 PRO A O     1 
ATOM   1054 C  CB    . PRO A 1 175 ? -3.929  12.039  -5.483  1.00 30.67  ? 172 PRO A CB    1 
ATOM   1055 C  CG    . PRO A 1 175 ? -4.381  11.452  -6.792  1.00 29.22  ? 172 PRO A CG    1 
ATOM   1056 C  CD    . PRO A 1 175 ? -3.249  10.558  -7.260  1.00 29.00  ? 172 PRO A CD    1 
ATOM   1057 N  N     . GLU A 1 176 ? -4.490  9.037   -4.181  1.00 27.06  ? 173 GLU A N     1 
ATOM   1058 C  CA    . GLU A 1 176 ? -5.292  8.228   -3.228  1.00 25.37  ? 173 GLU A CA    1 
ATOM   1059 C  C     . GLU A 1 176 ? -4.336  7.479   -2.291  1.00 25.41  ? 173 GLU A C     1 
ATOM   1060 O  O     . GLU A 1 176 ? -4.683  7.324   -1.138  1.00 25.72  ? 173 GLU A O     1 
ATOM   1061 C  CB    . GLU A 1 176 ? -6.275  7.327   -3.961  1.00 28.37  ? 173 GLU A CB    1 
ATOM   1062 C  CG    . GLU A 1 176 ? -5.667  6.127   -4.653  1.00 30.63  ? 173 GLU A CG    1 
ATOM   1063 C  CD    . GLU A 1 176 ? -4.845  6.352   -5.915  1.00 34.06  ? 173 GLU A CD    1 
ATOM   1064 O  OE1   . GLU A 1 176 ? -4.753  7.512   -6.417  1.00 35.02  ? 173 GLU A OE1   1 
ATOM   1065 O  OE2   . GLU A 1 176 ? -4.316  5.350   -6.431  1.00 37.77  ? 173 GLU A OE2   1 
ATOM   1066 N  N     . LEU A 1 177 ? -3.165  7.070   -2.762  1.00 26.03  ? 174 LEU A N     1 
ATOM   1067 C  CA    . LEU A 1 177 ? -2.157  6.426   -1.867  1.00 25.07  ? 174 LEU A CA    1 
ATOM   1068 C  C     . LEU A 1 177 ? -1.580  7.498   -0.942  1.00 25.43  ? 174 LEU A C     1 
ATOM   1069 O  O     . LEU A 1 177 ? -1.281  7.226   0.229   1.00 24.16  ? 174 LEU A O     1 
ATOM   1070 C  CB    . LEU A 1 177 ? -1.059  5.755   -2.701  1.00 25.66  ? 174 LEU A CB    1 
ATOM   1071 C  CG    . LEU A 1 177 ? -1.503  4.675   -3.684  1.00 26.70  ? 174 LEU A CG    1 
ATOM   1072 C  CD1   . LEU A 1 177 ? -0.271  3.989   -4.263  1.00 24.65  ? 174 LEU A CD1   1 
ATOM   1073 C  CD2   . LEU A 1 177 ? -2.461  3.668   -3.062  1.00 27.80  ? 174 LEU A CD2   1 
ATOM   1074 N  N     . LEU A 1 178 ? -1.444  8.741   -1.427  1.00 24.63  ? 175 LEU A N     1 
ATOM   1075 C  CA    . LEU A 1 178 ? -0.991  9.849   -0.566  1.00 22.25  ? 175 LEU A CA    1 
ATOM   1076 C  C     . LEU A 1 178 ? -2.041  10.139  0.536   1.00 21.51  ? 175 LEU A C     1 
ATOM   1077 O  O     . LEU A 1 178 ? -1.662  10.481  1.641   1.00 23.28  ? 175 LEU A O     1 
ATOM   1078 C  CB    . LEU A 1 178 ? -0.736  11.092  -1.437  1.00 25.06  ? 175 LEU A CB    1 
ATOM   1079 C  CG    . LEU A 1 178 ? -0.383  12.366  -0.693  1.00 25.29  ? 175 LEU A CG    1 
ATOM   1080 C  CD1   . LEU A 1 178 ? 0.809   12.204  0.235   1.00 26.69  ? 175 LEU A CD1   1 
ATOM   1081 C  CD2   . LEU A 1 178 ? -0.114  13.482  -1.710  1.00 27.12  ? 175 LEU A CD2   1 
ATOM   1082 N  N     A GLU A 1 179 ? -3.318  10.059  0.193   0.50 22.65  ? 176 GLU A N     1 
ATOM   1083 N  N     B GLU A 1 179 ? -3.329  10.056  0.222   0.50 23.19  ? 176 GLU A N     1 
ATOM   1084 C  CA    A GLU A 1 179 ? -4.448  10.194  1.149   0.50 22.89  ? 176 GLU A CA    1 
ATOM   1085 C  CA    B GLU A 1 179 ? -4.398  10.251  1.238   0.50 23.86  ? 176 GLU A CA    1 
ATOM   1086 C  C     A GLU A 1 179 ? -4.244  9.198   2.308   0.50 23.39  ? 176 GLU A C     1 
ATOM   1087 C  C     B GLU A 1 179 ? -4.223  9.196   2.346   0.50 23.76  ? 176 GLU A C     1 
ATOM   1088 O  O     A GLU A 1 179 ? -4.287  9.611   3.487   0.50 23.73  ? 176 GLU A O     1 
ATOM   1089 O  O     B GLU A 1 179 ? -4.267  9.573   3.535   0.50 24.28  ? 176 GLU A O     1 
ATOM   1090 C  CB    A GLU A 1 179 ? -5.753  9.968   0.390   0.50 24.30  ? 176 GLU A CB    1 
ATOM   1091 C  CB    B GLU A 1 179 ? -5.799  10.187  0.637   0.50 25.04  ? 176 GLU A CB    1 
ATOM   1092 C  CG    A GLU A 1 179 ? -6.993  10.202  1.224   0.50 25.92  ? 176 GLU A CG    1 
ATOM   1093 C  CG    B GLU A 1 179 ? -6.889  10.437  1.669   0.50 27.25  ? 176 GLU A CG    1 
ATOM   1094 C  CD    A GLU A 1 179 ? -6.889  11.379  2.181   0.50 28.42  ? 176 GLU A CD    1 
ATOM   1095 C  CD    B GLU A 1 179 ? -8.254  10.811  1.103   0.50 30.52  ? 176 GLU A CD    1 
ATOM   1096 O  OE1   A GLU A 1 179 ? -6.477  12.476  1.737   0.50 28.54  ? 176 GLU A OE1   1 
ATOM   1097 O  OE1   B GLU A 1 179 ? -8.429  10.708  -0.133  0.50 37.02  ? 176 GLU A OE1   1 
ATOM   1098 O  OE2   A GLU A 1 179 ? -7.198  11.199  3.376   0.50 32.05  ? 176 GLU A OE2   1 
ATOM   1099 O  OE2   B GLU A 1 179 ? -9.136  11.215  1.904   0.50 32.24  ? 176 GLU A OE2   1 
ATOM   1100 N  N     . ALA A 1 180 ? -4.009  7.934   1.976   1.00 23.88  ? 177 ALA A N     1 
ATOM   1101 C  CA    . ALA A 1 180 ? -3.732  6.869   2.981   1.00 24.47  ? 177 ALA A CA    1 
ATOM   1102 C  C     . ALA A 1 180 ? -2.480  7.210   3.802   1.00 23.71  ? 177 ALA A C     1 
ATOM   1103 O  O     . ALA A 1 180 ? -2.514  7.118   5.034   1.00 23.83  ? 177 ALA A O     1 
ATOM   1104 C  CB    . ALA A 1 180 ? -3.652  5.537   2.299   1.00 22.85  ? 177 ALA A CB    1 
ATOM   1105 N  N     . LEU A 1 181 ? -1.373  7.593   3.171   1.00 21.47  ? 178 LEU A N     1 
ATOM   1106 C  CA    . LEU A 1 181 ? -0.142  7.977   3.910   1.00 23.50  ? 178 LEU A CA    1 
ATOM   1107 C  C     . LEU A 1 181 ? -0.443  9.106   4.914   1.00 23.67  ? 178 LEU A C     1 
ATOM   1108 O  O     . LEU A 1 181 ? -0.028  9.061   6.056   1.00 24.02  ? 178 LEU A O     1 
ATOM   1109 C  CB    . LEU A 1 181 ? 0.941   8.377   2.906   1.00 24.36  ? 178 LEU A CB    1 
ATOM   1110 C  CG    . LEU A 1 181 ? 2.208   8.941   3.541   1.00 25.25  ? 178 LEU A CG    1 
ATOM   1111 C  CD1   . LEU A 1 181 ? 2.910   7.913   4.424   1.00 27.56  ? 178 LEU A CD1   1 
ATOM   1112 C  CD2   . LEU A 1 181 ? 3.154   9.474   2.467   1.00 27.21  ? 178 LEU A CD2   1 
ATOM   1113 N  N     . ASN A 1 182 ? -1.202  10.117  4.497   1.00 24.20  ? 179 ASN A N     1 
ATOM   1114 C  CA    . ASN A 1 182 ? -1.528  11.277  5.353   1.00 25.06  ? 179 ASN A CA    1 
ATOM   1115 C  C     . ASN A 1 182 ? -2.360  10.884  6.580   1.00 25.09  ? 179 ASN A C     1 
ATOM   1116 O  O     . ASN A 1 182 ? -2.276  11.581  7.595   1.00 27.78  ? 179 ASN A O     1 
ATOM   1117 C  CB    . ASN A 1 182 ? -2.237  12.339  4.508   1.00 24.27  ? 179 ASN A CB    1 
ATOM   1118 C  CG    . ASN A 1 182 ? -1.249  13.094  3.660   1.00 28.08  ? 179 ASN A CG    1 
ATOM   1119 O  OD1   . ASN A 1 182 ? -0.047  12.979  3.851   1.00 27.72  ? 179 ASN A OD1   1 
ATOM   1120 N  ND2   . ASN A 1 182 ? -1.768  13.823  2.684   1.00 29.04  ? 179 ASN A ND2   1 
ATOM   1121 N  N     . ARG A 1 183 ? -3.112  9.788   6.504   1.00 23.59  ? 180 ARG A N     1 
ATOM   1122 C  CA    . ARG A 1 183 ? -3.942  9.300   7.640   1.00 24.03  ? 180 ARG A CA    1 
ATOM   1123 C  C     . ARG A 1 183 ? -3.083  8.558   8.669   1.00 25.11  ? 180 ARG A C     1 
ATOM   1124 O  O     . ARG A 1 183 ? -3.540  8.426   9.816   1.00 25.54  ? 180 ARG A O     1 
ATOM   1125 C  CB    . ARG A 1 183 ? -5.032  8.377   7.117   1.00 24.57  ? 180 ARG A CB    1 
ATOM   1126 C  CG    . ARG A 1 183 ? -6.103  9.103   6.318   1.00 25.86  ? 180 ARG A CG    1 
ATOM   1127 C  CD    . ARG A 1 183 ? -7.122  8.137   5.798   1.00 24.74  ? 180 ARG A CD    1 
ATOM   1128 N  NE    . ARG A 1 183 ? -8.043  8.740   4.845   1.00 24.87  ? 180 ARG A NE    1 
ATOM   1129 C  CZ    . ARG A 1 183 ? -8.919  8.068   4.101   1.00 24.85  ? 180 ARG A CZ    1 
ATOM   1130 N  NH1   . ARG A 1 183 ? -9.058  6.759   4.215   1.00 25.22  ? 180 ARG A NH1   1 
ATOM   1131 N  NH2   . ARG A 1 183 ? -9.682  8.711   3.229   1.00 27.79  ? 180 ARG A NH2   1 
ATOM   1132 N  N     . SER A 1 184 ? -1.911  8.084   8.257   1.00 24.06  ? 181 SER A N     1 
ATOM   1133 C  CA    . SER A 1 184 ? -0.973  7.342   9.147   1.00 27.03  ? 181 SER A CA    1 
ATOM   1134 C  C     . SER A 1 184 ? -0.348  8.284   10.177  1.00 27.79  ? 181 SER A C     1 
ATOM   1135 O  O     . SER A 1 184 ? -0.460  9.535   10.033  1.00 29.28  ? 181 SER A O     1 
ATOM   1136 C  CB    . SER A 1 184 ? 0.089   6.627   8.348   1.00 28.12  ? 181 SER A CB    1 
ATOM   1137 O  OG    . SER A 1 184 ? 1.153   7.526   8.069   1.00 25.84  ? 181 SER A OG    1 
ATOM   1138 N  N     . ALA A 1 185 ? 0.361   7.705   11.153  1.00 26.86  ? 182 ALA A N     1 
ATOM   1139 C  CA    . ALA A 1 185 ? 1.037   8.415   12.262  1.00 29.26  ? 182 ALA A CA    1 
ATOM   1140 C  C     . ALA A 1 185 ? 2.461   8.843   11.852  1.00 30.00  ? 182 ALA A C     1 
ATOM   1141 O  O     . ALA A 1 185 ? 3.265   9.244   12.752  1.00 30.38  ? 182 ALA A O     1 
ATOM   1142 C  CB    . ALA A 1 185 ? 1.004   7.511   13.469  1.00 30.78  ? 182 ALA A CB    1 
ATOM   1143 N  N     . ILE A 1 186 ? 2.777   8.837   10.553  1.00 28.26  ? 183 ILE A N     1 
ATOM   1144 C  CA    . ILE A 1 186 ? 4.114   9.257   10.037  1.00 27.93  ? 183 ILE A CA    1 
ATOM   1145 C  C     . ILE A 1 186 ? 4.373   10.689  10.503  1.00 30.53  ? 183 ILE A C     1 
ATOM   1146 O  O     . ILE A 1 186 ? 3.422   11.488  10.548  1.00 31.43  ? 183 ILE A O     1 
ATOM   1147 C  CB    . ILE A 1 186 ? 4.268   9.088   8.512   1.00 27.37  ? 183 ILE A CB    1 
ATOM   1148 C  CG1   . ILE A 1 186 ? 5.727   9.294   8.096   1.00 28.71  ? 183 ILE A CG1   1 
ATOM   1149 C  CG2   . ILE A 1 186 ? 3.302   9.983   7.718   1.00 29.12  ? 183 ILE A CG2   1 
ATOM   1150 C  CD1   . ILE A 1 186 ? 6.049   8.778   6.716   1.00 27.70  ? 183 ILE A CD1   1 
ATOM   1151 N  N     . ILE A 1 187 ? 5.600   10.969  10.909  1.00 30.20  ? 184 ILE A N     1 
ATOM   1152 C  CA    . ILE A 1 187 ? 6.022   12.341  11.321  1.00 33.26  ? 184 ILE A CA    1 
ATOM   1153 C  C     . ILE A 1 187 ? 6.198   13.182  10.060  1.00 35.65  ? 184 ILE A C     1 
ATOM   1154 O  O     . ILE A 1 187 ? 7.027   12.805  9.220   1.00 33.82  ? 184 ILE A O     1 
ATOM   1155 C  CB    . ILE A 1 187 ? 7.306   12.258  12.151  1.00 36.53  ? 184 ILE A CB    1 
ATOM   1156 C  CG1   . ILE A 1 187 ? 7.022   11.609  13.507  1.00 39.10  ? 184 ILE A CG1   1 
ATOM   1157 C  CG2   . ILE A 1 187 ? 7.932   13.641  12.290  1.00 38.07  ? 184 ILE A CG2   1 
ATOM   1158 C  CD1   . ILE A 1 187 ? 8.207   10.912  14.107  1.00 41.53  ? 184 ILE A CD1   1 
ATOM   1159 N  N     . LYS A 1 188 ? 5.441   14.277  9.925   1.00 33.63  ? 185 LYS A N     1 
ATOM   1160 C  CA    . LYS A 1 188 ? 5.409   15.060  8.661   1.00 37.85  ? 185 LYS A CA    1 
ATOM   1161 C  C     . LYS A 1 188 ? 6.383   16.245  8.711   1.00 47.67  ? 185 LYS A C     1 
ATOM   1162 O  O     . LYS A 1 188 ? 6.525   16.899  7.668   1.00 51.09  ? 185 LYS A O     1 
ATOM   1163 C  CB    . LYS A 1 188 ? 3.981   15.516  8.374   1.00 36.89  ? 185 LYS A CB    1 
ATOM   1164 C  CG    . LYS A 1 188 ? 2.984   14.377  8.309   1.00 34.99  ? 185 LYS A CG    1 
ATOM   1165 C  CD    . LYS A 1 188 ? 1.603   14.789  7.914   1.00 36.88  ? 185 LYS A CD    1 
ATOM   1166 C  CE    . LYS A 1 188 ? 0.744   13.598  7.557   1.00 37.20  ? 185 LYS A CE    1 
ATOM   1167 N  NZ    . LYS A 1 188 ? -0.493  13.602  8.355   1.00 38.99  ? 185 LYS A NZ    1 
ATOM   1168 N  N     . ASP A 1 189 ? 7.034   16.496  9.851   1.00 58.18  ? 186 ASP A N     1 
ATOM   1169 C  CA    . ASP A 1 189 ? 8.129   17.499  9.985   1.00 67.90  ? 186 ASP A CA    1 
ATOM   1170 C  C     . ASP A 1 189 ? 8.870   17.643  8.649   1.00 72.03  ? 186 ASP A C     1 
ATOM   1171 O  O     . ASP A 1 189 ? 9.585   16.717  8.249   1.00 77.45  ? 186 ASP A O     1 
ATOM   1172 C  CB    . ASP A 1 189 ? 9.148   17.088  11.049  1.00 73.94  ? 186 ASP A CB    1 
ATOM   1173 C  CG    . ASP A 1 189 ? 8.664   17.234  12.480  1.00 79.97  ? 186 ASP A CG    1 
ATOM   1174 O  OD1   . ASP A 1 189 ? 7.486   17.602  12.671  1.00 83.73  ? 186 ASP A OD1   1 
ATOM   1175 O  OD2   . ASP A 1 189 ? 9.474   16.975  13.393  1.00 85.70  ? 186 ASP A OD2   1 
HETATM 1176 P  PG    . ANP B 2 .   ? 0.659   -5.276  -10.767 1.00 92.61  ? 201 ANP A PG    1 
HETATM 1177 O  O1G   . ANP B 2 .   ? 0.711   -4.563  -12.063 1.00 92.41  ? 201 ANP A O1G   1 
HETATM 1178 O  O2G   . ANP B 2 .   ? -0.848  -5.684  -10.392 1.00 91.89  ? 201 ANP A O2G   1 
HETATM 1179 O  O3G   . ANP B 2 .   ? 1.493   -6.602  -10.807 1.00 93.86  ? 201 ANP A O3G   1 
HETATM 1180 P  PB    . ANP B 2 .   ? 1.818   -2.802  -9.670  1.00 47.53  ? 201 ANP A PB    1 
HETATM 1181 O  O1B   . ANP B 2 .   ? 2.122   -2.419  -11.051 1.00 52.90  ? 201 ANP A O1B   1 
HETATM 1182 O  O2B   . ANP B 2 .   ? 3.093   -2.576  -8.825  1.00 47.44  ? 201 ANP A O2B   1 
HETATM 1183 N  N3B   . ANP B 2 .   ? 1.202   -4.303  -9.559  1.00 67.82  ? 201 ANP A N3B   1 
HETATM 1184 P  PA    . ANP B 2 .   ? -0.020  -0.546  -9.768  1.00 41.22  ? 201 ANP A PA    1 
HETATM 1185 O  O1A   . ANP B 2 .   ? -0.789  0.122   -8.604  1.00 41.42  ? 201 ANP A O1A   1 
HETATM 1186 O  O2A   . ANP B 2 .   ? 0.940   0.267   -10.532 1.00 46.26  ? 201 ANP A O2A   1 
HETATM 1187 O  O3A   . ANP B 2 .   ? 0.713   -1.803  -9.120  1.00 45.16  ? 201 ANP A O3A   1 
HETATM 1188 O  "O5'" . ANP B 2 .   ? -1.139  -1.164  -10.702 1.00 42.43  ? 201 ANP A "O5'" 1 
HETATM 1189 C  "C5'" . ANP B 2 .   ? -1.870  -2.355  -10.346 1.00 51.68  ? 201 ANP A "C5'" 1 
HETATM 1190 C  "C4'" . ANP B 2 .   ? -3.199  -2.386  -11.056 1.00 57.57  ? 201 ANP A "C4'" 1 
HETATM 1191 O  "O4'" . ANP B 2 .   ? -3.934  -1.179  -10.750 1.00 60.26  ? 201 ANP A "O4'" 1 
HETATM 1192 C  "C3'" . ANP B 2 .   ? -3.123  -2.453  -12.577 1.00 61.03  ? 201 ANP A "C3'" 1 
HETATM 1193 O  "O3'" . ANP B 2 .   ? -4.231  -3.197  -13.077 1.00 63.77  ? 201 ANP A "O3'" 1 
HETATM 1194 C  "C2'" . ANP B 2 .   ? -3.159  -0.975  -12.973 1.00 64.42  ? 201 ANP A "C2'" 1 
HETATM 1195 O  "O2'" . ANP B 2 .   ? -3.662  -0.740  -14.287 1.00 69.32  ? 201 ANP A "O2'" 1 
HETATM 1196 C  "C1'" . ANP B 2 .   ? -4.137  -0.424  -11.932 1.00 62.78  ? 201 ANP A "C1'" 1 
HETATM 1197 N  N9    . ANP B 2 .   ? -3.941  0.982   -11.606 1.00 60.72  ? 201 ANP A N9    1 
HETATM 1198 C  C8    . ANP B 2 .   ? -2.966  1.821   -12.080 1.00 58.76  ? 201 ANP A C8    1 
HETATM 1199 N  N7    . ANP B 2 .   ? -3.040  3.045   -11.618 1.00 58.47  ? 201 ANP A N7    1 
HETATM 1200 C  C5    . ANP B 2 .   ? -4.146  3.012   -10.781 1.00 56.03  ? 201 ANP A C5    1 
HETATM 1201 C  C6    . ANP B 2 .   ? -4.784  4.000   -10.013 1.00 55.02  ? 201 ANP A C6    1 
HETATM 1202 N  N6    . ANP B 2 .   ? -4.338  5.261   -9.970  1.00 52.83  ? 201 ANP A N6    1 
HETATM 1203 N  N1    . ANP B 2 .   ? -5.888  3.647   -9.316  1.00 53.20  ? 201 ANP A N1    1 
HETATM 1204 C  C2    . ANP B 2 .   ? -6.312  2.381   -9.380  1.00 55.89  ? 201 ANP A C2    1 
HETATM 1205 N  N3    . ANP B 2 .   ? -5.791  1.359   -10.065 1.00 57.88  ? 201 ANP A N3    1 
HETATM 1206 C  C4    . ANP B 2 .   ? -4.708  1.744   -10.758 1.00 60.52  ? 201 ANP A C4    1 
HETATM 1207 P  PG    . ANP C 2 .   ? 1.361   9.322   -19.643 1.00 120.48 ? 202 ANP A PG    1 
HETATM 1208 O  O1G   . ANP C 2 .   ? 2.798   9.468   -19.911 1.00 120.18 ? 202 ANP A O1G   1 
HETATM 1209 O  O2G   . ANP C 2 .   ? 0.873   10.412  -18.592 1.00 118.66 ? 202 ANP A O2G   1 
HETATM 1210 O  O3G   . ANP C 2 .   ? 0.495   9.505   -20.933 1.00 113.92 ? 202 ANP A O3G   1 
HETATM 1211 P  PB    . ANP C 2 .   ? 0.634   7.526   -17.400 1.00 115.33 ? 202 ANP A PB    1 
HETATM 1212 O  O1B   . ANP C 2 .   ? 1.300   8.397   -16.427 1.00 110.13 ? 202 ANP A O1B   1 
HETATM 1213 O  O2B   . ANP C 2 .   ? 0.912   6.030   -17.034 1.00 113.90 ? 202 ANP A O2B   1 
HETATM 1214 N  N3B   . ANP C 2 .   ? 1.056   7.874   -18.945 1.00 118.66 ? 202 ANP A N3B   1 
HETATM 1215 P  PA    . ANP C 2 .   ? -2.242  6.854   -17.208 1.00 99.46  ? 202 ANP A PA    1 
HETATM 1216 O  O1A   . ANP C 2 .   ? -3.048  7.126   -18.483 1.00 98.48  ? 202 ANP A O1A   1 
HETATM 1217 O  O2A   . ANP C 2 .   ? -1.915  5.430   -16.947 1.00 96.78  ? 202 ANP A O2A   1 
HETATM 1218 O  O3A   . ANP C 2 .   ? -0.945  7.778   -17.262 1.00 105.40 ? 202 ANP A O3A   1 
HETATM 1219 O  "O5'" . ANP C 2 .   ? -3.055  7.408   -15.966 1.00 91.32  ? 202 ANP A "O5'" 1 
HETATM 1220 C  "C5'" . ANP C 2 .   ? -3.767  8.660   -15.887 1.00 81.94  ? 202 ANP A "C5'" 1 
HETATM 1221 C  "C4'" . ANP C 2 .   ? -4.234  8.858   -14.464 1.00 78.45  ? 202 ANP A "C4'" 1 
HETATM 1222 O  "O4'" . ANP C 2 .   ? -5.266  7.893   -14.149 1.00 74.21  ? 202 ANP A "O4'" 1 
HETATM 1223 C  "C3'" . ANP C 2 .   ? -3.161  8.689   -13.385 1.00 73.79  ? 202 ANP A "C3'" 1 
HETATM 1224 O  "O3'" . ANP C 2 .   ? -3.398  9.567   -12.288 1.00 71.64  ? 202 ANP A "O3'" 1 
HETATM 1225 C  "C2'" . ANP C 2 .   ? -3.307  7.211   -12.999 1.00 71.12  ? 202 ANP A "C2'" 1 
HETATM 1226 O  "O2'" . ANP C 2 .   ? -2.880  6.908   -11.673 1.00 68.12  ? 202 ANP A "O2'" 1 
HETATM 1227 C  "C1'" . ANP C 2 .   ? -4.823  7.014   -13.128 1.00 68.19  ? 202 ANP A "C1'" 1 
HETATM 1228 N  N9    . ANP C 2 .   ? -5.221  5.656   -13.488 1.00 60.99  ? 202 ANP A N9    1 
HETATM 1229 C  C8    . ANP C 2 .   ? -4.593  4.820   -14.375 1.00 57.86  ? 202 ANP A C8    1 
HETATM 1230 N  N7    . ANP C 2 .   ? -5.152  3.639   -14.484 1.00 56.31  ? 202 ANP A N7    1 
HETATM 1231 C  C5    . ANP C 2 .   ? -6.222  3.699   -13.605 1.00 54.41  ? 202 ANP A C5    1 
HETATM 1232 C  C6    . ANP C 2 .   ? -7.196  2.754   -13.226 1.00 54.44  ? 202 ANP A C6    1 
HETATM 1233 N  N6    . ANP C 2 .   ? -7.198  1.509   -13.708 1.00 53.79  ? 202 ANP A N6    1 
HETATM 1234 N  N1    . ANP C 2 .   ? -8.126  3.126   -12.320 1.00 57.92  ? 202 ANP A N1    1 
HETATM 1235 C  C2    . ANP C 2 .   ? -8.075  4.369   -11.828 1.00 60.66  ? 202 ANP A C2    1 
HETATM 1236 N  N3    . ANP C 2 .   ? -7.193  5.344   -12.096 1.00 60.42  ? 202 ANP A N3    1 
HETATM 1237 C  C4    . ANP C 2 .   ? -6.284  4.942   -12.991 1.00 57.97  ? 202 ANP A C4    1 
HETATM 1238 P  PG    . ANP D 2 .   ? -7.765  15.940  13.748  0.50 66.73  ? 203 ANP A PG    1 
HETATM 1239 O  O1G   . ANP D 2 .   ? -7.577  16.476  15.097  0.50 65.25  ? 203 ANP A O1G   1 
HETATM 1240 O  O2G   . ANP D 2 .   ? -8.386  14.478  13.781  0.50 65.33  ? 203 ANP A O2G   1 
HETATM 1241 O  O3G   . ANP D 2 .   ? -8.741  16.811  12.896  0.50 64.22  ? 203 ANP A O3G   1 
HETATM 1242 P  PB    . ANP D 2 .   ? -6.021  15.619  11.387  0.50 67.10  ? 203 ANP A PB    1 
HETATM 1243 O  O1B   . ANP D 2 .   ? -4.975  16.516  10.886  0.50 65.84  ? 203 ANP A O1B   1 
HETATM 1244 O  O2B   . ANP D 2 .   ? -7.307  15.803  10.519  0.50 68.90  ? 203 ANP A O2B   1 
HETATM 1245 N  N3B   . ANP D 2 .   ? -6.331  15.808  12.979  0.50 65.50  ? 203 ANP A N3B   1 
HETATM 1246 P  PA    . ANP D 2 .   ? -6.296  12.769  10.729  0.50 58.31  ? 203 ANP A PA    1 
HETATM 1247 O  O1A   . ANP D 2 .   ? -5.238  11.732  10.337  0.50 56.81  ? 203 ANP A O1A   1 
HETATM 1248 O  O2A   . ANP D 2 .   ? -7.240  12.306  11.783  0.50 56.18  ? 203 ANP A O2A   1 
HETATM 1249 O  O3A   . ANP D 2 .   ? -5.535  14.106  11.147  0.50 59.00  ? 203 ANP A O3A   1 
HETATM 1250 O  "O5'" . ANP D 2 .   ? -7.146  13.130  9.408   0.50 49.33  ? 203 ANP A "O5'" 1 
HETATM 1251 C  "C5'" . ANP D 2 .   ? -6.859  14.186  8.467   0.50 46.60  ? 203 ANP A "C5'" 1 
HETATM 1252 C  "C4'" . ANP D 2 .   ? -8.141  14.548  7.765   0.50 42.57  ? 203 ANP A "C4'" 1 
HETATM 1253 O  "O4'" . ANP D 2 .   ? -8.699  13.368  7.147   0.50 40.89  ? 203 ANP A "O4'" 1 
HETATM 1254 C  "C3'" . ANP D 2 .   ? -9.253  15.089  8.656   0.50 41.87  ? 203 ANP A "C3'" 1 
HETATM 1255 O  "O3'" . ANP D 2 .   ? -10.150 15.896  7.897   0.50 38.81  ? 203 ANP A "O3'" 1 
HETATM 1256 C  "C2'" . ANP D 2 .   ? -9.955  13.811  9.109   0.50 40.06  ? 203 ANP A "C2'" 1 
HETATM 1257 O  "O2'" . ANP D 2 .   ? -11.309 14.067  9.471   0.50 39.78  ? 203 ANP A "O2'" 1 
HETATM 1258 C  "C1'" . ANP D 2 .   ? -9.867  12.959  7.837   0.50 38.70  ? 203 ANP A "C1'" 1 
HETATM 1259 N  N9    . ANP D 2 .   ? -9.754  11.527  8.091   0.50 36.62  ? 203 ANP A N9    1 
HETATM 1260 C  C8    . ANP D 2 .   ? -9.029  10.919  9.084   0.50 36.78  ? 203 ANP A C8    1 
HETATM 1261 N  N7    . ANP D 2 .   ? -9.089  9.610   9.063   0.50 34.02  ? 203 ANP A N7    1 
HETATM 1262 C  C5    . ANP D 2 .   ? -9.914  9.335   7.980   0.50 34.53  ? 203 ANP A C5    1 
HETATM 1263 C  C6    . ANP D 2 .   ? -10.390 8.132   7.421   0.50 32.66  ? 203 ANP A C6    1 
HETATM 1264 N  N6    . ANP D 2 .   ? -10.091 6.935   7.949   0.50 32.02  ? 203 ANP A N6    1 
HETATM 1265 N  N1    . ANP D 2 .   ? -11.202 8.207   6.343   0.50 31.07  ? 203 ANP A N1    1 
HETATM 1266 C  C2    . ANP D 2 .   ? -11.513 9.414   5.862   0.50 32.45  ? 203 ANP A C2    1 
HETATM 1267 N  N3    . ANP D 2 .   ? -11.129 10.611  6.303   0.50 32.63  ? 203 ANP A N3    1 
HETATM 1268 C  C4    . ANP D 2 .   ? -10.329 10.507  7.372   0.50 34.85  ? 203 ANP A C4    1 
HETATM 1269 MG MG    . MG  E 3 .   ? -2.435  -5.455  -8.083  1.00 71.72  ? 204 MG  A MG    1 
HETATM 1270 MG MG    . MG  F 3 .   ? -1.991  -9.488  -5.983  1.00 68.38  ? 205 MG  A MG    1 
HETATM 1271 CL CL    . CL  G 4 .   ? -3.632  -2.798  -6.682  1.00 41.25  ? 206 CL  A CL    1 
HETATM 1272 O  O     . HOH H 5 .   ? -16.414 0.378   -11.110 1.00 55.92  ? 301 HOH A O     1 
HETATM 1273 O  O     . HOH H 5 .   ? -4.781  13.927  2.574   1.00 35.11  ? 302 HOH A O     1 
HETATM 1274 O  O     . HOH H 5 .   ? -4.989  7.409   -9.129  1.00 42.00  ? 303 HOH A O     1 
HETATM 1275 O  O     . HOH H 5 .   ? -0.999  3.998   -12.576 1.00 50.86  ? 304 HOH A O     1 
HETATM 1276 O  O     . HOH H 5 .   ? -7.301  -4.351  12.250  1.00 52.50  ? 305 HOH A O     1 
HETATM 1277 O  O     . HOH H 5 .   ? 3.392   10.291  15.025  1.00 42.58  ? 306 HOH A O     1 
HETATM 1278 O  O     . HOH H 5 .   ? -19.473 -8.662  -5.048  1.00 50.88  ? 307 HOH A O     1 
HETATM 1279 O  O     . HOH H 5 .   ? -0.510  -11.691 -5.344  1.00 59.45  ? 308 HOH A O     1 
HETATM 1280 O  O     . HOH H 5 .   ? -16.340 -4.418  2.345   1.00 34.86  ? 309 HOH A O     1 
HETATM 1281 O  O     . HOH H 5 .   ? -13.646 6.078   -11.179 1.00 57.29  ? 310 HOH A O     1 
HETATM 1282 O  O     . HOH H 5 .   ? -2.676  11.770  10.510  1.00 42.61  ? 311 HOH A O     1 
HETATM 1283 O  O     . HOH H 5 .   ? -8.068  7.487   10.094  1.00 54.95  ? 312 HOH A O     1 
HETATM 1284 O  O     . HOH H 5 .   ? 3.918   12.516  -16.411 1.00 40.72  ? 313 HOH A O     1 
HETATM 1285 O  O     . HOH H 5 .   ? -4.136  -10.237 -5.144  1.00 46.79  ? 314 HOH A O     1 
HETATM 1286 O  O     . HOH H 5 .   ? 4.834   5.055   -17.455 1.00 68.78  ? 315 HOH A O     1 
HETATM 1287 O  O     . HOH H 5 .   ? -13.704 5.638   0.804   1.00 41.79  ? 316 HOH A O     1 
HETATM 1288 O  O     . HOH H 5 .   ? -24.849 -6.274  -7.348  1.00 57.80  ? 317 HOH A O     1 
HETATM 1289 O  O     . HOH H 5 .   ? 0.814   11.776  10.488  1.00 34.85  ? 318 HOH A O     1 
HETATM 1290 O  O     . HOH H 5 .   ? -5.609  12.566  4.960   1.00 52.40  ? 319 HOH A O     1 
HETATM 1291 O  O     . HOH H 5 .   ? 9.241   18.274  -4.058  1.00 36.56  ? 320 HOH A O     1 
HETATM 1292 O  O     . HOH H 5 .   ? 13.172  -14.547 3.203   1.00 41.18  ? 321 HOH A O     1 
HETATM 1293 O  O     . HOH H 5 .   ? -5.909  9.163   10.693  1.00 49.75  ? 322 HOH A O     1 
HETATM 1294 O  O     . HOH H 5 .   ? 1.406   -15.298 -0.423  1.00 44.30  ? 323 HOH A O     1 
HETATM 1295 O  O     . HOH H 5 .   ? -9.386  9.348   -5.970  1.00 41.53  ? 324 HOH A O     1 
HETATM 1296 O  O     . HOH H 5 .   ? -2.319  5.921   12.982  1.00 43.75  ? 325 HOH A O     1 
HETATM 1297 O  O     . HOH H 5 .   ? 9.159   11.758  8.065   1.00 33.51  ? 326 HOH A O     1 
HETATM 1298 O  O     . HOH H 5 .   ? -10.395 -3.924  9.874   1.00 42.00  ? 327 HOH A O     1 
HETATM 1299 O  O     . HOH H 5 .   ? -6.563  13.672  -0.620  1.00 42.11  ? 328 HOH A O     1 
HETATM 1300 O  O     . HOH H 5 .   ? 0.987   2.903   -10.304 1.00 37.23  ? 329 HOH A O     1 
HETATM 1301 O  O     . HOH H 5 .   ? -15.010 -13.447 -0.707  1.00 49.41  ? 330 HOH A O     1 
HETATM 1302 O  O     . HOH H 5 .   ? 16.341  -6.964  4.287   1.00 41.48  ? 331 HOH A O     1 
HETATM 1303 O  O     . HOH H 5 .   ? 9.794   14.699  6.061   1.00 47.32  ? 332 HOH A O     1 
HETATM 1304 O  O     . HOH H 5 .   ? 9.552   -2.417  -10.383 1.00 37.16  ? 333 HOH A O     1 
HETATM 1305 O  O     . HOH H 5 .   ? -16.567 1.350   -4.130  1.00 38.00  ? 334 HOH A O     1 
HETATM 1306 O  O     . HOH H 5 .   ? 7.643   8.070   -7.641  1.00 30.05  ? 335 HOH A O     1 
HETATM 1307 O  O     . HOH H 5 .   ? 16.071  -7.460  -1.628  1.00 56.12  ? 336 HOH A O     1 
HETATM 1308 O  O     . HOH H 5 .   ? 2.852   14.032  -11.287 1.00 38.54  ? 337 HOH A O     1 
HETATM 1309 O  O     . HOH H 5 .   ? -17.096 -2.603  0.544   0.50 40.28  ? 338 HOH A O     1 
HETATM 1310 O  O     . HOH H 5 .   ? 4.236   1.310   3.136   1.00 27.46  ? 339 HOH A O     1 
HETATM 1311 O  O     . HOH H 5 .   ? 0.858   17.283  4.484   1.00 46.01  ? 340 HOH A O     1 
HETATM 1312 O  O     . HOH H 5 .   ? 9.827   9.897   -7.930  1.00 45.19  ? 341 HOH A O     1 
HETATM 1313 O  O     . HOH H 5 .   ? 3.372   -8.811  6.030   1.00 38.91  ? 342 HOH A O     1 
HETATM 1314 O  O     . HOH H 5 .   ? -10.957 14.211  14.718  1.00 41.76  ? 343 HOH A O     1 
HETATM 1315 O  O     . HOH H 5 .   ? -10.087 2.206   -10.596 1.00 42.73  ? 344 HOH A O     1 
HETATM 1316 O  O     . HOH H 5 .   ? -11.322 -6.464  7.583   1.00 34.55  ? 345 HOH A O     1 
HETATM 1317 O  O     . HOH H 5 .   ? -4.025  13.015  -1.424  1.00 30.62  ? 346 HOH A O     1 
HETATM 1318 O  O     . HOH H 5 .   ? -9.806  -1.901  -10.674 1.00 47.04  ? 347 HOH A O     1 
HETATM 1319 O  O     . HOH H 5 .   ? -0.815  -4.926  -6.681  1.00 46.34  ? 348 HOH A O     1 
HETATM 1320 O  O     . HOH H 5 .   ? 1.257   -2.665  -5.814  1.00 43.17  ? 349 HOH A O     1 
HETATM 1321 O  O     . HOH H 5 .   ? 7.290   16.742  -0.586  1.00 40.59  ? 350 HOH A O     1 
HETATM 1322 O  O     . HOH H 5 .   ? 0.271   4.533   15.234  1.00 46.12  ? 351 HOH A O     1 
HETATM 1323 O  O     . HOH H 5 .   ? -3.468  -7.546  -7.011  1.00 48.42  ? 352 HOH A O     1 
HETATM 1324 O  O     . HOH H 5 .   ? -12.449 5.990   5.131   0.50 26.63  ? 353 HOH A O     1 
HETATM 1325 O  O     . HOH H 5 .   ? 3.267   2.048   12.616  1.00 35.89  ? 354 HOH A O     1 
HETATM 1326 O  O     . HOH H 5 .   ? -11.363 -2.111  6.036   1.00 38.55  ? 355 HOH A O     1 
HETATM 1327 O  O     . HOH H 5 .   ? 11.572  -5.949  15.448  1.00 55.62  ? 356 HOH A O     1 
HETATM 1328 O  O     . HOH H 5 .   ? 5.384   18.398  5.546   1.00 47.70  ? 357 HOH A O     1 
HETATM 1329 O  O     . HOH H 5 .   ? -12.690 -12.366 0.290   1.00 36.80  ? 358 HOH A O     1 
HETATM 1330 O  O     . HOH H 5 .   ? 11.229  -11.695 -7.849  1.00 42.85  ? 359 HOH A O     1 
HETATM 1331 O  O     . HOH H 5 .   ? -3.776  0.184   -7.818  1.00 35.04  ? 360 HOH A O     1 
HETATM 1332 O  O     . HOH H 5 .   ? 5.570   2.473   13.872  1.00 36.87  ? 361 HOH A O     1 
HETATM 1333 O  O     . HOH H 5 .   ? 15.351  7.787   1.648   1.00 43.27  ? 362 HOH A O     1 
HETATM 1334 O  O     . HOH H 5 .   ? 4.611   12.643  -12.968 1.00 43.41  ? 363 HOH A O     1 
HETATM 1335 O  O     . HOH H 5 .   ? 8.151   -16.189 0.527   1.00 29.10  ? 364 HOH A O     1 
HETATM 1336 O  O     . HOH H 5 .   ? -5.595  -14.822 7.866   1.00 45.60  ? 365 HOH A O     1 
HETATM 1337 O  O     . HOH H 5 .   ? -25.391 -2.665  -7.590  1.00 55.64  ? 366 HOH A O     1 
HETATM 1338 O  O     . HOH H 5 .   ? 5.407   17.078  -2.602  1.00 34.18  ? 367 HOH A O     1 
HETATM 1339 O  O     . HOH H 5 .   ? 10.639  12.161  -5.743  1.00 51.91  ? 368 HOH A O     1 
HETATM 1340 O  O     . HOH H 5 .   ? -7.598  1.856   14.088  1.00 35.82  ? 369 HOH A O     1 
HETATM 1341 O  O     . HOH H 5 .   ? 8.753   4.307   -14.869 1.00 56.96  ? 370 HOH A O     1 
HETATM 1342 O  O     . HOH H 5 .   ? 11.320  12.354  -3.009  1.00 44.38  ? 371 HOH A O     1 
HETATM 1343 O  O     . HOH H 5 .   ? 15.809  -2.594  -3.449  1.00 45.23  ? 372 HOH A O     1 
HETATM 1344 O  O     . HOH H 5 .   ? -10.551 8.527   -1.756  1.00 56.38  ? 373 HOH A O     1 
HETATM 1345 O  O     . HOH H 5 .   ? 17.209  -11.225 5.347   1.00 46.75  ? 374 HOH A O     1 
HETATM 1346 O  O     . HOH H 5 .   ? -9.114  -0.296  5.856   1.00 31.75  ? 375 HOH A O     1 
HETATM 1347 O  O     . HOH H 5 .   ? 15.917  1.894   2.815   1.00 45.10  ? 376 HOH A O     1 
HETATM 1348 O  O     . HOH H 5 .   ? -16.857 -10.420 -6.146  1.00 40.15  ? 377 HOH A O     1 
HETATM 1349 O  O     . HOH H 5 .   ? -0.889  -7.768  12.734  1.00 39.19  ? 378 HOH A O     1 
HETATM 1350 O  O     . HOH H 5 .   ? -13.993 -10.297 8.955   1.00 45.49  ? 379 HOH A O     1 
HETATM 1351 O  O     . HOH H 5 .   ? -12.091 -11.901 10.471  1.00 50.44  ? 380 HOH A O     1 
HETATM 1352 O  O     . HOH H 5 .   ? 0.681   -8.960  -6.158  1.00 63.14  ? 381 HOH A O     1 
HETATM 1353 O  O     . HOH H 5 .   ? -17.528 -5.561  -11.144 1.00 60.24  ? 382 HOH A O     1 
HETATM 1354 O  O     . HOH H 5 .   ? -3.826  -5.918  -10.960 1.00 61.72  ? 383 HOH A O     1 
HETATM 1355 O  O     . HOH H 5 .   ? 3.081   -8.952  8.670   1.00 31.23  ? 384 HOH A O     1 
HETATM 1356 O  O     . HOH H 5 .   ? -12.288 8.366   1.666   1.00 43.13  ? 385 HOH A O     1 
HETATM 1357 O  O     . HOH H 5 .   ? 16.124  -13.306 3.404   1.00 37.88  ? 386 HOH A O     1 
HETATM 1358 O  O     . HOH H 5 .   ? 3.436   14.717  12.222  1.00 43.28  ? 387 HOH A O     1 
HETATM 1359 O  O     . HOH H 5 .   ? -2.516  8.626   12.727  1.00 47.91  ? 388 HOH A O     1 
HETATM 1360 O  O     . HOH H 5 .   ? -0.667  16.144  0.951   1.00 30.97  ? 389 HOH A O     1 
HETATM 1361 O  O     . HOH H 5 .   ? -11.829 -10.946 -12.196 1.00 54.63  ? 390 HOH A O     1 
HETATM 1362 O  O     . HOH H 5 .   ? 15.351  -1.961  1.935   1.00 60.48  ? 391 HOH A O     1 
HETATM 1363 O  O     . HOH H 5 .   ? -6.448  -16.533 3.558   1.00 47.42  ? 392 HOH A O     1 
HETATM 1364 O  O     . HOH H 5 .   ? 3.811   -12.592 -5.550  1.00 44.42  ? 393 HOH A O     1 
HETATM 1365 O  O     . HOH H 5 .   ? -7.876  10.781  -3.305  1.00 56.23  ? 394 HOH A O     1 
HETATM 1366 O  O     . HOH H 5 .   ? 14.037  11.024  -1.932  1.00 51.66  ? 395 HOH A O     1 
HETATM 1367 O  O     . HOH H 5 .   ? -21.928 -2.539  -10.278 1.00 59.41  ? 396 HOH A O     1 
HETATM 1368 O  O     . HOH H 5 .   ? 10.469  -15.793 -1.440  1.00 28.91  ? 397 HOH A O     1 
HETATM 1369 O  O     . HOH H 5 .   ? 1.418   2.532   17.192  1.00 54.62  ? 398 HOH A O     1 
HETATM 1370 O  O     . HOH H 5 .   ? 17.260  -15.075 -9.781  1.00 53.29  ? 399 HOH A O     1 
HETATM 1371 O  O     . HOH H 5 .   ? -6.510  -2.099  13.208  1.00 44.42  ? 400 HOH A O     1 
HETATM 1372 O  O     . HOH H 5 .   ? -5.225  -2.611  15.135  1.00 52.74  ? 401 HOH A O     1 
HETATM 1373 O  O     . HOH H 5 .   ? -24.024 -3.995  -9.499  1.00 62.85  ? 402 HOH A O     1 
HETATM 1374 O  O     . HOH H 5 .   ? 3.942   -15.200 -3.635  1.00 54.96  ? 403 HOH A O     1 
HETATM 1375 O  O     . HOH H 5 .   ? -5.683  5.895   12.490  1.00 49.27  ? 404 HOH A O     1 
HETATM 1376 O  O     . HOH H 5 .   ? 8.174   9.631   -12.685 1.00 41.52  ? 405 HOH A O     1 
HETATM 1377 O  O     . HOH H 5 .   ? 16.965  -2.596  3.873   1.00 55.62  ? 406 HOH A O     1 
HETATM 1378 O  O     . HOH H 5 .   ? -15.701 -7.128  -13.127 1.00 51.50  ? 407 HOH A O     1 
HETATM 1379 O  O     . HOH H 5 .   ? -20.044 4.797   -7.514  1.00 44.74  ? 408 HOH A O     1 
HETATM 1380 O  O     . HOH H 5 .   ? -1.125  18.073  2.723   1.00 43.71  ? 409 HOH A O     1 
HETATM 1381 O  O     . HOH H 5 .   ? -10.216 2.832   13.989  1.00 44.40  ? 410 HOH A O     1 
HETATM 1382 O  O     . HOH H 5 .   ? 1.253   16.588  11.420  1.00 48.16  ? 411 HOH A O     1 
HETATM 1383 O  O     . HOH H 5 .   ? -15.976 -13.208 -3.786  1.00 60.10  ? 412 HOH A O     1 
# 
